data_6SWE
#
_entry.id   6SWE
#
_cell.length_a   1.00
_cell.length_b   1.00
_cell.length_c   1.00
_cell.angle_alpha   90.00
_cell.angle_beta   90.00
_cell.angle_gamma   90.00
#
_symmetry.space_group_name_H-M   'P 1'
#
loop_
_entity.id
_entity.type
_entity.pdbx_description
1 polymer '16S ribosomal RNA'
2 polymer '30S ribosomal protein S7'
3 polymer '30S ribosomal protein S9'
4 polymer '30S ribosomal protein S10'
5 polymer '30S ribosomal protein S13'
6 polymer '30S ribosomal protein S14 type Z'
7 polymer '30S ribosomal protein S17e'
8 polymer '30S ribosomal protein S19'
9 polymer '30S ribosomal protein S19e'
10 polymer '30S ribosomal protein S28e'
11 polymer '30S ribosomal protein S27ae'
12 polymer '30S ribosomal protein S3'
13 polymer '50S ribosomal protein L7Ae'
14 polymer 'initiator Met-tRNA fMet from E. coli (A1U72 variant)'
15 polymer 'Translation initiation factor 1A'
16 non-polymer 'MAGNESIUM ION'
17 non-polymer 'ZINC ION'
18 water water
#
loop_
_entity_poly.entity_id
_entity_poly.type
_entity_poly.pdbx_seq_one_letter_code
_entity_poly.pdbx_strand_id
1 'polyribonucleotide'
;GUAAGGCGGGGGAGCACUACAAGGGGUGGAGCGUGCGGUUUAAUUGGAU(B8H)(5MC)AACGCCGGGAACCUCAC
(4AC)GGGGGCGACGGCAGGAUGAAGGCCAGGCUGAAGGUCUUGCCGGACGCGCCGAGAGGAGGUGCAUGGCCGC(4AC)
GUCAGCUCGGCGUCCACUUAAGUGUGGUAACGAGCGAGACCCGCGCCCCCAGUUGCCAGUCCCUCCCGCUCGGGAGGGAG
GCACUCUGGGGGGACUGCCGGCGAUAAGC(4AC)GGAGGAAGGGGCGGGCGACGGUAGGUCAGUAUGCCC(4AC)GAAAC
CCC(4AC)GGGCUACA(5MC)GCGCGCUACAAUGGGCGGGACAAUGGGUGC(4AC)GACCC(4AC)GAAAGGGGGAGGUA
AUCCCCUAAACCCGCCCUCAGUUCGGAUCGCGGGCUGCAACUCGCCCGCGUGAAGCUGGAAUCCCUAGUACCCGCGCGUC
AUCAUCGCGCGGCGAAUACGUCCCUGCUCCUU
;
2
2 'polypeptide(L)'
;MAKPLSERFFIPHEIKVMGRWSTEDVEVRDPSLKPYINLEPRLLPHTHGRHAKKHFGKANVHIVERLINKIMRSGGSHYK
VAGHFMRREHRSLNSKKVKAYEVVKEAFKIIEKRTGKNPIQVLVWAIENAAPREDTTSVMFGGIRYHVAVDISPMRRLDV
ALRNIALGASAKCYRTKMSFAEALAEEIILAANKDPKSYAYSKKLEIERIAESSR
;
H
3 'polypeptide(L)'
;MRIIQTTGKRKTAIARAVIREGKGRVRINGKPVELVEPEIARFTILEPLILAGEEIWNSVDIDVKVQGGGFMGQAEAARI
AIARALVEWTGDMNLKEKFIKYDRTMLVGDPRRTEPHKPNRSTKGPRAKRQKSYR
;
K
4 'polypeptide(L)'
;MQKARIKLASTNVRSLEEVANQIKQIAERTGVRMSGPIPLPTKRIRIVTRKSPDGEGSATFDRWELRIHKRLIDIEADER
AMRQIMRIRVPEDVTIEIELIS
;
L
5 'polypeptide(L)'
;MADFRHIVRVAGVDLDGNKQLRWALTAIKGVGINFATMVCRVAGLDPFMKAGYLTDEQVKKIEEILQDPVAHGIPRWAVN
RPKDYETGRDLHLITAKLDMAIREDIMRLRRIRAYRGIRHELGLPVRGQRTRSNFRRGQTVGVSRKKK
;
O
6 'polypeptide(L)' MAKADYNKRKPRKFGKGARRCIRCGQYGPIIRIHGLMLCRHCFREVAPKLGFRKYE P
7 'polypeptide(L)' MGKIRQGFIKRVARELFNKYPNEFTRDFEHNKKKVEELTNVTSKKIRNRIAGYITKLVRMKEEGKIL S
8 'polypeptide(L)'
;MARKEFRYRGYTLEQLMNMSLEELAKLLPARQRRSLKRGLTPEQKKLLRKIRLAKKGKYNKPIRTHCRDMIVLPEMVGLT
IYVHNGKEFVPVEIKPEMIGHYLGEFAPTRKRVQHGAPGIGATRSSMFVAVK
;
T
9 'polypeptide(L)'
;MATVYDVPGDLLVERVAQRLKEIPEIKPPEWAPFVKTGRHKERLPEQEDWWYYRVASILRRVYLDGPVGIERLRTYYGGR
KNRGHAPERFYKAGGSIIRKALQQLEAAGFVEKVPGKGRVITPKGRSFLDKIATELKKELEEIIPELKKY
;
U
10 'polypeptide(L)' MAEDEGYPAEVIEIIGRTGTTGDVTQVKVRILEGRDKGRVIRRNVRGPVRVGDILILRETEREAREIKSRR X
11 'polypeptide(L)' MGQKWKLYIVKDGKVIRKNKFCPRCGPGVFMADHGDRWACGRCGYTEWKKK Y
12 'polypeptide(L)'
;MAIERYFIREAVKEMLIDEFLEKELRRAGYGGLDIKKTPLGTKVIIFAANPGYVIGRGGRRIRELTRILERQFGLENPQI
DVQEIKNPYLNAKVQAVRIAQALERGIHFRRAAYAAMRAIMSNGARGVEIRISGKLTGERAKSVRFYQGYLAKVGNPAET
LVSKGYAQALLKLGVIGVKVAIMPPDARLPDEIEIIEKPVEEEVSSNEAE
;
Z
13 'polypeptide(L)'
;MAKPSYVKFEVPKELAEKALQAVEIARDTGKIRKGTNETTKAVERGQAKLVIIAEDVDPEEIVAHLPPLCEEKEIPYIYV
PSKKELGAAAGIEVAAASVAIIEPGKARDLVEEIAMKVRELMK
;
3
14 'polyribonucleotide' GUCGGG(OMC)UCAUAACCCGA 4
15 'polypeptide(L)'
;MPKKERKVEGDEVIRVPLPEGNQLFGVVEQALGAGWMDVRCEDGKIRRCRIPGKLRRRVWIRVGDLVIVQPWPVQSDKRG
DIVYRYTQTQVDWLLRKGKITQEFLTGGSLLVE
;
6
#
loop_
_chem_comp.id
_chem_comp.type
_chem_comp.name
_chem_comp.formula
4AC RNA linking N(4)-ACETYLCYTIDINE-5'-MONOPHOSPHATE 'C11 H16 N3 O9 P'
5MC RNA linking 5-METHYLCYTIDINE-5'-MONOPHOSPHATE 'C10 H16 N3 O8 P'
A RNA linking ADENOSINE-5'-MONOPHOSPHATE 'C10 H14 N5 O7 P'
B8H RNA linking '[(2~{R},3~{S},4~{R},5~{S})-5-[1-methyl-2,4-bis(oxidanylidene)pyrimidin-5-yl]-3,4-bis(oxidanyl)oxolan-2-yl]methyl dihydrogen phosphate' 'C10 H15 N2 O9 P'
C RNA linking CYTIDINE-5'-MONOPHOSPHATE 'C9 H14 N3 O8 P'
G RNA linking GUANOSINE-5'-MONOPHOSPHATE 'C10 H14 N5 O8 P'
MG non-polymer 'MAGNESIUM ION' 'Mg 2'
OMC RNA linking O2'-METHYLYCYTIDINE-5'-MONOPHOSPHATE 'C10 H16 N3 O8 P'
U RNA linking URIDINE-5'-MONOPHOSPHATE 'C9 H13 N2 O9 P'
ZN non-polymer 'ZINC ION' 'Zn 2'
#
# COMPACT_ATOMS: atom_id res chain seq x y z
N1 B8H A 50 19.13 26.82 6.94
C2 B8H A 50 18.98 27.85 6.05
C4 B8H A 50 16.59 27.58 6.28
C1' B8H A 50 15.71 25.81 7.82
C2' B8H A 50 14.72 24.90 7.10
C3' B8H A 50 15.19 23.52 7.51
C4' B8H A 50 15.74 23.75 8.90
C5 B8H A 50 16.81 26.55 7.15
C5' B8H A 50 16.77 22.77 9.37
C6 B8H A 50 18.06 26.19 7.47
CN1 B8H A 50 20.49 26.42 7.27
N3 B8H A 50 17.70 28.22 5.72
O2 B8H A 50 19.95 28.39 5.57
O2' B8H A 50 13.43 25.17 7.61
O3' B8H A 50 14.15 22.55 7.53
O4 B8H A 50 15.46 27.97 5.95
O4' B8H A 50 16.34 25.06 8.82
O5' B8H A 50 18.05 23.10 8.87
OP1 B8H A 50 20.42 22.33 8.74
OP2 B8H A 50 19.59 23.90 10.65
P B8H A 50 19.35 22.75 9.71
P 5MC A 51 13.56 21.91 6.19
OP1 5MC A 51 12.61 20.83 6.59
OP2 5MC A 51 14.72 21.60 5.30
O5' 5MC A 51 12.68 23.08 5.57
C5' 5MC A 51 11.81 22.84 4.48
C4' 5MC A 51 11.89 23.96 3.47
O4' 5MC A 51 12.91 24.89 3.89
C3' 5MC A 51 12.31 23.57 2.07
O3' 5MC A 51 11.25 23.05 1.29
C2' 5MC A 51 12.86 24.89 1.52
O2' 5MC A 51 11.80 25.68 1.02
C1' 5MC A 51 13.39 25.58 2.77
N1 5MC A 51 14.87 25.63 2.82
C2 5MC A 51 15.49 26.75 2.25
O2 5MC A 51 14.79 27.61 1.72
N3 5MC A 51 16.83 26.91 2.25
C4 5MC A 51 17.61 25.98 2.81
N4 5MC A 51 18.95 26.09 2.82
C5 5MC A 51 16.98 24.80 3.42
C6 5MC A 51 15.60 24.68 3.41
CM5 5MC A 51 17.89 23.78 4.03
P 4AC A 69 26.22 -4.07 23.42
OP1 4AC A 69 27.37 -3.26 23.92
OP2 4AC A 69 26.47 -5.21 22.49
O5' 4AC A 69 25.46 -4.63 24.70
C5' 4AC A 69 25.11 -3.78 25.77
C4' 4AC A 69 24.12 -4.42 26.70
O4' 4AC A 69 22.87 -4.66 26.00
C3' 4AC A 69 24.46 -5.78 27.27
O3' 4AC A 69 25.38 -5.71 28.33
C2' 4AC A 69 23.10 -6.29 27.69
O2' 4AC A 69 22.69 -5.66 28.89
C1' 4AC A 69 22.22 -5.78 26.57
N1 4AC A 69 22.02 -6.78 25.51
C2 4AC A 69 21.12 -7.84 25.70
O2 4AC A 69 20.47 -7.97 26.73
N3 4AC A 69 20.95 -8.76 24.70
C4 4AC A 69 21.63 -8.61 23.63
N4 4AC A 69 21.43 -9.54 22.67
C5 4AC A 69 22.56 -7.54 23.38
C6 4AC A 69 22.72 -6.67 24.35
C7 4AC A 69 22.03 -9.63 21.44
O7 4AC A 69 22.85 -8.89 20.91
CM7 4AC A 69 21.50 -10.82 20.72
P 4AC A 140 15.06 23.96 -5.99
OP1 4AC A 140 13.77 24.67 -5.71
OP2 4AC A 140 15.27 23.22 -7.27
O5' 4AC A 140 16.23 25.02 -5.82
C5' 4AC A 140 16.25 26.19 -6.63
C4' 4AC A 140 17.65 26.70 -6.87
O4' 4AC A 140 18.60 25.66 -6.55
C3' 4AC A 140 17.98 27.08 -8.29
O3' 4AC A 140 17.52 28.37 -8.65
C2' 4AC A 140 19.51 27.01 -8.29
O2' 4AC A 140 20.03 28.17 -7.67
C1' 4AC A 140 19.75 25.83 -7.35
N1 4AC A 140 20.03 24.59 -8.08
C2 4AC A 140 21.29 24.35 -8.61
O2 4AC A 140 22.18 25.17 -8.45
N3 4AC A 140 21.55 23.18 -9.30
C4 4AC A 140 20.61 22.34 -9.45
N4 4AC A 140 20.85 21.18 -10.13
C5 4AC A 140 19.27 22.53 -8.93
C6 4AC A 140 19.04 23.65 -8.27
C7 4AC A 140 20.01 20.13 -10.42
O7 4AC A 140 18.83 19.97 -10.15
CM7 4AC A 140 20.74 19.08 -11.21
P 4AC A 250 -2.69 36.86 -27.12
OP1 4AC A 250 -2.74 36.67 -25.63
OP2 4AC A 250 -3.02 35.69 -27.99
O5' 4AC A 250 -3.64 38.08 -27.47
C5' 4AC A 250 -4.92 38.19 -26.87
C4' 4AC A 250 -5.71 39.35 -27.44
O4' 4AC A 250 -5.04 39.90 -28.60
C3' 4AC A 250 -7.08 39.00 -27.95
O3' 4AC A 250 -8.03 38.81 -26.92
C2' 4AC A 250 -7.38 40.17 -28.87
O2' 4AC A 250 -7.70 41.32 -28.12
C1' 4AC A 250 -6.00 40.40 -29.50
N1 4AC A 250 -5.86 39.70 -30.80
C2 4AC A 250 -6.44 40.25 -31.97
O2 4AC A 250 -7.06 41.28 -31.90
N3 4AC A 250 -6.30 39.61 -33.18
C4 4AC A 250 -5.65 38.51 -33.24
N4 4AC A 250 -5.51 37.87 -34.46
C5 4AC A 250 -5.03 37.91 -32.07
C6 4AC A 250 -5.17 38.52 -30.90
C7 4AC A 250 -4.86 36.69 -34.76
O7 4AC A 250 -4.25 35.96 -34.00
CM7 4AC A 250 -4.95 36.34 -36.22
P 4AC A 287 44.09 -4.77 16.24
OP1 4AC A 287 44.69 -4.90 17.60
OP2 4AC A 287 44.88 -5.19 15.03
O5' 4AC A 287 42.74 -5.60 16.23
C5' 4AC A 287 41.80 -5.45 17.28
C4' 4AC A 287 40.65 -6.41 17.12
O4' 4AC A 287 39.91 -6.09 15.92
C3' 4AC A 287 41.04 -7.86 16.91
O3' 4AC A 287 41.42 -8.52 18.10
C2' 4AC A 287 39.80 -8.44 16.25
O2' 4AC A 287 38.78 -8.67 17.21
C1' 4AC A 287 39.37 -7.27 15.37
N1 4AC A 287 39.85 -7.39 13.97
C2 4AC A 287 39.23 -8.28 13.07
O2 4AC A 287 38.30 -9.00 13.42
N3 4AC A 287 39.69 -8.37 11.78
C4 4AC A 287 40.66 -7.64 11.40
N4 4AC A 287 41.09 -7.76 10.11
C5 4AC A 287 41.32 -6.69 12.28
C6 4AC A 287 40.89 -6.61 13.53
C7 4AC A 287 42.11 -7.09 9.46
O7 4AC A 287 42.87 -6.24 9.89
CM7 4AC A 287 42.24 -7.54 8.03
P 4AC A 296 16.55 -20.07 18.89
OP1 4AC A 296 15.23 -20.70 18.61
OP2 4AC A 296 16.94 -18.80 18.20
O5' 4AC A 296 16.62 -19.86 20.46
C5' 4AC A 296 15.89 -20.70 21.34
C4' 4AC A 296 16.25 -20.46 22.78
O4' 4AC A 296 17.68 -20.31 22.92
C3' 4AC A 296 15.70 -19.20 23.42
O3' 4AC A 296 14.33 -19.26 23.78
C2' 4AC A 296 16.65 -19.03 24.61
O2' 4AC A 296 16.36 -20.02 25.58
C1' 4AC A 296 17.96 -19.39 23.95
N1 4AC A 296 18.62 -18.22 23.34
C2 4AC A 296 19.41 -17.29 24.03
O2 4AC A 296 19.59 -17.39 25.22
N3 4AC A 296 19.99 -16.22 23.34
C4 4AC A 296 19.78 -16.13 22.09
N4 4AC A 296 20.27 -15.13 21.28
C5 4AC A 296 18.98 -17.08 21.36
C6 4AC A 296 18.46 -18.07 22.01
C7 4AC A 296 20.05 -15.00 19.91
O7 4AC A 296 19.41 -15.70 19.11
CM7 4AC A 296 20.74 -13.80 19.36
P 5MC A 305 3.72 14.98 31.61
OP1 5MC A 305 2.44 15.71 31.50
OP2 5MC A 305 3.82 13.58 31.11
O5' 5MC A 305 4.81 15.88 30.89
C5' 5MC A 305 4.66 17.28 30.75
C4' 5MC A 305 5.98 17.90 30.40
O4' 5MC A 305 6.99 16.90 30.54
C3' 5MC A 305 6.13 18.37 28.97
O3' 5MC A 305 5.61 19.68 28.78
C2' 5MC A 305 7.63 18.28 28.74
O2' 5MC A 305 8.28 19.44 29.23
C1' 5MC A 305 8.02 17.10 29.61
N1 5MC A 305 8.17 15.85 28.83
C2 5MC A 305 9.22 15.69 27.92
O2 5MC A 305 10.05 16.59 27.74
N3 5MC A 305 9.36 14.56 27.22
C4 5MC A 305 8.51 13.55 27.37
N4 5MC A 305 8.68 12.42 26.66
C5 5MC A 305 7.41 13.69 28.33
C6 5MC A 305 7.30 14.87 29.03
CM5 5MC A 305 6.43 12.58 28.54
P 4AC A 336 -6.16 -16.88 -0.22
OP1 4AC A 336 -6.30 -15.69 0.69
OP2 4AC A 336 -6.44 -18.24 0.33
O5' 4AC A 336 -7.09 -16.61 -1.47
C5' 4AC A 336 -7.07 -15.36 -2.16
C4' 4AC A 336 -8.16 -15.26 -3.18
O4' 4AC A 336 -7.90 -16.20 -4.25
C3' 4AC A 336 -9.56 -15.64 -2.71
O3' 4AC A 336 -10.21 -14.60 -1.99
C2' 4AC A 336 -10.26 -16.02 -4.00
O2' 4AC A 336 -10.67 -14.86 -4.70
C1' 4AC A 336 -9.12 -16.66 -4.79
N1 4AC A 336 -9.14 -18.13 -4.76
C2 4AC A 336 -10.02 -18.85 -5.59
O2 4AC A 336 -10.81 -18.28 -6.32
N3 4AC A 336 -10.03 -20.23 -5.58
C4 4AC A 336 -9.20 -20.84 -4.82
N4 4AC A 336 -9.23 -22.22 -4.84
C5 4AC A 336 -8.26 -20.17 -3.95
C6 4AC A 336 -8.26 -18.84 -3.97
C7 4AC A 336 -8.47 -23.14 -4.14
O7 4AC A 336 -7.59 -22.93 -3.33
CM7 4AC A 336 -8.87 -24.55 -4.50
P 4AC A 342 -28.87 -25.45 9.44
OP1 4AC A 342 -30.03 -25.94 10.25
OP2 4AC A 342 -28.89 -24.09 8.82
O5' 4AC A 342 -27.56 -25.55 10.35
C5' 4AC A 342 -27.45 -26.53 11.37
C4' 4AC A 342 -26.24 -26.31 12.24
O4' 4AC A 342 -25.06 -26.19 11.42
C3' 4AC A 342 -26.21 -25.04 13.05
O3' 4AC A 342 -27.04 -25.06 14.19
C2' 4AC A 342 -24.74 -24.93 13.38
O2' 4AC A 342 -24.37 -25.88 14.37
C1' 4AC A 342 -24.12 -25.36 12.06
N1 4AC A 342 -23.80 -24.22 11.20
C2 4AC A 342 -22.70 -23.41 11.55
O2 4AC A 342 -22.03 -23.65 12.55
N3 4AC A 342 -22.36 -22.33 10.76
C4 4AC A 342 -23.05 -22.08 9.72
N4 4AC A 342 -22.68 -20.99 8.96
C5 4AC A 342 -24.19 -22.88 9.32
C6 4AC A 342 -24.51 -23.92 10.07
C7 4AC A 342 -23.25 -20.50 7.80
O7 4AC A 342 -24.21 -20.93 7.19
CM7 4AC A 342 -22.52 -19.28 7.29
N LYS B 3 -44.10 15.59 1.08
CA LYS B 3 -44.53 14.33 1.67
C LYS B 3 -45.77 13.69 1.05
N PRO B 4 -46.77 14.47 0.64
CA PRO B 4 -47.88 13.87 -0.11
C PRO B 4 -47.39 13.39 -1.47
N LEU B 5 -47.85 12.21 -1.87
CA LEU B 5 -47.36 11.61 -3.10
C LEU B 5 -47.58 12.49 -4.32
N SER B 6 -48.60 13.34 -4.29
CA SER B 6 -48.80 14.27 -5.39
C SER B 6 -47.65 15.26 -5.51
N GLU B 7 -46.84 15.37 -4.46
CA GLU B 7 -45.69 16.25 -4.44
C GLU B 7 -44.39 15.49 -4.38
N ARG B 8 -44.45 14.18 -4.10
CA ARG B 8 -43.26 13.35 -4.15
C ARG B 8 -42.94 12.94 -5.58
N PHE B 9 -43.96 12.55 -6.34
CA PHE B 9 -43.84 12.19 -7.76
C PHE B 9 -44.45 13.32 -8.57
N PHE B 10 -43.63 14.32 -8.90
CA PHE B 10 -44.07 15.54 -9.57
C PHE B 10 -43.63 15.48 -11.02
N ILE B 11 -44.54 15.76 -11.94
CA ILE B 11 -44.28 15.68 -13.37
C ILE B 11 -44.61 17.01 -14.01
N PRO B 12 -43.64 17.76 -14.51
CA PRO B 12 -43.95 19.02 -15.17
C PRO B 12 -44.39 18.81 -16.61
N HIS B 13 -45.19 19.75 -17.11
CA HIS B 13 -45.64 19.69 -18.49
C HIS B 13 -45.18 20.90 -19.27
N GLU B 14 -44.36 21.74 -18.65
CA GLU B 14 -44.13 23.10 -19.13
C GLU B 14 -42.76 23.54 -18.66
N ILE B 15 -42.17 24.50 -19.36
CA ILE B 15 -40.79 24.89 -19.09
C ILE B 15 -40.85 26.13 -18.20
N LYS B 16 -41.06 25.89 -16.90
CA LYS B 16 -40.99 26.87 -15.84
C LYS B 16 -39.81 26.52 -14.96
N VAL B 17 -39.34 27.46 -14.15
CA VAL B 17 -38.14 27.22 -13.35
C VAL B 17 -38.52 26.34 -12.16
N MET B 18 -37.89 25.17 -12.07
CA MET B 18 -38.23 24.13 -11.12
C MET B 18 -39.68 23.69 -11.20
N GLY B 19 -40.35 23.95 -12.32
CA GLY B 19 -41.69 23.48 -12.57
C GLY B 19 -42.79 24.18 -11.81
N ARG B 20 -42.48 25.21 -11.03
CA ARG B 20 -43.47 25.81 -10.14
C ARG B 20 -43.71 27.28 -10.43
N TRP B 21 -42.68 28.06 -10.72
CA TRP B 21 -42.80 29.50 -10.82
C TRP B 21 -42.22 30.00 -12.14
N SER B 22 -42.73 31.12 -12.63
CA SER B 22 -42.39 31.62 -13.96
C SER B 22 -41.82 33.02 -13.87
N THR B 23 -40.71 33.25 -14.57
CA THR B 23 -40.02 34.54 -14.57
C THR B 23 -40.45 35.40 -15.75
N GLU B 24 -41.68 35.89 -15.75
CA GLU B 24 -42.14 36.74 -16.84
C GLU B 24 -42.52 38.15 -16.41
N ASP B 25 -43.05 38.32 -15.22
CA ASP B 25 -43.38 39.66 -14.75
C ASP B 25 -42.48 40.13 -13.62
N VAL B 26 -41.31 39.52 -13.46
CA VAL B 26 -40.30 40.09 -12.60
C VAL B 26 -39.63 41.25 -13.31
N GLU B 27 -39.05 42.16 -12.54
CA GLU B 27 -38.56 43.42 -13.09
C GLU B 27 -37.35 43.87 -12.30
N VAL B 28 -36.26 44.08 -13.00
CA VAL B 28 -35.02 44.57 -12.39
C VAL B 28 -34.98 46.07 -12.55
N ARG B 29 -35.22 46.79 -11.46
CA ARG B 29 -35.27 48.24 -11.51
C ARG B 29 -33.89 48.87 -11.71
N ASP B 30 -32.88 48.32 -11.07
CA ASP B 30 -31.54 48.89 -11.14
C ASP B 30 -30.98 48.76 -12.55
N PRO B 31 -30.59 49.86 -13.20
CA PRO B 31 -30.02 49.73 -14.55
C PRO B 31 -28.63 49.15 -14.58
N SER B 32 -27.92 49.12 -13.45
CA SER B 32 -26.57 48.61 -13.45
C SER B 32 -26.56 47.09 -13.36
N LEU B 33 -27.46 46.53 -12.58
CA LEU B 33 -27.60 45.10 -12.40
C LEU B 33 -28.66 44.50 -13.30
N LYS B 34 -28.88 45.09 -14.47
CA LYS B 34 -29.88 44.53 -15.39
C LYS B 34 -29.33 43.44 -16.30
N PRO B 35 -28.18 43.59 -16.94
CA PRO B 35 -27.69 42.54 -17.84
C PRO B 35 -26.94 41.42 -17.15
N TYR B 36 -26.95 41.36 -15.82
CA TYR B 36 -26.25 40.31 -15.11
C TYR B 36 -27.17 39.44 -14.28
N ILE B 37 -28.41 39.85 -14.08
CA ILE B 37 -29.41 39.02 -13.44
C ILE B 37 -30.16 38.33 -14.57
N ASN B 38 -29.94 37.03 -14.71
CA ASN B 38 -30.52 36.27 -15.81
C ASN B 38 -31.86 35.68 -15.43
N LEU B 39 -32.85 35.86 -16.30
CA LEU B 39 -34.22 35.41 -16.04
C LEU B 39 -34.84 34.74 -17.25
N GLU B 40 -34.11 33.86 -17.94
CA GLU B 40 -34.56 33.15 -19.12
C GLU B 40 -35.24 31.84 -18.73
N PRO B 41 -35.95 31.13 -19.66
CA PRO B 41 -36.86 30.04 -19.24
C PRO B 41 -36.30 28.97 -18.31
N ARG B 42 -35.32 28.18 -18.76
CA ARG B 42 -34.47 27.38 -17.87
C ARG B 42 -35.24 26.56 -16.84
N LEU B 43 -35.87 25.48 -17.31
CA LEU B 43 -36.59 24.56 -16.42
C LEU B 43 -35.77 24.16 -15.20
N LEU B 44 -34.57 23.57 -15.40
CA LEU B 44 -33.81 23.02 -14.29
C LEU B 44 -32.52 23.80 -14.06
N PRO B 45 -32.23 24.24 -12.84
CA PRO B 45 -31.04 25.05 -12.56
C PRO B 45 -29.80 24.26 -12.16
N HIS B 46 -29.17 23.62 -13.14
CA HIS B 46 -27.93 22.89 -12.89
C HIS B 46 -27.20 22.78 -14.21
N THR B 47 -26.05 23.45 -14.33
CA THR B 47 -25.32 23.49 -15.59
C THR B 47 -24.00 22.77 -15.57
N HIS B 48 -23.66 22.06 -14.50
CA HIS B 48 -22.47 21.23 -14.45
C HIS B 48 -21.20 22.04 -14.67
N GLY B 49 -21.19 23.27 -14.18
CA GLY B 49 -19.96 24.05 -14.09
C GLY B 49 -19.26 24.30 -15.40
N ARG B 50 -19.99 24.29 -16.50
CA ARG B 50 -19.38 24.51 -17.82
C ARG B 50 -19.06 25.97 -18.09
N HIS B 51 -19.29 26.86 -17.13
CA HIS B 51 -19.09 28.28 -17.40
C HIS B 51 -17.73 28.75 -16.92
N ALA B 52 -17.24 28.25 -15.79
CA ALA B 52 -16.06 28.79 -15.13
C ALA B 52 -14.79 28.42 -15.89
N LYS B 53 -14.83 28.68 -17.19
CA LYS B 53 -13.66 28.53 -18.04
C LYS B 53 -13.47 29.68 -19.01
N LYS B 54 -14.47 30.53 -19.21
CA LYS B 54 -14.39 31.63 -20.15
C LYS B 54 -14.62 32.93 -19.39
N HIS B 55 -13.81 33.93 -19.68
CA HIS B 55 -13.92 35.22 -19.03
C HIS B 55 -15.31 35.78 -19.19
N PHE B 56 -15.83 36.37 -18.13
CA PHE B 56 -17.15 37.00 -18.14
C PHE B 56 -18.25 36.01 -18.50
N GLY B 57 -18.04 34.75 -18.14
CA GLY B 57 -18.98 33.72 -18.53
C GLY B 57 -20.20 33.63 -17.65
N LYS B 58 -20.06 33.86 -16.36
CA LYS B 58 -21.17 33.66 -15.45
C LYS B 58 -22.26 34.70 -15.59
N ALA B 59 -22.24 35.47 -16.68
CA ALA B 59 -23.31 36.42 -16.97
C ALA B 59 -24.57 35.71 -17.43
N ASN B 60 -24.42 34.60 -18.16
CA ASN B 60 -25.55 33.83 -18.66
C ASN B 60 -25.73 32.54 -17.87
N VAL B 61 -26.07 32.71 -16.59
CA VAL B 61 -26.39 31.61 -15.69
C VAL B 61 -27.57 32.04 -14.84
N HIS B 62 -28.65 31.26 -14.87
CA HIS B 62 -29.89 31.65 -14.19
C HIS B 62 -29.60 32.02 -12.74
N ILE B 63 -30.32 33.02 -12.23
CA ILE B 63 -29.98 33.56 -10.92
C ILE B 63 -30.30 32.57 -9.82
N VAL B 64 -31.31 31.74 -10.00
CA VAL B 64 -31.63 30.71 -9.02
C VAL B 64 -30.48 29.73 -8.89
N GLU B 65 -29.79 29.43 -9.99
CA GLU B 65 -28.65 28.53 -9.86
C GLU B 65 -27.48 29.18 -9.15
N ARG B 66 -27.22 30.47 -9.39
CA ARG B 66 -26.18 31.14 -8.63
C ARG B 66 -26.49 31.11 -7.14
N LEU B 67 -27.75 31.26 -6.77
CA LEU B 67 -28.11 31.14 -5.36
C LEU B 67 -27.85 29.74 -4.82
N ILE B 68 -28.15 28.71 -5.62
CA ILE B 68 -27.94 27.34 -5.15
C ILE B 68 -26.45 27.01 -5.00
N ASN B 69 -25.62 27.52 -5.92
CA ASN B 69 -24.19 27.22 -5.87
C ASN B 69 -23.50 27.86 -4.68
N LYS B 70 -24.06 28.95 -4.16
CA LYS B 70 -23.37 29.77 -3.15
C LYS B 70 -23.72 29.39 -1.73
N ILE B 71 -24.51 28.32 -1.54
CA ILE B 71 -24.75 27.77 -0.21
C ILE B 71 -24.20 26.36 -0.07
N MET B 72 -23.53 25.83 -1.09
CA MET B 72 -22.79 24.58 -0.96
C MET B 72 -21.45 24.88 -0.31
N ARG B 73 -21.50 25.26 0.95
CA ARG B 73 -20.32 25.67 1.68
C ARG B 73 -20.51 25.27 3.13
N SER B 74 -19.45 25.42 3.91
CA SER B 74 -19.57 25.16 5.33
C SER B 74 -19.86 26.43 6.12
N GLY B 75 -19.30 27.56 5.74
CA GLY B 75 -19.56 28.78 6.46
C GLY B 75 -18.37 29.71 6.47
N GLY B 76 -17.91 30.09 7.65
CA GLY B 76 -16.72 30.90 7.76
C GLY B 76 -15.56 30.09 8.28
N SER B 77 -14.61 29.76 7.41
CA SER B 77 -13.54 28.84 7.77
C SER B 77 -12.17 29.48 7.93
N HIS B 78 -11.98 30.73 7.51
CA HIS B 78 -10.79 31.45 7.92
C HIS B 78 -11.10 32.91 8.23
N TYR B 79 -12.36 33.26 8.41
CA TYR B 79 -12.74 34.60 8.84
C TYR B 79 -13.97 34.46 9.71
N LYS B 80 -13.92 35.01 10.92
CA LYS B 80 -15.07 34.98 11.79
C LYS B 80 -16.22 35.75 11.16
N VAL B 81 -17.43 35.22 11.32
CA VAL B 81 -18.62 35.84 10.78
C VAL B 81 -19.64 35.97 11.90
N ALA B 82 -19.93 37.20 12.30
CA ALA B 82 -20.83 37.51 13.41
C ALA B 82 -20.42 36.77 14.68
N GLY B 83 -19.20 37.04 15.13
CA GLY B 83 -18.69 36.33 16.27
C GLY B 83 -17.64 35.28 15.96
N HIS B 84 -18.07 34.04 15.78
CA HIS B 84 -17.20 32.87 15.77
C HIS B 84 -16.79 32.42 14.38
N PHE B 85 -15.88 31.45 14.36
CA PHE B 85 -15.67 30.57 13.21
C PHE B 85 -16.83 29.60 13.11
N MET B 86 -17.01 29.01 11.92
CA MET B 86 -18.05 28.01 11.73
C MET B 86 -17.50 26.83 10.93
N ARG B 87 -16.41 26.26 11.41
CA ARG B 87 -15.77 25.13 10.77
C ARG B 87 -16.61 23.85 10.90
N ARG B 88 -17.29 23.48 9.82
CA ARG B 88 -18.14 22.28 9.74
C ARG B 88 -17.50 21.33 8.74
N GLU B 89 -16.64 20.45 9.20
CA GLU B 89 -16.06 19.49 8.29
C GLU B 89 -16.82 18.17 8.39
N HIS B 90 -16.96 17.50 7.25
CA HIS B 90 -17.57 16.19 7.10
C HIS B 90 -19.06 16.20 7.38
N ARG B 91 -19.61 17.32 7.87
CA ARG B 91 -21.05 17.47 7.97
C ARG B 91 -21.50 18.77 7.33
N SER B 92 -20.72 19.29 6.42
CA SER B 92 -21.09 20.39 5.54
C SER B 92 -21.58 19.83 4.22
N LEU B 93 -22.37 20.63 3.52
CA LEU B 93 -22.87 20.26 2.21
C LEU B 93 -22.01 20.94 1.15
N ASN B 94 -20.78 20.43 1.01
CA ASN B 94 -19.74 21.03 0.18
C ASN B 94 -19.80 20.58 -1.27
N SER B 95 -20.16 19.33 -1.53
CA SER B 95 -20.39 18.87 -2.88
C SER B 95 -21.76 18.25 -3.05
N LYS B 96 -22.60 18.30 -2.04
CA LYS B 96 -23.95 17.78 -2.15
C LYS B 96 -24.87 18.82 -2.75
N LYS B 97 -25.20 18.68 -4.04
CA LYS B 97 -26.09 19.64 -4.67
C LYS B 97 -27.54 19.30 -4.46
N VAL B 98 -27.86 18.02 -4.23
CA VAL B 98 -29.25 17.64 -4.01
C VAL B 98 -29.78 18.32 -2.77
N LYS B 99 -28.96 18.37 -1.71
CA LYS B 99 -29.42 18.95 -0.45
C LYS B 99 -29.62 20.45 -0.57
N ALA B 100 -28.70 21.13 -1.25
CA ALA B 100 -28.85 22.57 -1.46
C ALA B 100 -30.06 22.89 -2.31
N TYR B 101 -30.28 22.10 -3.36
CA TYR B 101 -31.47 22.25 -4.18
C TYR B 101 -32.73 22.13 -3.35
N GLU B 102 -32.78 21.17 -2.44
CA GLU B 102 -33.96 21.02 -1.60
C GLU B 102 -34.14 22.21 -0.66
N VAL B 103 -33.06 22.70 -0.06
CA VAL B 103 -33.28 23.78 0.89
C VAL B 103 -33.70 25.05 0.17
N VAL B 104 -33.27 25.25 -1.07
CA VAL B 104 -33.72 26.43 -1.80
C VAL B 104 -35.17 26.28 -2.23
N LYS B 105 -35.58 25.08 -2.63
CA LYS B 105 -36.99 24.84 -2.93
C LYS B 105 -37.87 25.10 -1.71
N GLU B 106 -37.45 24.62 -0.55
CA GLU B 106 -38.25 24.82 0.67
C GLU B 106 -38.28 26.27 1.10
N ALA B 107 -37.15 26.98 0.97
CA ALA B 107 -37.16 28.42 1.23
C ALA B 107 -38.16 29.12 0.34
N PHE B 108 -38.19 28.77 -0.94
CA PHE B 108 -39.12 29.43 -1.85
C PHE B 108 -40.56 29.14 -1.49
N LYS B 109 -40.83 27.90 -1.06
CA LYS B 109 -42.20 27.58 -0.63
C LYS B 109 -42.61 28.35 0.61
N ILE B 110 -41.66 28.65 1.51
CA ILE B 110 -42.04 29.46 2.67
C ILE B 110 -42.22 30.93 2.27
N ILE B 111 -41.40 31.43 1.36
CA ILE B 111 -41.48 32.84 0.95
C ILE B 111 -42.80 33.10 0.24
N GLU B 112 -43.24 32.17 -0.59
CA GLU B 112 -44.50 32.38 -1.30
C GLU B 112 -45.69 32.41 -0.37
N LYS B 113 -45.54 31.93 0.86
CA LYS B 113 -46.68 31.80 1.77
C LYS B 113 -46.78 32.96 2.75
N ARG B 114 -45.67 33.38 3.36
CA ARG B 114 -45.72 34.53 4.24
C ARG B 114 -46.00 35.83 3.51
N THR B 115 -45.58 35.94 2.26
CA THR B 115 -45.72 37.19 1.51
C THR B 115 -46.88 37.16 0.52
N GLY B 116 -46.94 36.17 -0.36
CA GLY B 116 -48.01 36.13 -1.33
C GLY B 116 -47.58 36.68 -2.67
N LYS B 117 -46.28 36.68 -2.94
CA LYS B 117 -45.74 37.15 -4.19
C LYS B 117 -44.82 36.09 -4.79
N ASN B 118 -44.54 36.24 -6.06
CA ASN B 118 -43.58 35.39 -6.75
C ASN B 118 -42.28 35.39 -5.97
N PRO B 119 -41.80 34.23 -5.54
CA PRO B 119 -40.54 34.17 -4.75
C PRO B 119 -39.36 34.81 -5.44
N ILE B 120 -39.29 34.74 -6.76
CA ILE B 120 -38.17 35.35 -7.45
C ILE B 120 -38.28 36.86 -7.48
N GLN B 121 -39.49 37.41 -7.47
CA GLN B 121 -39.63 38.85 -7.31
C GLN B 121 -39.01 39.32 -6.00
N VAL B 122 -39.26 38.58 -4.92
CA VAL B 122 -38.69 38.92 -3.62
C VAL B 122 -37.18 38.76 -3.61
N LEU B 123 -36.66 37.68 -4.20
CA LEU B 123 -35.21 37.53 -4.23
C LEU B 123 -34.55 38.64 -5.03
N VAL B 124 -35.15 39.04 -6.15
CA VAL B 124 -34.53 40.07 -6.97
C VAL B 124 -34.68 41.44 -6.34
N TRP B 125 -35.68 41.66 -5.51
CA TRP B 125 -35.69 42.86 -4.68
C TRP B 125 -34.56 42.82 -3.68
N ALA B 126 -34.34 41.67 -3.05
CA ALA B 126 -33.36 41.60 -1.98
C ALA B 126 -31.94 41.75 -2.47
N ILE B 127 -31.61 41.26 -3.65
CA ILE B 127 -30.23 41.31 -4.11
C ILE B 127 -29.90 42.68 -4.73
N GLU B 128 -30.76 43.66 -4.52
CA GLU B 128 -30.50 45.04 -4.91
C GLU B 128 -30.34 45.98 -3.73
N ASN B 129 -30.89 45.63 -2.57
CA ASN B 129 -30.70 46.33 -1.32
C ASN B 129 -29.49 45.86 -0.58
N ALA B 130 -28.81 44.83 -1.07
CA ALA B 130 -27.62 44.32 -0.42
C ALA B 130 -26.38 44.56 -1.26
N ALA B 131 -26.51 45.20 -2.41
CA ALA B 131 -25.37 45.45 -3.28
C ALA B 131 -24.83 46.83 -3.00
N PRO B 132 -23.55 46.96 -2.65
CA PRO B 132 -23.00 48.27 -2.33
C PRO B 132 -22.45 48.95 -3.56
N ARG B 133 -22.27 50.26 -3.47
CA ARG B 133 -21.89 51.03 -4.64
C ARG B 133 -20.75 52.00 -4.34
N GLU B 134 -19.95 51.69 -3.34
CA GLU B 134 -18.76 52.46 -3.03
C GLU B 134 -17.88 51.59 -2.17
N ASP B 135 -16.58 51.85 -2.19
CA ASP B 135 -15.67 50.92 -1.54
C ASP B 135 -14.36 51.64 -1.24
N THR B 136 -13.37 50.88 -0.78
CA THR B 136 -12.08 51.45 -0.44
C THR B 136 -10.96 50.47 -0.76
N THR B 137 -9.78 51.01 -1.07
CA THR B 137 -8.65 50.23 -1.53
C THR B 137 -7.38 50.96 -1.09
N SER B 138 -6.26 50.71 -1.79
CA SER B 138 -5.02 51.46 -1.59
C SER B 138 -4.42 51.83 -2.94
N VAL B 139 -3.46 52.76 -2.95
CA VAL B 139 -2.76 53.20 -4.16
C VAL B 139 -1.28 53.46 -3.83
N MET B 140 -0.37 52.77 -4.52
CA MET B 140 1.05 53.08 -4.44
C MET B 140 1.43 54.10 -5.50
N PHE B 141 2.16 55.14 -5.11
CA PHE B 141 2.36 56.29 -5.98
C PHE B 141 3.54 57.09 -5.42
N GLY B 142 4.67 57.06 -6.14
CA GLY B 142 5.86 57.75 -5.72
C GLY B 142 6.63 57.11 -4.58
N GLY B 143 6.00 56.19 -3.86
CA GLY B 143 6.64 55.55 -2.73
C GLY B 143 5.73 55.14 -1.58
N ILE B 144 4.69 55.93 -1.30
CA ILE B 144 3.78 55.65 -0.18
C ILE B 144 2.43 55.25 -0.73
N ARG B 145 1.58 54.75 0.18
CA ARG B 145 0.20 54.42 -0.12
C ARG B 145 -0.70 55.19 0.82
N TYR B 146 -2.01 55.11 0.57
CA TYR B 146 -3.01 55.63 1.49
C TYR B 146 -4.40 55.22 0.99
N HIS B 147 -5.23 54.74 1.90
CA HIS B 147 -6.48 54.12 1.48
C HIS B 147 -7.53 55.16 1.10
N VAL B 148 -8.17 54.95 -0.05
CA VAL B 148 -9.03 55.91 -0.72
C VAL B 148 -10.40 55.30 -0.91
N ALA B 149 -11.24 56.00 -1.67
CA ALA B 149 -12.53 55.46 -2.12
C ALA B 149 -12.48 55.20 -3.62
N VAL B 150 -13.15 54.12 -4.04
CA VAL B 150 -13.27 53.73 -5.44
C VAL B 150 -14.72 53.38 -5.71
N ASP B 151 -15.00 52.93 -6.92
CA ASP B 151 -16.33 52.51 -7.33
C ASP B 151 -16.34 51.01 -7.61
N ILE B 152 -17.51 50.39 -7.48
CA ILE B 152 -17.64 48.96 -7.64
C ILE B 152 -18.32 48.68 -8.97
N SER B 153 -17.80 47.68 -9.69
CA SER B 153 -18.39 47.28 -10.96
C SER B 153 -19.55 46.33 -10.74
N PRO B 154 -20.54 46.30 -11.64
CA PRO B 154 -21.82 45.63 -11.34
C PRO B 154 -21.75 44.13 -11.11
N MET B 155 -20.86 43.47 -11.86
CA MET B 155 -20.66 42.04 -11.65
C MET B 155 -20.19 41.74 -10.23
N ARG B 156 -19.24 42.54 -9.74
CA ARG B 156 -18.76 42.39 -8.38
C ARG B 156 -19.84 42.72 -7.35
N ARG B 157 -20.67 43.73 -7.63
CA ARG B 157 -21.80 44.01 -6.76
C ARG B 157 -22.66 42.76 -6.59
N LEU B 158 -23.00 42.11 -7.70
CA LEU B 158 -23.87 40.93 -7.61
C LEU B 158 -23.23 39.82 -6.82
N ASP B 159 -21.94 39.56 -7.06
CA ASP B 159 -21.27 38.48 -6.32
C ASP B 159 -21.24 38.74 -4.82
N VAL B 160 -20.91 39.98 -4.42
CA VAL B 160 -20.85 40.28 -3.00
C VAL B 160 -22.22 40.17 -2.36
N ALA B 161 -23.26 40.67 -3.05
CA ALA B 161 -24.61 40.58 -2.51
C ALA B 161 -25.01 39.13 -2.24
N LEU B 162 -24.77 38.26 -3.22
CA LEU B 162 -25.17 36.86 -3.05
C LEU B 162 -24.40 36.18 -1.94
N ARG B 163 -23.07 36.38 -1.88
CA ARG B 163 -22.31 35.77 -0.80
C ARG B 163 -22.77 36.27 0.56
N ASN B 164 -23.11 37.55 0.66
CA ASN B 164 -23.56 38.08 1.93
C ASN B 164 -24.90 37.50 2.35
N ILE B 165 -25.81 37.29 1.41
CA ILE B 165 -27.08 36.63 1.76
C ILE B 165 -26.81 35.21 2.26
N ALA B 166 -25.92 34.49 1.57
CA ALA B 166 -25.60 33.13 1.98
C ALA B 166 -25.02 33.08 3.38
N LEU B 167 -24.04 33.94 3.67
CA LEU B 167 -23.40 33.91 4.97
C LEU B 167 -24.32 34.43 6.06
N GLY B 168 -25.19 35.39 5.75
CA GLY B 168 -26.10 35.87 6.76
C GLY B 168 -27.13 34.83 7.13
N ALA B 169 -27.60 34.07 6.15
CA ALA B 169 -28.53 32.98 6.44
C ALA B 169 -27.84 31.83 7.14
N SER B 170 -26.56 31.63 6.86
CA SER B 170 -25.82 30.48 7.36
C SER B 170 -25.37 30.62 8.79
N ALA B 171 -25.65 31.75 9.44
CA ALA B 171 -25.34 31.92 10.85
C ALA B 171 -26.55 31.82 11.76
N LYS B 172 -27.75 32.09 11.26
CA LYS B 172 -28.96 31.99 12.08
C LYS B 172 -29.38 30.56 12.34
N CYS B 173 -28.78 29.58 11.66
CA CYS B 173 -29.12 28.19 11.83
C CYS B 173 -28.04 27.40 12.55
N TYR B 174 -27.04 28.08 13.10
CA TYR B 174 -25.88 27.45 13.72
C TYR B 174 -26.16 27.24 15.20
N ARG B 175 -26.21 25.98 15.63
CA ARG B 175 -26.41 25.64 17.04
C ARG B 175 -27.64 26.34 17.60
N THR B 176 -28.72 26.33 16.82
CA THR B 176 -29.95 27.01 17.16
C THR B 176 -31.09 26.06 16.81
N LYS B 177 -32.26 26.32 17.39
CA LYS B 177 -33.42 25.48 17.13
C LYS B 177 -33.96 25.67 15.72
N MET B 178 -33.62 26.77 15.07
CA MET B 178 -34.12 27.05 13.74
C MET B 178 -33.34 26.27 12.68
N SER B 179 -34.04 25.85 11.63
CA SER B 179 -33.40 25.09 10.57
C SER B 179 -32.81 26.04 9.55
N PHE B 180 -32.36 25.51 8.41
CA PHE B 180 -31.63 26.29 7.42
C PHE B 180 -32.48 26.74 6.24
N ALA B 181 -33.47 25.94 5.86
CA ALA B 181 -34.41 26.36 4.84
C ALA B 181 -35.22 27.57 5.28
N GLU B 182 -35.56 27.66 6.56
CA GLU B 182 -36.33 28.81 7.04
C GLU B 182 -35.46 29.96 7.51
N ALA B 183 -34.22 29.71 7.89
CA ALA B 183 -33.29 30.80 8.08
C ALA B 183 -32.88 31.44 6.77
N LEU B 184 -32.94 30.70 5.65
CA LEU B 184 -32.70 31.31 4.36
C LEU B 184 -33.88 32.15 3.88
N ALA B 185 -35.08 31.91 4.39
CA ALA B 185 -36.23 32.72 4.05
C ALA B 185 -36.34 33.95 4.94
N GLU B 186 -36.08 33.79 6.22
CA GLU B 186 -36.02 34.93 7.11
C GLU B 186 -34.95 35.92 6.72
N GLU B 187 -33.87 35.55 6.05
CA GLU B 187 -32.88 36.51 5.60
C GLU B 187 -33.32 37.29 4.38
N ILE B 188 -33.87 36.63 3.38
CA ILE B 188 -34.37 37.31 2.20
C ILE B 188 -35.54 38.24 2.52
N ILE B 189 -36.53 37.77 3.26
CA ILE B 189 -37.67 38.61 3.57
C ILE B 189 -37.23 39.86 4.28
N LEU B 190 -36.21 39.76 5.14
CA LEU B 190 -35.73 40.89 5.93
C LEU B 190 -34.88 41.83 5.08
N ALA B 191 -34.09 41.32 4.17
CA ALA B 191 -33.33 42.22 3.32
C ALA B 191 -34.25 43.02 2.42
N ALA B 192 -35.23 42.38 1.81
CA ALA B 192 -36.08 43.09 0.86
C ALA B 192 -37.00 44.11 1.53
N ASN B 193 -36.99 44.22 2.86
CA ASN B 193 -37.74 45.24 3.56
C ASN B 193 -36.86 46.36 4.08
N LYS B 194 -35.55 46.28 3.86
CA LYS B 194 -34.59 47.23 4.40
C LYS B 194 -34.77 47.37 5.91
N ASP B 195 -34.71 46.31 6.55
CA ASP B 195 -34.80 46.14 7.99
C ASP B 195 -33.40 46.01 8.58
N PRO B 196 -33.17 46.56 9.77
CA PRO B 196 -31.82 46.49 10.34
C PRO B 196 -31.40 45.10 10.80
N LYS B 197 -32.33 44.28 11.26
CA LYS B 197 -32.00 42.95 11.80
C LYS B 197 -31.35 42.04 10.77
N SER B 198 -31.24 42.46 9.52
CA SER B 198 -30.62 41.63 8.51
C SER B 198 -29.12 41.56 8.75
N TYR B 199 -28.46 40.68 8.01
CA TYR B 199 -27.00 40.67 7.97
C TYR B 199 -26.47 41.22 6.67
N ALA B 200 -27.17 41.01 5.56
CA ALA B 200 -26.66 41.45 4.28
C ALA B 200 -26.81 42.95 4.11
N TYR B 201 -27.88 43.52 4.65
CA TYR B 201 -28.14 44.95 4.52
C TYR B 201 -27.22 45.76 5.41
N SER B 202 -27.01 45.29 6.64
CA SER B 202 -26.11 45.97 7.57
C SER B 202 -24.68 45.97 7.05
N LYS B 203 -24.27 44.91 6.38
CA LYS B 203 -22.92 44.89 5.83
C LYS B 203 -22.75 45.90 4.72
N LYS B 204 -23.77 46.11 3.90
CA LYS B 204 -23.70 47.19 2.91
C LYS B 204 -23.61 48.54 3.59
N LEU B 205 -24.38 48.75 4.65
CA LEU B 205 -24.32 50.04 5.33
C LEU B 205 -22.94 50.30 5.91
N GLU B 206 -22.37 49.31 6.59
CA GLU B 206 -21.05 49.47 7.18
C GLU B 206 -19.93 49.48 6.16
N ILE B 207 -20.16 49.02 4.92
CA ILE B 207 -19.14 49.20 3.89
C ILE B 207 -19.20 50.60 3.32
N GLU B 208 -20.39 51.03 2.89
CA GLU B 208 -20.55 52.35 2.32
C GLU B 208 -20.16 53.46 3.28
N ARG B 209 -20.45 53.29 4.57
CA ARG B 209 -20.13 54.33 5.55
C ARG B 209 -18.62 54.52 5.69
N ILE B 210 -17.89 53.45 6.00
CA ILE B 210 -16.46 53.60 6.23
C ILE B 210 -15.75 53.80 4.91
N ALA B 211 -16.48 53.65 3.81
CA ALA B 211 -15.94 54.08 2.53
C ALA B 211 -16.09 55.56 2.30
N GLU B 212 -17.21 56.14 2.74
CA GLU B 212 -17.40 57.57 2.64
C GLU B 212 -16.48 58.33 3.59
N SER B 213 -16.09 57.69 4.70
CA SER B 213 -15.22 58.38 5.64
C SER B 213 -13.88 58.75 5.07
N SER B 214 -13.50 58.18 3.93
CA SER B 214 -12.13 58.20 3.46
C SER B 214 -12.07 58.76 2.05
N ARG B 215 -13.08 59.53 1.67
CA ARG B 215 -13.15 60.06 0.32
C ARG B 215 -11.93 60.90 0.06
N ARG C 2 -40.48 0.73 -38.48
CA ARG C 2 -39.07 1.10 -38.47
C ARG C 2 -38.61 1.48 -37.07
N ILE C 3 -37.35 1.17 -36.75
CA ILE C 3 -36.76 1.47 -35.46
C ILE C 3 -35.39 2.11 -35.65
N ILE C 4 -34.90 2.79 -34.61
CA ILE C 4 -33.63 3.49 -34.63
C ILE C 4 -32.92 3.24 -33.29
N GLN C 5 -31.60 3.39 -33.28
CA GLN C 5 -30.84 3.25 -32.04
C GLN C 5 -29.65 4.19 -32.01
N THR C 6 -29.46 4.86 -30.86
CA THR C 6 -28.39 5.84 -30.67
C THR C 6 -27.61 5.63 -29.38
N THR C 7 -26.66 6.51 -29.10
CA THR C 7 -25.68 6.32 -28.03
C THR C 7 -25.38 7.65 -27.35
N GLY C 8 -25.10 7.58 -26.05
CA GLY C 8 -24.63 8.73 -25.30
C GLY C 8 -23.64 8.35 -24.21
N LYS C 9 -22.61 9.15 -23.96
CA LYS C 9 -21.58 8.82 -22.99
C LYS C 9 -21.28 10.02 -22.08
N ARG C 10 -21.07 9.72 -20.79
CA ARG C 10 -20.78 10.76 -19.78
C ARG C 10 -19.99 10.12 -18.64
N LYS C 11 -18.67 10.25 -18.69
CA LYS C 11 -17.73 9.83 -17.66
C LYS C 11 -17.96 8.44 -17.09
N THR C 12 -17.67 7.40 -17.87
CA THR C 12 -17.83 5.99 -17.50
C THR C 12 -19.29 5.63 -17.29
N ALA C 13 -20.10 5.96 -18.28
CA ALA C 13 -21.53 5.65 -18.24
C ALA C 13 -22.05 5.67 -19.67
N ILE C 14 -22.25 4.50 -20.26
CA ILE C 14 -22.72 4.38 -21.64
C ILE C 14 -24.21 4.06 -21.63
N ALA C 15 -24.95 4.64 -22.57
CA ALA C 15 -26.39 4.44 -22.66
C ALA C 15 -26.79 4.13 -24.10
N ARG C 16 -27.64 3.12 -24.28
CA ARG C 16 -28.16 2.73 -25.58
C ARG C 16 -29.67 2.87 -25.60
N ALA C 17 -30.20 3.62 -26.55
CA ALA C 17 -31.64 3.85 -26.62
C ALA C 17 -32.21 3.35 -27.94
N VAL C 18 -33.51 3.03 -27.93
CA VAL C 18 -34.22 2.49 -29.09
C VAL C 18 -35.59 3.14 -29.16
N ILE C 19 -35.98 3.61 -30.34
CA ILE C 19 -37.22 4.36 -30.54
C ILE C 19 -38.02 3.71 -31.66
N ARG C 20 -39.34 3.84 -31.60
CA ARG C 20 -40.26 3.24 -32.56
C ARG C 20 -41.64 3.85 -32.31
N GLU C 21 -42.56 3.59 -33.23
CA GLU C 21 -43.90 4.14 -33.11
C GLU C 21 -44.66 3.50 -31.96
N GLY C 22 -45.47 4.30 -31.28
CA GLY C 22 -46.15 3.79 -30.10
C GLY C 22 -47.17 4.69 -29.45
N LYS C 23 -47.28 4.58 -28.12
CA LYS C 23 -48.34 5.23 -27.36
C LYS C 23 -47.85 6.35 -26.46
N GLY C 24 -46.55 6.48 -26.26
CA GLY C 24 -46.00 7.56 -25.48
C GLY C 24 -45.31 7.19 -24.18
N ARG C 25 -44.90 5.94 -24.02
CA ARG C 25 -44.30 5.48 -22.77
C ARG C 25 -42.80 5.34 -22.92
N VAL C 26 -42.07 5.69 -21.86
CA VAL C 26 -40.61 5.68 -21.90
C VAL C 26 -40.09 5.04 -20.63
N ARG C 27 -39.25 4.01 -20.79
CA ARG C 27 -38.70 3.23 -19.70
C ARG C 27 -37.19 3.38 -19.67
N ILE C 28 -36.63 3.47 -18.48
CA ILE C 28 -35.17 3.51 -18.33
C ILE C 28 -34.75 2.37 -17.42
N ASN C 29 -34.11 1.35 -18.01
CA ASN C 29 -33.71 0.12 -17.35
C ASN C 29 -34.89 -0.70 -16.84
N GLY C 30 -36.08 -0.45 -17.32
CA GLY C 30 -37.28 -1.08 -16.83
C GLY C 30 -38.16 -0.17 -16.00
N LYS C 31 -37.61 0.87 -15.46
CA LYS C 31 -38.32 1.85 -14.67
C LYS C 31 -39.00 2.86 -15.59
N PRO C 32 -40.28 3.13 -15.38
CA PRO C 32 -40.90 4.26 -16.09
C PRO C 32 -40.43 5.57 -15.49
N VAL C 33 -40.15 6.54 -16.36
CA VAL C 33 -39.47 7.76 -15.91
C VAL C 33 -40.32 8.52 -14.90
N GLU C 34 -41.63 8.30 -14.89
CA GLU C 34 -42.47 8.93 -13.88
C GLU C 34 -42.11 8.49 -12.46
N LEU C 35 -41.35 7.41 -12.31
CA LEU C 35 -40.95 6.88 -11.01
C LEU C 35 -39.45 6.84 -10.94
N VAL C 36 -38.84 7.98 -10.66
CA VAL C 36 -37.41 8.09 -10.45
C VAL C 36 -37.21 9.03 -9.28
N GLU C 37 -36.52 8.58 -8.25
CA GLU C 37 -36.68 9.26 -6.97
C GLU C 37 -35.96 10.60 -6.88
N PRO C 38 -34.65 10.70 -7.12
CA PRO C 38 -34.00 11.98 -6.89
C PRO C 38 -34.37 12.99 -7.95
N GLU C 39 -35.50 13.68 -7.76
CA GLU C 39 -36.08 14.61 -8.73
C GLU C 39 -35.08 15.41 -9.53
N ILE C 40 -33.97 15.83 -8.93
CA ILE C 40 -32.96 16.53 -9.70
C ILE C 40 -32.41 15.66 -10.81
N ALA C 41 -32.55 14.34 -10.70
CA ALA C 41 -32.19 13.42 -11.76
C ALA C 41 -33.35 13.08 -12.68
N ARG C 42 -34.59 13.21 -12.21
CA ARG C 42 -35.74 12.99 -13.06
C ARG C 42 -36.01 14.16 -14.00
N PHE C 43 -35.73 15.39 -13.56
CA PHE C 43 -35.90 16.52 -14.45
C PHE C 43 -34.82 16.60 -15.51
N THR C 44 -33.71 15.89 -15.34
CA THR C 44 -32.68 15.89 -16.36
C THR C 44 -33.05 15.06 -17.57
N ILE C 45 -33.69 13.89 -17.37
CA ILE C 45 -34.04 13.04 -18.49
C ILE C 45 -35.39 13.37 -19.08
N LEU C 46 -35.95 14.55 -18.79
CA LEU C 46 -37.25 14.92 -19.30
C LEU C 46 -37.22 16.15 -20.20
N GLU C 47 -36.14 16.89 -20.20
CA GLU C 47 -36.11 18.11 -21.01
C GLU C 47 -36.25 17.85 -22.51
N PRO C 48 -35.49 16.93 -23.11
CA PRO C 48 -35.64 16.72 -24.56
C PRO C 48 -37.03 16.32 -24.95
N LEU C 49 -37.79 15.70 -24.04
CA LEU C 49 -39.17 15.35 -24.32
C LEU C 49 -40.12 16.51 -24.05
N ILE C 50 -39.97 17.17 -22.91
CA ILE C 50 -40.86 18.24 -22.52
C ILE C 50 -40.71 19.46 -23.38
N LEU C 51 -39.62 19.58 -24.13
CA LEU C 51 -39.36 20.72 -24.98
C LEU C 51 -39.94 20.53 -26.38
N ALA C 52 -40.29 19.31 -26.75
CA ALA C 52 -40.81 18.99 -28.07
C ALA C 52 -42.33 18.93 -28.12
N GLY C 53 -42.98 18.76 -26.98
CA GLY C 53 -44.41 18.95 -26.92
C GLY C 53 -45.16 17.70 -26.52
N GLU C 54 -46.45 17.87 -26.27
CA GLU C 54 -47.37 16.77 -26.02
C GLU C 54 -47.84 16.10 -27.31
N GLU C 55 -47.20 16.40 -28.43
CA GLU C 55 -47.59 15.84 -29.71
C GLU C 55 -46.59 14.81 -30.23
N ILE C 56 -45.32 15.16 -30.29
CA ILE C 56 -44.30 14.19 -30.68
C ILE C 56 -44.13 13.13 -29.60
N TRP C 57 -44.28 13.52 -28.34
CA TRP C 57 -44.17 12.63 -27.20
C TRP C 57 -45.16 11.48 -27.25
N ASN C 58 -46.34 11.69 -27.81
CA ASN C 58 -47.38 10.66 -27.83
C ASN C 58 -47.42 9.91 -29.15
N SER C 59 -46.27 9.70 -29.77
CA SER C 59 -46.23 8.88 -30.96
C SER C 59 -45.02 7.96 -31.01
N VAL C 60 -44.24 7.92 -29.93
CA VAL C 60 -43.03 7.11 -29.86
C VAL C 60 -42.99 6.35 -28.55
N ASP C 61 -42.21 5.27 -28.55
CA ASP C 61 -41.91 4.50 -27.36
C ASP C 61 -40.40 4.34 -27.26
N ILE C 62 -39.84 4.72 -26.12
CA ILE C 62 -38.39 4.73 -25.95
C ILE C 62 -38.02 3.81 -24.80
N ASP C 63 -36.83 3.21 -24.89
CA ASP C 63 -36.33 2.37 -23.81
C ASP C 63 -34.82 2.42 -23.80
N VAL C 64 -34.24 2.79 -22.67
CA VAL C 64 -32.82 3.07 -22.57
C VAL C 64 -32.17 2.00 -21.69
N LYS C 65 -30.96 1.63 -22.05
CA LYS C 65 -30.18 0.70 -21.25
C LYS C 65 -28.89 1.38 -20.83
N VAL C 66 -28.79 1.68 -19.53
CA VAL C 66 -27.69 2.50 -19.01
C VAL C 66 -26.86 1.64 -18.08
N GLN C 67 -25.55 1.90 -18.07
CA GLN C 67 -24.69 1.19 -17.13
C GLN C 67 -23.38 1.91 -16.92
N GLY C 68 -22.88 1.90 -15.69
CA GLY C 68 -21.68 2.62 -15.31
C GLY C 68 -22.01 3.91 -14.59
N GLY C 69 -20.95 4.57 -14.11
CA GLY C 69 -21.07 5.89 -13.53
C GLY C 69 -21.90 5.92 -12.27
N GLY C 70 -22.64 6.99 -12.09
CA GLY C 70 -23.44 7.16 -10.90
C GLY C 70 -24.82 7.71 -11.19
N PHE C 71 -25.57 8.06 -10.14
CA PHE C 71 -26.97 8.39 -10.35
C PHE C 71 -27.15 9.68 -11.11
N MET C 72 -26.13 10.52 -11.18
CA MET C 72 -26.19 11.75 -11.94
C MET C 72 -25.39 11.70 -13.24
N GLY C 73 -24.43 10.79 -13.36
CA GLY C 73 -23.73 10.55 -14.59
C GLY C 73 -24.39 9.59 -15.52
N GLN C 74 -25.49 8.96 -15.10
CA GLN C 74 -26.32 8.16 -15.98
C GLN C 74 -27.51 8.91 -16.53
N ALA C 75 -28.05 9.86 -15.77
CA ALA C 75 -29.17 10.65 -16.27
C ALA C 75 -28.76 11.49 -17.46
N GLU C 76 -27.55 12.04 -17.45
CA GLU C 76 -27.14 12.84 -18.60
C GLU C 76 -26.82 11.96 -19.80
N ALA C 77 -26.32 10.75 -19.58
CA ALA C 77 -26.13 9.81 -20.68
C ALA C 77 -27.47 9.48 -21.33
N ALA C 78 -28.47 9.17 -20.51
CA ALA C 78 -29.80 8.92 -21.05
C ALA C 78 -30.33 10.13 -21.80
N ARG C 79 -30.07 11.33 -21.29
CA ARG C 79 -30.59 12.52 -21.96
C ARG C 79 -29.98 12.70 -23.34
N ILE C 80 -28.66 12.50 -23.44
CA ILE C 80 -28.01 12.61 -24.75
C ILE C 80 -28.56 11.58 -25.71
N ALA C 81 -28.74 10.34 -25.24
CA ALA C 81 -29.30 9.31 -26.10
C ALA C 81 -30.70 9.68 -26.59
N ILE C 82 -31.54 10.19 -25.69
CA ILE C 82 -32.92 10.49 -26.06
C ILE C 82 -32.99 11.64 -27.04
N ALA C 83 -32.20 12.69 -26.83
CA ALA C 83 -32.21 13.81 -27.76
C ALA C 83 -31.68 13.41 -29.13
N ARG C 84 -30.56 12.67 -29.15
CA ARG C 84 -30.02 12.23 -30.42
C ARG C 84 -30.98 11.32 -31.17
N ALA C 85 -31.81 10.56 -30.45
CA ALA C 85 -32.80 9.75 -31.16
C ALA C 85 -33.96 10.60 -31.66
N LEU C 86 -34.49 11.49 -30.82
CA LEU C 86 -35.63 12.30 -31.21
C LEU C 86 -35.31 13.19 -32.40
N VAL C 87 -34.05 13.58 -32.57
CA VAL C 87 -33.72 14.46 -33.70
C VAL C 87 -33.59 13.69 -35.01
N GLU C 88 -33.58 12.36 -34.97
CA GLU C 88 -33.50 11.54 -36.17
C GLU C 88 -34.84 10.95 -36.58
N TRP C 89 -35.60 10.43 -35.63
CA TRP C 89 -36.95 9.95 -35.92
C TRP C 89 -37.73 10.99 -36.69
N THR C 90 -37.99 12.13 -36.06
CA THR C 90 -38.80 13.16 -36.69
C THR C 90 -38.15 13.71 -37.95
N GLY C 91 -36.88 14.07 -37.88
CA GLY C 91 -36.21 14.62 -39.04
C GLY C 91 -36.68 16.00 -39.43
N ASP C 92 -36.87 16.89 -38.47
CA ASP C 92 -37.09 18.30 -38.75
C ASP C 92 -36.05 19.12 -38.02
N MET C 93 -35.68 20.25 -38.60
CA MET C 93 -34.57 21.05 -38.09
C MET C 93 -35.02 22.25 -37.30
N ASN C 94 -36.27 22.67 -37.40
CA ASN C 94 -36.79 23.60 -36.41
C ASN C 94 -36.77 23.02 -35.00
N LEU C 95 -36.56 21.72 -34.87
CA LEU C 95 -36.35 21.07 -33.58
C LEU C 95 -34.88 20.96 -33.22
N LYS C 96 -34.02 20.73 -34.21
CA LYS C 96 -32.59 20.76 -33.94
C LYS C 96 -32.13 22.17 -33.56
N GLU C 97 -32.87 23.18 -34.00
CA GLU C 97 -32.55 24.55 -33.60
C GLU C 97 -32.82 24.76 -32.12
N LYS C 98 -33.98 24.32 -31.64
CA LYS C 98 -34.34 24.50 -30.24
C LYS C 98 -33.49 23.68 -29.29
N PHE C 99 -32.86 22.62 -29.77
CA PHE C 99 -31.99 21.79 -28.95
C PHE C 99 -30.58 22.36 -28.84
N ILE C 100 -30.32 23.50 -29.48
CA ILE C 100 -29.00 24.12 -29.40
C ILE C 100 -29.05 25.52 -28.84
N LYS C 101 -30.15 26.24 -28.95
CA LYS C 101 -30.35 27.45 -28.17
C LYS C 101 -30.46 27.13 -26.69
N TYR C 102 -31.04 25.96 -26.36
CA TYR C 102 -31.25 25.61 -24.96
C TYR C 102 -29.98 25.02 -24.36
N ASP C 103 -29.48 23.92 -24.92
CA ASP C 103 -28.29 23.28 -24.37
C ASP C 103 -27.51 22.64 -25.50
N ARG C 104 -26.30 23.12 -25.76
CA ARG C 104 -25.58 22.64 -26.92
C ARG C 104 -25.10 21.21 -26.72
N THR C 105 -24.89 20.77 -25.49
CA THR C 105 -24.36 19.44 -25.26
C THR C 105 -25.41 18.34 -25.34
N MET C 106 -26.69 18.68 -25.49
CA MET C 106 -27.68 17.64 -25.73
C MET C 106 -27.41 16.92 -27.05
N LEU C 107 -26.54 17.46 -27.88
CA LEU C 107 -26.31 16.96 -29.22
C LEU C 107 -24.85 16.85 -29.62
N VAL C 108 -23.91 17.39 -28.83
CA VAL C 108 -22.49 17.21 -29.13
C VAL C 108 -21.73 16.42 -28.06
N GLY C 109 -22.17 16.45 -26.81
CA GLY C 109 -21.52 15.67 -25.78
C GLY C 109 -20.55 16.47 -24.91
N ASP C 110 -20.01 15.77 -23.91
CA ASP C 110 -19.11 16.35 -22.91
C ASP C 110 -17.84 15.53 -22.83
N PRO C 111 -16.68 16.09 -23.14
CA PRO C 111 -15.46 15.28 -23.20
C PRO C 111 -14.62 15.21 -21.93
N ARG C 112 -15.20 15.50 -20.76
CA ARG C 112 -14.43 15.64 -19.52
C ARG C 112 -14.34 14.33 -18.75
N ARG C 113 -13.11 13.96 -18.36
CA ARG C 113 -12.84 12.82 -17.51
C ARG C 113 -11.91 13.25 -16.39
N THR C 114 -11.77 12.40 -15.36
CA THR C 114 -10.92 12.74 -14.23
C THR C 114 -9.47 12.83 -14.65
N GLU C 115 -8.62 13.29 -13.73
CA GLU C 115 -7.20 13.45 -14.01
C GLU C 115 -6.38 12.54 -13.10
N PRO C 116 -5.37 11.89 -13.65
CA PRO C 116 -4.50 11.00 -12.86
C PRO C 116 -3.85 11.77 -11.71
N HIS C 117 -3.77 11.14 -10.54
CA HIS C 117 -3.18 11.77 -9.38
C HIS C 117 -1.66 11.67 -9.37
N LYS C 118 -1.00 12.62 -8.72
CA LYS C 118 0.45 12.65 -8.62
C LYS C 118 0.90 12.38 -7.19
N PRO C 119 2.19 12.10 -7.01
CA PRO C 119 2.73 11.80 -5.67
C PRO C 119 3.15 12.95 -4.74
N ASN C 120 2.21 13.46 -3.93
CA ASN C 120 2.60 13.99 -2.63
C ASN C 120 1.67 13.45 -1.56
N ARG C 121 0.40 13.34 -1.87
CA ARG C 121 -0.51 12.49 -1.11
C ARG C 121 -1.00 11.33 -1.95
N SER C 122 -1.31 11.58 -3.23
CA SER C 122 -1.60 10.60 -4.24
C SER C 122 -2.92 9.89 -4.02
N THR C 123 -3.53 10.05 -2.86
CA THR C 123 -4.83 9.49 -2.64
C THR C 123 -5.88 10.57 -2.48
N LYS C 124 -5.53 11.82 -2.73
CA LYS C 124 -6.47 12.92 -2.67
C LYS C 124 -6.62 13.68 -3.98
N GLY C 125 -5.56 13.77 -4.79
CA GLY C 125 -5.70 14.37 -6.09
C GLY C 125 -4.38 14.65 -6.78
N PRO C 126 -4.47 15.08 -8.04
CA PRO C 126 -3.27 15.49 -8.77
C PRO C 126 -2.55 16.66 -8.14
N ARG C 127 -3.28 17.64 -7.60
CA ARG C 127 -2.70 18.88 -7.15
C ARG C 127 -2.80 19.13 -5.65
N ALA C 128 -3.51 18.28 -4.91
CA ALA C 128 -3.50 18.36 -3.45
C ALA C 128 -2.18 17.84 -2.92
N LYS C 129 -1.62 18.53 -1.94
CA LYS C 129 -0.35 18.15 -1.32
C LYS C 129 -0.48 18.16 0.19
N ARG C 130 0.62 17.83 0.85
CA ARG C 130 0.71 17.76 2.31
C ARG C 130 0.77 19.17 2.87
N GLN C 131 1.17 19.33 4.13
CA GLN C 131 1.27 20.64 4.76
C GLN C 131 2.72 20.93 5.08
N LYS C 132 3.28 21.96 4.45
CA LYS C 132 4.67 22.35 4.69
C LYS C 132 4.91 22.61 6.17
N SER C 133 6.18 22.58 6.55
CA SER C 133 6.54 22.81 7.94
C SER C 133 8.00 23.27 8.01
N TYR C 134 8.18 24.57 8.09
CA TYR C 134 9.45 25.17 8.49
C TYR C 134 9.50 25.15 10.01
N ARG C 135 10.63 24.69 10.54
CA ARG C 135 10.80 24.53 12.00
C ARG C 135 9.87 23.47 12.59
N MET D 1 -13.13 -31.02 -39.60
CA MET D 1 -13.84 -30.28 -38.55
C MET D 1 -12.91 -30.04 -37.36
N GLN D 2 -13.46 -30.17 -36.15
CA GLN D 2 -12.69 -30.22 -34.91
C GLN D 2 -12.02 -28.91 -34.54
N LYS D 3 -12.10 -27.90 -35.39
CA LYS D 3 -11.90 -26.50 -35.03
C LYS D 3 -10.74 -26.31 -34.05
N ALA D 4 -9.54 -26.68 -34.49
CA ALA D 4 -8.36 -26.45 -33.67
C ALA D 4 -8.25 -24.99 -33.26
N ARG D 5 -7.66 -24.73 -32.10
CA ARG D 5 -7.65 -23.39 -31.52
C ARG D 5 -6.23 -23.01 -31.13
N ILE D 6 -5.65 -22.05 -31.85
CA ILE D 6 -4.28 -21.60 -31.67
C ILE D 6 -4.29 -20.31 -30.89
N LYS D 7 -3.34 -20.14 -29.97
CA LYS D 7 -3.30 -18.97 -29.09
C LYS D 7 -1.88 -18.42 -29.03
N LEU D 8 -1.68 -17.24 -29.58
CA LEU D 8 -0.39 -16.57 -29.56
C LEU D 8 -0.35 -15.56 -28.42
N ALA D 9 0.86 -15.16 -28.04
CA ALA D 9 1.07 -14.21 -26.95
C ALA D 9 2.51 -13.72 -27.05
N SER D 10 2.72 -12.41 -26.95
CA SER D 10 4.07 -11.88 -27.16
C SER D 10 4.16 -10.44 -26.71
N THR D 11 5.40 -9.97 -26.57
CA THR D 11 5.68 -8.61 -26.12
C THR D 11 5.95 -7.65 -27.27
N ASN D 12 6.58 -8.10 -28.34
CA ASN D 12 6.76 -7.30 -29.54
C ASN D 12 5.55 -7.48 -30.44
N VAL D 13 4.80 -6.40 -30.63
CA VAL D 13 3.54 -6.52 -31.37
C VAL D 13 3.80 -6.66 -32.85
N ARG D 14 4.99 -6.25 -33.31
CA ARG D 14 5.34 -6.43 -34.72
C ARG D 14 5.60 -7.90 -35.04
N SER D 15 6.28 -8.58 -34.15
CA SER D 15 6.64 -9.99 -34.27
C SER D 15 5.53 -10.92 -33.95
N LEU D 16 4.30 -10.44 -33.95
CA LEU D 16 3.11 -11.27 -33.79
C LEU D 16 2.26 -11.28 -35.06
N GLU D 17 2.10 -10.12 -35.67
CA GLU D 17 1.28 -9.99 -36.86
C GLU D 17 1.81 -10.85 -37.99
N GLU D 18 3.12 -11.04 -38.06
CA GLU D 18 3.65 -11.82 -39.17
C GLU D 18 3.35 -13.31 -39.00
N VAL D 19 3.37 -13.82 -37.78
CA VAL D 19 2.93 -15.20 -37.59
C VAL D 19 1.45 -15.34 -37.87
N ALA D 20 0.64 -14.38 -37.42
CA ALA D 20 -0.78 -14.42 -37.71
C ALA D 20 -1.02 -14.41 -39.22
N ASN D 21 -0.22 -13.65 -39.97
CA ASN D 21 -0.41 -13.57 -41.42
C ASN D 21 0.08 -14.82 -42.13
N GLN D 22 1.14 -15.45 -41.63
CA GLN D 22 1.53 -16.75 -42.17
C GLN D 22 0.39 -17.75 -42.03
N ILE D 23 -0.27 -17.77 -40.87
CA ILE D 23 -1.38 -18.71 -40.70
C ILE D 23 -2.55 -18.32 -41.61
N LYS D 24 -2.81 -17.02 -41.74
CA LYS D 24 -3.88 -16.56 -42.63
C LYS D 24 -3.62 -17.00 -44.06
N GLN D 25 -2.37 -16.88 -44.51
CA GLN D 25 -2.00 -17.38 -45.83
C GLN D 25 -2.28 -18.86 -45.95
N ILE D 26 -1.71 -19.64 -45.02
CA ILE D 26 -1.82 -21.10 -45.10
C ILE D 26 -3.27 -21.52 -45.18
N ALA D 27 -4.16 -20.80 -44.51
CA ALA D 27 -5.57 -21.10 -44.62
C ALA D 27 -6.10 -20.71 -46.00
N GLU D 28 -5.70 -19.55 -46.51
CA GLU D 28 -6.27 -19.07 -47.76
C GLU D 28 -5.79 -19.89 -48.95
N ARG D 29 -4.51 -20.24 -48.97
CA ARG D 29 -3.98 -21.05 -50.06
C ARG D 29 -4.71 -22.38 -50.16
N THR D 30 -5.12 -22.94 -49.03
CA THR D 30 -5.88 -24.18 -48.98
C THR D 30 -7.37 -23.82 -48.95
N GLY D 31 -8.24 -24.83 -49.04
CA GLY D 31 -9.65 -24.57 -48.88
C GLY D 31 -10.12 -24.89 -47.49
N VAL D 32 -10.18 -23.88 -46.63
CA VAL D 32 -10.55 -24.08 -45.23
C VAL D 32 -10.94 -22.74 -44.65
N ARG D 33 -11.89 -22.74 -43.71
CA ARG D 33 -12.36 -21.50 -43.10
C ARG D 33 -11.48 -21.14 -41.91
N MET D 34 -11.60 -19.89 -41.46
CA MET D 34 -10.74 -19.38 -40.41
C MET D 34 -11.39 -18.17 -39.77
N SER D 35 -11.38 -18.13 -38.43
CA SER D 35 -11.86 -16.98 -37.67
C SER D 35 -10.71 -16.02 -37.46
N GLY D 36 -10.81 -14.83 -38.03
CA GLY D 36 -9.73 -13.87 -38.05
C GLY D 36 -9.16 -13.63 -36.68
N PRO D 37 -7.95 -13.11 -36.59
CA PRO D 37 -7.31 -12.97 -35.29
C PRO D 37 -8.13 -12.08 -34.36
N ILE D 38 -8.58 -12.67 -33.25
CA ILE D 38 -9.41 -11.97 -32.28
C ILE D 38 -8.49 -11.37 -31.23
N PRO D 39 -8.52 -10.06 -31.00
CA PRO D 39 -7.61 -9.45 -30.03
C PRO D 39 -8.17 -9.54 -28.62
N LEU D 40 -7.40 -10.10 -27.73
CA LEU D 40 -7.79 -10.14 -26.33
C LEU D 40 -7.07 -9.05 -25.57
N PRO D 41 -7.59 -8.62 -24.42
CA PRO D 41 -7.07 -7.41 -23.78
C PRO D 41 -5.61 -7.57 -23.37
N THR D 42 -4.84 -6.52 -23.59
CA THR D 42 -3.43 -6.50 -23.19
C THR D 42 -3.32 -6.57 -21.68
N LYS D 43 -2.26 -7.18 -21.20
CA LYS D 43 -2.03 -7.41 -19.79
C LYS D 43 -0.74 -6.71 -19.39
N ARG D 44 -0.85 -5.45 -19.02
CA ARG D 44 0.30 -4.64 -18.60
C ARG D 44 0.56 -4.86 -17.12
N ILE D 45 1.81 -5.10 -16.76
CA ILE D 45 2.21 -5.26 -15.37
C ILE D 45 3.05 -4.06 -14.99
N ARG D 46 2.82 -3.51 -13.79
CA ARG D 46 3.31 -2.20 -13.41
C ARG D 46 3.92 -2.25 -12.02
N ILE D 47 5.04 -1.55 -11.84
CA ILE D 47 5.85 -1.64 -10.64
C ILE D 47 6.33 -0.25 -10.28
N VAL D 48 5.99 0.21 -9.07
CA VAL D 48 6.37 1.53 -8.58
C VAL D 48 7.44 1.36 -7.51
N THR D 49 8.50 2.17 -7.58
CA THR D 49 9.63 1.98 -6.70
C THR D 49 10.28 3.32 -6.43
N ARG D 50 10.69 3.52 -5.18
CA ARG D 50 11.36 4.75 -4.77
C ARG D 50 12.68 4.87 -5.50
N LYS D 51 13.17 6.09 -5.66
CA LYS D 51 14.27 6.32 -6.58
C LYS D 51 15.61 6.49 -5.88
N SER D 52 15.63 6.69 -4.55
CA SER D 52 16.90 6.97 -3.90
C SER D 52 17.34 5.81 -3.01
N PRO D 53 18.64 5.59 -2.88
CA PRO D 53 19.14 4.46 -2.10
C PRO D 53 19.00 4.65 -0.60
N ASP D 54 19.23 5.86 -0.13
CA ASP D 54 19.04 6.26 1.26
C ASP D 54 17.66 6.92 1.43
N GLY D 55 17.51 7.71 2.49
CA GLY D 55 16.24 8.34 2.77
C GLY D 55 16.18 9.85 2.72
N GLU D 56 17.26 10.51 2.34
CA GLU D 56 17.33 11.95 2.32
C GLU D 56 16.76 12.51 1.01
N GLY D 57 16.34 13.76 1.05
CA GLY D 57 15.73 14.39 -0.09
C GLY D 57 14.22 14.17 -0.15
N SER D 58 13.58 14.92 -1.02
CA SER D 58 12.18 14.67 -1.29
C SER D 58 12.01 13.31 -1.97
N ALA D 59 10.83 12.73 -1.83
CA ALA D 59 10.58 11.38 -2.33
C ALA D 59 10.01 11.49 -3.74
N THR D 60 10.71 10.87 -4.69
CA THR D 60 10.29 10.79 -6.08
C THR D 60 10.35 9.34 -6.52
N PHE D 61 9.47 8.94 -7.42
CA PHE D 61 9.25 7.54 -7.74
C PHE D 61 9.44 7.24 -9.23
N ASP D 62 9.35 5.96 -9.55
CA ASP D 62 9.45 5.40 -10.88
C ASP D 62 8.18 4.64 -11.23
N ARG D 63 7.93 4.45 -12.52
CA ARG D 63 6.81 3.63 -12.96
C ARG D 63 7.28 2.77 -14.13
N TRP D 64 7.75 1.58 -13.84
CA TRP D 64 8.18 0.64 -14.86
C TRP D 64 7.01 -0.20 -15.33
N GLU D 65 7.02 -0.57 -16.61
CA GLU D 65 5.87 -1.22 -17.21
C GLU D 65 6.30 -2.26 -18.24
N LEU D 66 5.49 -3.30 -18.38
CA LEU D 66 5.73 -4.41 -19.29
C LEU D 66 4.39 -4.85 -19.84
N ARG D 67 4.20 -4.75 -21.15
CA ARG D 67 2.92 -5.07 -21.78
C ARG D 67 3.04 -6.35 -22.60
N ILE D 68 1.96 -7.13 -22.62
CA ILE D 68 1.96 -8.48 -23.16
C ILE D 68 0.72 -8.66 -24.02
N HIS D 69 0.91 -8.81 -25.32
CA HIS D 69 -0.18 -8.79 -26.29
C HIS D 69 -0.61 -10.20 -26.70
N LYS D 70 -1.92 -10.40 -26.86
CA LYS D 70 -2.50 -11.71 -27.10
C LYS D 70 -3.44 -11.72 -28.30
N ARG D 71 -3.60 -12.89 -28.92
CA ARG D 71 -4.45 -13.09 -30.09
C ARG D 71 -5.15 -14.45 -29.99
N LEU D 72 -6.13 -14.69 -30.87
CA LEU D 72 -6.89 -15.94 -30.83
C LEU D 72 -7.36 -16.30 -32.24
N ILE D 73 -7.25 -17.59 -32.60
CA ILE D 73 -7.53 -18.07 -33.95
C ILE D 73 -8.21 -19.43 -33.87
N ASP D 74 -9.27 -19.61 -34.65
CA ASP D 74 -9.92 -20.89 -34.85
C ASP D 74 -9.68 -21.36 -36.28
N ILE D 75 -9.61 -22.68 -36.48
CA ILE D 75 -9.36 -23.23 -37.81
C ILE D 75 -9.77 -24.70 -37.86
N GLU D 76 -10.24 -25.14 -39.02
CA GLU D 76 -10.71 -26.50 -39.24
C GLU D 76 -9.51 -27.45 -39.32
N ALA D 77 -9.72 -28.72 -38.97
CA ALA D 77 -8.63 -29.68 -38.81
C ALA D 77 -8.41 -30.44 -40.11
N ASP D 78 -7.51 -29.95 -40.94
CA ASP D 78 -7.12 -30.61 -42.18
C ASP D 78 -5.63 -30.92 -42.13
N GLU D 79 -5.28 -32.18 -42.43
CA GLU D 79 -3.86 -32.54 -42.51
C GLU D 79 -3.12 -31.67 -43.50
N ARG D 80 -3.78 -31.28 -44.60
CA ARG D 80 -3.19 -30.35 -45.53
C ARG D 80 -2.91 -28.99 -44.88
N ALA D 81 -3.65 -28.63 -43.85
CA ALA D 81 -3.43 -27.40 -43.09
C ALA D 81 -2.68 -27.63 -41.80
N MET D 82 -3.02 -28.68 -41.05
CA MET D 82 -2.28 -28.99 -39.84
C MET D 82 -0.80 -29.19 -40.13
N ARG D 83 -0.47 -29.99 -41.15
CA ARG D 83 0.93 -30.19 -41.49
C ARG D 83 1.62 -28.87 -41.78
N GLN D 84 0.93 -27.97 -42.49
CA GLN D 84 1.55 -26.72 -42.88
C GLN D 84 1.77 -25.79 -41.69
N ILE D 85 0.94 -25.89 -40.66
CA ILE D 85 1.07 -25.01 -39.51
C ILE D 85 2.05 -25.59 -38.48
N MET D 86 2.77 -26.65 -38.85
CA MET D 86 3.72 -27.27 -37.93
C MET D 86 5.17 -26.94 -38.25
N ARG D 87 5.46 -26.51 -39.46
CA ARG D 87 6.79 -26.03 -39.83
C ARG D 87 6.84 -24.51 -39.91
N ILE D 88 6.11 -23.82 -39.04
CA ILE D 88 5.89 -22.39 -39.23
C ILE D 88 7.01 -21.56 -38.62
N ARG D 89 7.81 -22.14 -37.72
CA ARG D 89 9.03 -21.50 -37.22
C ARG D 89 8.74 -20.17 -36.51
N VAL D 90 8.13 -20.28 -35.34
CA VAL D 90 7.83 -19.08 -34.54
C VAL D 90 9.14 -18.39 -34.18
N PRO D 91 9.14 -17.07 -33.98
CA PRO D 91 10.32 -16.41 -33.43
C PRO D 91 10.49 -16.75 -31.96
N GLU D 92 11.51 -16.19 -31.31
CA GLU D 92 11.83 -16.58 -29.95
C GLU D 92 10.84 -16.06 -28.91
N ASP D 93 10.42 -14.80 -29.02
CA ASP D 93 9.57 -14.18 -28.02
C ASP D 93 8.10 -14.29 -28.36
N VAL D 94 7.69 -15.38 -28.98
CA VAL D 94 6.30 -15.63 -29.32
C VAL D 94 5.93 -17.01 -28.79
N THR D 95 4.88 -17.06 -27.99
CA THR D 95 4.44 -18.31 -27.38
C THR D 95 3.16 -18.78 -28.03
N ILE D 96 3.16 -20.01 -28.51
CA ILE D 96 2.07 -20.57 -29.31
C ILE D 96 1.55 -21.83 -28.63
N GLU D 97 0.25 -22.05 -28.72
CA GLU D 97 -0.39 -23.18 -28.07
C GLU D 97 -1.57 -23.66 -28.90
N ILE D 98 -1.58 -24.96 -29.20
CA ILE D 98 -2.59 -25.57 -30.06
C ILE D 98 -3.30 -26.67 -29.28
N GLU D 99 -4.60 -26.79 -29.49
CA GLU D 99 -5.38 -27.79 -28.78
C GLU D 99 -6.73 -27.95 -29.45
N LEU D 100 -7.10 -29.19 -29.76
CA LEU D 100 -8.32 -29.47 -30.50
C LEU D 100 -9.54 -29.32 -29.61
N ILE D 101 -10.65 -28.98 -30.23
CA ILE D 101 -11.91 -28.83 -29.52
C ILE D 101 -12.97 -29.68 -30.21
N ASP E 3 -53.55 9.47 36.67
CA ASP E 3 -52.78 8.31 37.09
C ASP E 3 -51.30 8.44 36.70
N PHE E 4 -50.97 9.56 36.06
CA PHE E 4 -49.61 9.84 35.62
C PHE E 4 -48.75 10.27 36.80
N ARG E 5 -47.48 9.88 36.78
CA ARG E 5 -46.58 10.15 37.87
C ARG E 5 -45.28 10.72 37.31
N HIS E 6 -44.71 11.69 38.00
CA HIS E 6 -43.57 12.43 37.47
C HIS E 6 -42.22 11.88 37.86
N ILE E 7 -42.13 11.10 38.93
CA ILE E 7 -40.88 10.45 39.34
C ILE E 7 -41.23 9.06 39.83
N VAL E 8 -40.71 8.04 39.16
CA VAL E 8 -40.91 6.66 39.56
C VAL E 8 -39.58 6.13 40.09
N ARG E 9 -39.66 5.24 41.05
CA ARG E 9 -38.47 4.65 41.65
C ARG E 9 -38.50 3.15 41.46
N VAL E 10 -37.54 2.64 40.71
CA VAL E 10 -37.45 1.21 40.43
C VAL E 10 -36.02 0.75 40.64
N ALA E 11 -35.83 -0.27 41.46
CA ALA E 11 -34.53 -0.87 41.73
C ALA E 11 -33.52 0.20 42.17
N GLY E 12 -33.77 0.74 43.35
CA GLY E 12 -32.83 1.70 43.87
C GLY E 12 -33.12 3.09 43.38
N VAL E 13 -32.46 3.48 42.29
CA VAL E 13 -32.54 4.85 41.80
C VAL E 13 -33.92 5.15 41.26
N ASP E 14 -34.37 6.39 41.46
CA ASP E 14 -35.62 6.89 40.92
C ASP E 14 -35.37 7.56 39.58
N LEU E 15 -36.24 7.29 38.63
CA LEU E 15 -36.01 7.67 37.24
C LEU E 15 -37.17 8.44 36.65
N ASP E 16 -36.87 9.14 35.56
CA ASP E 16 -37.70 10.19 35.00
C ASP E 16 -39.08 9.65 34.65
N GLY E 17 -40.01 10.57 34.40
CA GLY E 17 -41.37 10.15 34.14
C GLY E 17 -41.89 10.64 32.81
N ASN E 18 -41.12 11.50 32.16
CA ASN E 18 -41.45 12.02 30.83
C ASN E 18 -40.50 11.54 29.76
N LYS E 19 -39.96 10.33 29.88
CA LYS E 19 -39.12 9.73 28.87
C LYS E 19 -39.66 8.37 28.47
N GLN E 20 -39.18 7.88 27.33
CA GLN E 20 -39.56 6.55 26.88
C GLN E 20 -38.93 5.49 27.77
N LEU E 21 -39.74 4.50 28.16
CA LEU E 21 -39.36 3.55 29.19
C LEU E 21 -38.00 2.94 28.93
N ARG E 22 -37.63 2.78 27.68
CA ARG E 22 -36.35 2.17 27.36
C ARG E 22 -35.19 3.10 27.66
N TRP E 23 -35.42 4.41 27.69
CA TRP E 23 -34.34 5.34 27.95
C TRP E 23 -34.28 5.81 29.38
N ALA E 24 -35.37 5.64 30.14
CA ALA E 24 -35.35 5.95 31.55
C ALA E 24 -34.65 4.86 32.36
N LEU E 25 -34.69 3.62 31.89
CA LEU E 25 -34.03 2.51 32.55
C LEU E 25 -32.53 2.51 32.35
N THR E 26 -31.97 3.46 31.61
CA THR E 26 -30.53 3.50 31.42
C THR E 26 -29.85 4.22 32.56
N ALA E 27 -30.59 5.02 33.32
CA ALA E 27 -30.02 5.74 34.44
C ALA E 27 -29.45 4.81 35.48
N ILE E 28 -29.88 3.55 35.50
CA ILE E 28 -29.32 2.56 36.41
C ILE E 28 -27.93 2.20 35.93
N LYS E 29 -26.94 2.28 36.82
CA LYS E 29 -25.57 1.95 36.45
C LYS E 29 -25.42 0.44 36.37
N GLY E 30 -25.22 -0.08 35.16
CA GLY E 30 -25.31 -1.50 34.90
C GLY E 30 -26.37 -1.87 33.88
N VAL E 31 -26.98 -0.89 33.20
CA VAL E 31 -27.96 -1.12 32.15
C VAL E 31 -27.66 -0.14 31.02
N GLY E 32 -27.52 -0.64 29.80
CA GLY E 32 -27.34 0.20 28.64
C GLY E 32 -28.62 0.30 27.84
N ILE E 33 -28.50 0.61 26.57
CA ILE E 33 -29.69 0.69 25.73
C ILE E 33 -29.97 -0.63 25.05
N ASN E 34 -28.94 -1.42 24.75
CA ASN E 34 -29.18 -2.73 24.20
C ASN E 34 -29.77 -3.68 25.22
N PHE E 35 -29.47 -3.51 26.49
CA PHE E 35 -29.97 -4.42 27.50
C PHE E 35 -31.34 -4.01 28.04
N ALA E 36 -31.66 -2.72 28.07
CA ALA E 36 -32.96 -2.29 28.53
C ALA E 36 -34.07 -2.72 27.58
N THR E 37 -33.81 -2.63 26.28
CA THR E 37 -34.77 -3.09 25.29
C THR E 37 -35.12 -4.55 25.50
N MET E 38 -34.13 -5.36 25.85
CA MET E 38 -34.37 -6.79 26.08
C MET E 38 -35.31 -7.00 27.25
N VAL E 39 -35.14 -6.25 28.34
CA VAL E 39 -35.95 -6.52 29.52
C VAL E 39 -37.35 -5.95 29.34
N CYS E 40 -37.49 -4.90 28.54
CA CYS E 40 -38.85 -4.46 28.22
C CYS E 40 -39.56 -5.46 27.31
N ARG E 41 -38.83 -6.09 26.40
CA ARG E 41 -39.43 -7.08 25.51
C ARG E 41 -39.70 -8.39 26.24
N VAL E 42 -38.98 -8.66 27.33
CA VAL E 42 -39.20 -9.89 28.08
C VAL E 42 -40.31 -9.70 29.10
N ALA E 43 -40.31 -8.58 29.81
CA ALA E 43 -41.41 -8.29 30.73
C ALA E 43 -42.72 -8.18 29.97
N GLY E 44 -42.66 -7.97 28.67
CA GLY E 44 -43.81 -8.10 27.81
C GLY E 44 -44.53 -6.81 27.53
N LEU E 45 -43.89 -5.69 27.84
CA LEU E 45 -44.54 -4.40 27.66
C LEU E 45 -43.71 -3.53 26.72
N ASP E 46 -44.38 -2.58 26.09
CA ASP E 46 -43.82 -1.79 25.03
C ASP E 46 -42.63 -0.96 25.53
N PRO E 47 -41.56 -0.86 24.75
CA PRO E 47 -40.44 0.01 25.12
C PRO E 47 -40.60 1.47 24.74
N PHE E 48 -41.73 1.90 24.21
CA PHE E 48 -41.92 3.28 23.82
C PHE E 48 -42.88 4.02 24.74
N MET E 49 -43.47 3.36 25.73
CA MET E 49 -44.38 4.01 26.65
C MET E 49 -43.63 4.92 27.60
N LYS E 50 -44.30 5.96 28.07
CA LYS E 50 -43.69 6.91 28.99
C LYS E 50 -43.61 6.31 30.39
N ALA E 51 -42.41 6.37 30.99
CA ALA E 51 -42.14 5.66 32.23
C ALA E 51 -43.15 6.00 33.33
N GLY E 52 -43.71 7.21 33.31
CA GLY E 52 -44.63 7.61 34.36
C GLY E 52 -45.92 6.81 34.39
N TYR E 53 -46.21 6.04 33.35
CA TYR E 53 -47.41 5.23 33.30
C TYR E 53 -47.21 3.83 33.90
N LEU E 54 -46.07 3.57 34.51
CA LEU E 54 -45.80 2.29 35.14
C LEU E 54 -46.61 2.19 36.42
N THR E 55 -47.54 1.25 36.48
CA THR E 55 -48.18 0.95 37.74
C THR E 55 -47.22 0.15 38.63
N ASP E 56 -47.74 -0.35 39.74
CA ASP E 56 -46.89 -1.02 40.72
C ASP E 56 -46.55 -2.45 40.33
N GLU E 57 -47.50 -3.21 39.80
CA GLU E 57 -47.20 -4.56 39.37
C GLU E 57 -46.12 -4.59 38.31
N GLN E 58 -46.08 -3.59 37.43
CA GLN E 58 -45.06 -3.57 36.41
C GLN E 58 -43.68 -3.25 36.98
N VAL E 59 -43.59 -2.34 37.95
CA VAL E 59 -42.32 -2.12 38.62
C VAL E 59 -41.87 -3.40 39.31
N LYS E 60 -42.81 -4.15 39.87
CA LYS E 60 -42.44 -5.40 40.53
C LYS E 60 -41.90 -6.41 39.55
N LYS E 61 -42.53 -6.51 38.38
CA LYS E 61 -42.04 -7.43 37.36
C LYS E 61 -40.66 -7.01 36.84
N ILE E 62 -40.45 -5.70 36.65
CA ILE E 62 -39.15 -5.24 36.18
C ILE E 62 -38.08 -5.57 37.20
N GLU E 63 -38.33 -5.27 38.47
CA GLU E 63 -37.32 -5.54 39.49
C GLU E 63 -37.06 -7.03 39.64
N GLU E 64 -38.08 -7.85 39.46
CA GLU E 64 -37.86 -9.29 39.49
C GLU E 64 -36.97 -9.74 38.35
N ILE E 65 -37.20 -9.23 37.15
CA ILE E 65 -36.38 -9.61 36.01
C ILE E 65 -34.96 -9.10 36.16
N LEU E 66 -34.77 -8.04 36.93
CA LEU E 66 -33.43 -7.52 37.12
C LEU E 66 -32.60 -8.35 38.10
N GLN E 67 -33.25 -9.23 38.86
CA GLN E 67 -32.57 -10.00 39.91
C GLN E 67 -31.99 -11.33 39.43
N ASP E 68 -32.58 -11.93 38.40
CA ASP E 68 -31.96 -13.06 37.71
C ASP E 68 -32.46 -13.05 36.28
N PRO E 69 -31.77 -12.35 35.38
CA PRO E 69 -32.22 -12.27 34.00
C PRO E 69 -32.18 -13.58 33.26
N VAL E 70 -31.25 -14.49 33.57
CA VAL E 70 -31.16 -15.72 32.80
C VAL E 70 -32.37 -16.61 33.07
N ALA E 71 -32.85 -16.65 34.29
CA ALA E 71 -33.98 -17.50 34.65
C ALA E 71 -35.31 -17.00 34.11
N HIS E 72 -35.32 -15.95 33.31
CA HIS E 72 -36.55 -15.41 32.77
C HIS E 72 -36.59 -15.41 31.26
N GLY E 73 -35.45 -15.47 30.58
CA GLY E 73 -35.49 -15.54 29.14
C GLY E 73 -34.34 -14.85 28.43
N ILE E 74 -33.64 -13.97 29.13
CA ILE E 74 -32.47 -13.30 28.56
C ILE E 74 -31.41 -14.35 28.27
N PRO E 75 -30.75 -14.30 27.11
CA PRO E 75 -29.65 -15.23 26.86
C PRO E 75 -28.53 -15.03 27.87
N ARG E 76 -27.55 -15.92 27.81
CA ARG E 76 -26.42 -15.85 28.73
C ARG E 76 -25.15 -15.40 28.05
N TRP E 77 -25.24 -14.87 26.84
CA TRP E 77 -24.14 -14.15 26.23
C TRP E 77 -24.34 -12.65 26.31
N ALA E 78 -25.34 -12.21 27.07
CA ALA E 78 -25.77 -10.83 27.14
C ALA E 78 -25.96 -10.39 28.58
N VAL E 79 -25.10 -10.86 29.47
CA VAL E 79 -25.18 -10.51 30.87
C VAL E 79 -23.91 -9.79 31.27
N ASN E 80 -23.94 -9.17 32.46
CA ASN E 80 -22.89 -8.23 32.84
C ASN E 80 -21.56 -8.93 33.02
N ARG E 81 -21.54 -10.04 33.75
CA ARG E 81 -20.36 -10.88 33.86
C ARG E 81 -20.75 -12.35 33.85
N PRO E 82 -20.38 -13.08 32.82
CA PRO E 82 -20.64 -14.53 32.79
C PRO E 82 -19.47 -15.32 33.36
N LYS E 83 -19.82 -16.46 33.96
CA LYS E 83 -18.85 -17.32 34.63
C LYS E 83 -18.13 -16.57 35.75
N ASP E 84 -18.89 -16.33 36.81
CA ASP E 84 -18.37 -15.69 38.00
C ASP E 84 -17.12 -16.41 38.51
N TYR E 85 -16.19 -15.66 39.09
CA TYR E 85 -14.94 -16.25 39.50
C TYR E 85 -15.09 -17.17 40.69
N GLU E 86 -15.99 -16.88 41.61
CA GLU E 86 -16.18 -17.75 42.76
C GLU E 86 -16.99 -18.98 42.40
N THR E 87 -17.96 -18.86 41.51
CA THR E 87 -18.79 -19.98 41.09
C THR E 87 -19.13 -19.82 39.62
N GLY E 88 -19.41 -20.92 38.94
CA GLY E 88 -19.59 -20.86 37.50
C GLY E 88 -20.91 -20.31 37.01
N ARG E 89 -21.61 -19.55 37.83
CA ARG E 89 -22.90 -19.02 37.43
C ARG E 89 -22.74 -17.88 36.43
N ASP E 90 -23.86 -17.43 35.89
CA ASP E 90 -23.91 -16.27 34.99
C ASP E 90 -24.71 -15.16 35.65
N LEU E 91 -24.04 -14.07 36.00
CA LEU E 91 -24.63 -13.04 36.82
C LEU E 91 -24.62 -11.71 36.09
N HIS E 92 -25.64 -10.88 36.39
CA HIS E 92 -25.72 -9.50 35.91
C HIS E 92 -25.95 -8.61 37.13
N LEU E 93 -25.00 -7.73 37.42
CA LEU E 93 -25.03 -6.92 38.63
C LEU E 93 -25.31 -5.45 38.30
N ILE E 94 -25.89 -4.74 39.26
CA ILE E 94 -26.27 -3.35 39.06
C ILE E 94 -25.68 -2.46 40.15
N THR E 95 -26.15 -1.21 40.20
CA THR E 95 -25.43 -0.05 40.72
C THR E 95 -24.45 -0.29 41.87
N ALA E 96 -24.91 -0.80 43.01
CA ALA E 96 -24.08 -0.75 44.21
C ALA E 96 -23.17 -1.96 44.31
N LYS E 97 -23.60 -3.08 43.75
CA LYS E 97 -22.82 -4.30 43.80
C LYS E 97 -22.00 -4.53 42.54
N LEU E 98 -22.09 -3.65 41.55
CA LEU E 98 -21.26 -3.79 40.37
C LEU E 98 -19.86 -3.27 40.63
N ASP E 99 -19.74 -2.10 41.25
CA ASP E 99 -18.42 -1.53 41.46
C ASP E 99 -17.64 -2.24 42.55
N MET E 100 -18.34 -2.87 43.50
CA MET E 100 -17.64 -3.72 44.47
C MET E 100 -17.00 -4.93 43.79
N ALA E 101 -17.65 -5.47 42.76
CA ALA E 101 -17.07 -6.59 42.03
C ALA E 101 -15.80 -6.17 41.30
N ILE E 102 -15.82 -5.01 40.67
CA ILE E 102 -14.63 -4.54 39.97
C ILE E 102 -13.52 -4.22 40.96
N ARG E 103 -13.89 -3.69 42.13
CA ARG E 103 -12.90 -3.42 43.16
C ARG E 103 -12.22 -4.71 43.61
N GLU E 104 -12.99 -5.76 43.86
CA GLU E 104 -12.39 -7.03 44.24
C GLU E 104 -11.61 -7.65 43.10
N ASP E 105 -12.06 -7.47 41.86
CA ASP E 105 -11.32 -7.95 40.71
C ASP E 105 -9.98 -7.28 40.54
N ILE E 106 -9.83 -6.04 40.99
CA ILE E 106 -8.52 -5.40 40.93
C ILE E 106 -7.67 -5.76 42.13
N MET E 107 -8.29 -5.87 43.31
CA MET E 107 -7.52 -6.29 44.47
C MET E 107 -6.93 -7.68 44.29
N ARG E 108 -7.62 -8.57 43.58
CA ARG E 108 -7.06 -9.88 43.34
C ARG E 108 -5.78 -9.79 42.53
N LEU E 109 -5.78 -9.01 41.45
CA LEU E 109 -4.58 -8.81 40.67
C LEU E 109 -3.49 -8.09 41.42
N ARG E 110 -3.85 -7.32 42.45
CA ARG E 110 -2.80 -6.65 43.21
C ARG E 110 -2.19 -7.57 44.25
N ARG E 111 -2.93 -8.57 44.72
CA ARG E 111 -2.40 -9.45 45.76
C ARG E 111 -1.25 -10.30 45.24
N ILE E 112 -1.42 -10.90 44.06
CA ILE E 112 -0.40 -11.79 43.53
C ILE E 112 0.74 -11.06 42.85
N ARG E 113 0.62 -9.74 42.68
CA ARG E 113 1.67 -8.90 42.11
C ARG E 113 1.91 -9.22 40.63
N ALA E 114 0.82 -9.24 39.86
CA ALA E 114 0.91 -9.49 38.43
C ALA E 114 1.36 -8.21 37.74
N TYR E 115 1.59 -8.30 36.43
CA TYR E 115 2.02 -7.12 35.69
C TYR E 115 0.88 -6.14 35.50
N ARG E 116 -0.35 -6.63 35.43
CA ARG E 116 -1.52 -5.81 35.19
C ARG E 116 -2.07 -5.18 36.46
N GLY E 117 -1.64 -5.63 37.63
CA GLY E 117 -2.07 -5.05 38.89
C GLY E 117 -1.13 -3.95 39.33
N ILE E 118 0.12 -4.04 38.89
CA ILE E 118 1.07 -2.98 39.18
C ILE E 118 0.78 -1.74 38.34
N ARG E 119 0.35 -1.93 37.09
CA ARG E 119 -0.05 -0.78 36.30
C ARG E 119 -1.28 -0.11 36.89
N HIS E 120 -2.12 -0.88 37.58
CA HIS E 120 -3.21 -0.27 38.33
C HIS E 120 -2.70 0.47 39.56
N GLU E 121 -1.65 -0.05 40.20
CA GLU E 121 -1.05 0.67 41.33
C GLU E 121 -0.56 2.04 40.89
N LEU E 122 0.25 2.08 39.84
CA LEU E 122 0.91 3.31 39.43
C LEU E 122 -0.02 4.29 38.75
N GLY E 123 -1.16 3.85 38.24
CA GLY E 123 -2.02 4.72 37.47
C GLY E 123 -1.52 4.98 36.07
N LEU E 124 -1.11 3.94 35.38
CA LEU E 124 -0.55 4.05 34.04
C LEU E 124 -1.36 3.18 33.09
N PRO E 125 -1.22 3.31 31.76
CA PRO E 125 -2.05 2.52 30.84
C PRO E 125 -1.87 1.02 31.00
N VAL E 126 -2.98 0.28 30.92
CA VAL E 126 -2.99 -1.13 31.28
C VAL E 126 -3.06 -2.05 30.08
N ARG E 127 -3.64 -1.65 28.96
CA ARG E 127 -3.86 -2.52 27.82
C ARG E 127 -2.85 -2.27 26.71
N GLY E 128 -1.63 -1.93 27.09
CA GLY E 128 -0.51 -1.96 26.17
C GLY E 128 -0.41 -0.84 25.16
N GLN E 129 -0.74 0.38 25.56
CA GLN E 129 -0.56 1.52 24.67
C GLN E 129 0.86 2.05 24.78
N ARG E 130 1.18 3.00 23.92
CA ARG E 130 2.48 3.65 23.92
C ARG E 130 2.43 4.94 24.74
N THR E 131 3.54 5.25 25.40
CA THR E 131 3.50 6.31 26.40
C THR E 131 4.61 7.33 26.20
N ARG E 132 4.92 7.71 24.97
CA ARG E 132 5.92 8.76 24.78
C ARG E 132 5.29 10.08 24.40
N SER E 133 4.16 10.08 23.70
CA SER E 133 3.62 11.32 23.15
C SER E 133 2.22 11.65 23.66
N ASN E 134 1.46 10.66 24.07
CA ASN E 134 0.10 10.88 24.57
C ASN E 134 0.04 10.47 26.03
N PHE E 135 -1.16 10.45 26.58
CA PHE E 135 -1.40 10.08 27.98
C PHE E 135 -0.63 11.01 28.92
N ARG E 136 -0.64 12.30 28.60
CA ARG E 136 0.09 13.31 29.36
C ARG E 136 -0.90 14.04 30.26
N ARG E 137 -0.97 13.59 31.51
CA ARG E 137 -1.89 14.18 32.47
C ARG E 137 -1.22 15.19 33.40
N GLY E 138 0.10 15.21 33.46
CA GLY E 138 0.85 16.10 34.32
C GLY E 138 0.98 17.50 33.75
N GLN E 139 1.85 18.30 34.38
CA GLN E 139 1.99 19.71 34.04
C GLN E 139 3.43 20.00 33.59
N THR E 140 3.56 20.99 32.70
CA THR E 140 4.81 21.27 31.99
C THR E 140 6.03 21.47 32.88
N VAL E 141 7.20 21.39 32.26
CA VAL E 141 8.51 21.54 32.90
C VAL E 141 9.39 22.33 31.94
N GLY E 142 10.42 23.00 32.47
CA GLY E 142 11.30 23.82 31.67
C GLY E 142 12.78 23.63 31.95
N VAL E 143 13.59 24.34 31.16
CA VAL E 143 15.04 24.32 31.31
C VAL E 143 15.49 25.67 31.87
N SER E 144 15.21 26.76 31.15
CA SER E 144 15.51 28.10 31.62
C SER E 144 14.96 29.13 30.64
N ARG E 145 14.57 30.29 31.18
CA ARG E 145 14.20 31.46 30.36
C ARG E 145 14.51 32.75 31.11
N ALA F 2 27.59 -32.99 18.20
CA ALA F 2 28.70 -32.86 17.27
C ALA F 2 29.06 -31.40 17.10
N LYS F 3 30.30 -31.12 16.73
CA LYS F 3 30.73 -29.75 16.49
C LYS F 3 30.20 -29.22 15.15
N ALA F 4 29.35 -29.95 14.47
CA ALA F 4 28.67 -29.48 13.27
C ALA F 4 27.20 -29.15 13.55
N ASP F 5 26.87 -28.76 14.78
CA ASP F 5 25.51 -28.39 15.14
C ASP F 5 25.43 -26.97 15.67
N TYR F 6 26.57 -26.26 15.69
CA TYR F 6 26.62 -24.92 16.26
C TYR F 6 27.16 -23.90 15.28
N ASN F 7 27.27 -24.26 14.00
CA ASN F 7 27.47 -23.28 12.95
C ASN F 7 26.31 -23.34 11.96
N LYS F 8 25.28 -24.13 12.27
CA LYS F 8 24.17 -24.39 11.34
C LYS F 8 22.96 -23.57 11.73
N ARG F 9 22.31 -22.99 10.71
CA ARG F 9 21.18 -22.10 10.93
C ARG F 9 19.93 -22.88 11.29
N LYS F 10 18.78 -22.22 11.20
CA LYS F 10 17.46 -22.78 11.40
C LYS F 10 16.61 -22.43 10.18
N PRO F 11 15.80 -23.36 9.70
CA PRO F 11 15.02 -23.09 8.48
C PRO F 11 13.68 -22.38 8.72
N ARG F 12 13.67 -21.05 8.73
CA ARG F 12 12.42 -20.32 8.72
C ARG F 12 11.66 -20.61 7.44
N LYS F 13 10.34 -20.39 7.48
CA LYS F 13 9.55 -20.43 6.26
C LYS F 13 8.60 -19.24 6.15
N PHE F 14 8.47 -18.42 7.20
CA PHE F 14 7.79 -17.13 7.10
C PHE F 14 8.51 -16.14 8.00
N GLY F 15 8.55 -14.90 7.58
CA GLY F 15 9.33 -13.87 8.25
C GLY F 15 10.36 -13.25 7.33
N LYS F 16 10.94 -12.14 7.78
CA LYS F 16 11.90 -11.41 6.96
C LYS F 16 13.15 -12.23 6.65
N GLY F 17 13.47 -13.21 7.49
CA GLY F 17 14.60 -14.07 7.27
C GLY F 17 14.31 -15.30 6.46
N ALA F 18 13.23 -15.31 5.68
CA ALA F 18 12.93 -16.43 4.81
C ALA F 18 13.02 -16.07 3.33
N ARG F 19 13.41 -14.84 3.00
CA ARG F 19 13.57 -14.39 1.63
C ARG F 19 14.75 -13.44 1.54
N ARG F 20 15.64 -13.67 0.59
CA ARG F 20 16.77 -12.78 0.38
C ARG F 20 17.00 -12.57 -1.11
N CYS F 21 17.67 -11.47 -1.45
CA CYS F 21 17.81 -11.08 -2.85
C CYS F 21 18.65 -12.09 -3.62
N ILE F 22 18.24 -12.34 -4.87
CA ILE F 22 18.94 -13.30 -5.71
C ILE F 22 20.29 -12.80 -6.19
N ARG F 23 20.52 -11.52 -6.15
CA ARG F 23 21.70 -10.91 -6.72
C ARG F 23 22.62 -10.28 -5.67
N CYS F 24 22.05 -9.62 -4.67
CA CYS F 24 22.79 -8.97 -3.59
C CYS F 24 22.89 -9.84 -2.35
N GLY F 25 21.77 -10.33 -1.85
CA GLY F 25 21.75 -11.23 -0.72
C GLY F 25 21.30 -10.62 0.59
N GLN F 26 20.45 -9.59 0.54
CA GLN F 26 20.05 -8.86 1.72
C GLN F 26 18.66 -9.25 2.18
N TYR F 27 18.36 -8.97 3.44
CA TYR F 27 17.02 -9.14 3.97
C TYR F 27 16.35 -7.78 4.13
N GLY F 28 15.07 -7.71 3.78
CA GLY F 28 14.33 -6.49 3.92
C GLY F 28 13.46 -6.12 2.74
N PRO F 29 13.79 -5.03 2.07
CA PRO F 29 12.92 -4.49 1.02
C PRO F 29 12.93 -5.29 -0.28
N ILE F 30 12.22 -6.42 -0.31
CA ILE F 30 12.29 -7.35 -1.42
C ILE F 30 10.98 -7.33 -2.19
N ILE F 31 11.08 -7.12 -3.50
CA ILE F 31 9.94 -7.15 -4.42
C ILE F 31 9.57 -8.60 -4.67
N ARG F 32 8.30 -8.95 -4.43
CA ARG F 32 7.84 -10.30 -4.69
C ARG F 32 6.58 -10.31 -5.54
N ILE F 33 6.58 -9.53 -6.62
CA ILE F 33 5.41 -9.38 -7.47
C ILE F 33 5.57 -10.25 -8.71
N HIS F 34 4.56 -11.06 -9.00
CA HIS F 34 4.53 -11.95 -10.16
C HIS F 34 5.73 -12.87 -10.22
N GLY F 35 6.34 -13.15 -9.06
CA GLY F 35 7.42 -14.10 -8.98
C GLY F 35 8.77 -13.50 -8.65
N LEU F 36 9.16 -12.43 -9.35
CA LEU F 36 10.51 -11.92 -9.26
C LEU F 36 10.86 -11.57 -7.82
N MET F 37 12.13 -11.78 -7.47
CA MET F 37 12.59 -11.70 -6.08
C MET F 37 13.90 -10.94 -6.04
N LEU F 38 13.84 -9.61 -5.97
CA LEU F 38 15.02 -8.76 -5.95
C LEU F 38 14.83 -7.62 -4.96
N CYS F 39 15.93 -7.07 -4.49
CA CYS F 39 15.92 -5.84 -3.71
C CYS F 39 15.29 -4.73 -4.52
N ARG F 40 14.82 -3.70 -3.84
CA ARG F 40 14.37 -2.51 -4.54
C ARG F 40 15.51 -1.72 -5.15
N HIS F 41 16.75 -1.97 -4.73
CA HIS F 41 17.91 -1.30 -5.29
C HIS F 41 18.47 -2.00 -6.51
N CYS F 42 18.39 -3.34 -6.54
CA CYS F 42 18.93 -4.11 -7.66
C CYS F 42 17.95 -4.13 -8.82
N PHE F 43 16.66 -4.06 -8.54
CA PHE F 43 15.70 -4.00 -9.64
C PHE F 43 15.87 -2.76 -10.48
N ARG F 44 15.88 -1.59 -9.85
CA ARG F 44 15.91 -0.33 -10.56
C ARG F 44 17.10 -0.21 -11.50
N GLU F 45 18.15 -0.99 -11.31
CA GLU F 45 19.35 -0.85 -12.12
C GLU F 45 19.51 -1.99 -13.11
N VAL F 46 18.60 -2.96 -13.11
CA VAL F 46 18.62 -4.07 -14.06
C VAL F 46 17.26 -4.28 -14.71
N ALA F 47 16.31 -3.37 -14.51
CA ALA F 47 15.01 -3.49 -15.15
C ALA F 47 15.04 -3.29 -16.66
N PRO F 48 15.84 -2.39 -17.23
CA PRO F 48 15.90 -2.29 -18.69
C PRO F 48 16.33 -3.55 -19.42
N LYS F 49 17.12 -4.42 -18.81
CA LYS F 49 17.53 -5.65 -19.46
C LYS F 49 16.52 -6.77 -19.35
N LEU F 50 15.56 -6.65 -18.45
CA LEU F 50 14.47 -7.61 -18.37
C LEU F 50 13.37 -7.31 -19.38
N GLY F 51 13.29 -6.08 -19.88
CA GLY F 51 12.29 -5.71 -20.84
C GLY F 51 11.34 -4.64 -20.39
N PHE F 52 11.46 -4.17 -19.14
CA PHE F 52 10.57 -3.12 -18.67
C PHE F 52 10.96 -1.79 -19.30
N ARG F 53 9.96 -0.92 -19.42
CA ARG F 53 10.16 0.43 -19.94
C ARG F 53 9.38 1.39 -19.07
N LYS F 54 9.73 2.66 -19.17
CA LYS F 54 9.16 3.70 -18.33
C LYS F 54 8.40 4.66 -19.22
N TYR F 55 7.16 4.31 -19.56
CA TYR F 55 6.41 5.10 -20.52
C TYR F 55 5.92 6.41 -19.93
N GLU F 56 5.14 6.34 -18.86
CA GLU F 56 4.61 7.51 -18.20
C GLU F 56 5.30 7.75 -16.87
N GLY G 2 3.21 30.69 -27.10
CA GLY G 2 3.74 31.31 -28.28
C GLY G 2 3.87 30.34 -29.43
N LYS G 3 3.14 30.60 -30.51
CA LYS G 3 3.19 29.74 -31.70
C LYS G 3 4.27 30.27 -32.63
N ILE G 4 5.50 30.18 -32.16
CA ILE G 4 6.67 30.55 -32.95
C ILE G 4 6.98 29.41 -33.88
N ARG G 5 7.27 29.73 -35.15
CA ARG G 5 7.63 28.69 -36.10
C ARG G 5 9.07 28.25 -35.88
N GLN G 6 9.34 26.98 -36.08
CA GLN G 6 10.64 26.41 -35.78
C GLN G 6 11.63 26.70 -36.90
N GLY G 7 12.90 26.41 -36.62
CA GLY G 7 13.97 26.79 -37.51
C GLY G 7 14.13 25.90 -38.72
N PHE G 8 13.90 24.60 -38.58
CA PHE G 8 13.99 23.72 -39.73
C PHE G 8 12.69 23.65 -40.50
N ILE G 9 11.58 24.11 -39.93
CA ILE G 9 10.37 24.23 -40.72
C ILE G 9 10.55 25.28 -41.80
N LYS G 10 10.98 26.49 -41.42
CA LYS G 10 11.20 27.54 -42.39
C LYS G 10 12.28 27.16 -43.41
N ARG G 11 13.36 26.55 -42.92
CA ARG G 11 14.52 26.25 -43.75
C ARG G 11 14.23 25.28 -44.88
N VAL G 12 13.29 24.36 -44.71
CA VAL G 12 12.90 23.49 -45.80
C VAL G 12 11.69 24.04 -46.55
N ALA G 13 10.74 24.67 -45.86
CA ALA G 13 9.58 25.22 -46.54
C ALA G 13 9.98 26.24 -47.59
N ARG G 14 11.05 26.99 -47.33
CA ARG G 14 11.60 27.85 -48.38
C ARG G 14 12.28 27.06 -49.47
N GLU G 15 13.11 26.09 -49.08
CA GLU G 15 13.94 25.41 -50.04
C GLU G 15 13.13 24.67 -51.10
N LEU G 16 11.92 24.22 -50.76
CA LEU G 16 11.12 23.55 -51.78
C LEU G 16 10.00 24.44 -52.33
N PHE G 17 9.98 25.72 -51.99
CA PHE G 17 9.07 26.68 -52.61
C PHE G 17 9.75 27.48 -53.71
N ASN G 18 11.04 27.77 -53.55
CA ASN G 18 11.82 28.44 -54.58
C ASN G 18 12.54 27.43 -55.47
N LYS G 19 12.09 26.18 -55.45
CA LYS G 19 12.61 25.16 -56.36
C LYS G 19 11.50 24.66 -57.25
N TYR G 20 10.27 24.72 -56.75
CA TYR G 20 9.07 24.35 -57.51
C TYR G 20 8.02 25.42 -57.28
N PRO G 21 8.18 26.60 -57.88
CA PRO G 21 7.37 27.76 -57.49
C PRO G 21 5.99 27.80 -58.13
N ASN G 22 5.61 26.78 -58.87
CA ASN G 22 4.29 26.71 -59.48
C ASN G 22 3.53 25.45 -59.10
N GLU G 23 4.03 24.69 -58.15
CA GLU G 23 3.42 23.44 -57.76
C GLU G 23 2.70 23.53 -56.43
N PHE G 24 2.42 24.74 -55.96
CA PHE G 24 1.75 25.00 -54.70
C PHE G 24 0.74 26.13 -54.94
N THR G 25 -0.52 25.87 -54.65
CA THR G 25 -1.56 26.86 -54.84
C THR G 25 -1.90 27.52 -53.49
N ARG G 26 -2.87 28.43 -53.50
CA ARG G 26 -3.29 29.11 -52.28
C ARG G 26 -4.14 28.25 -51.36
N ASP G 27 -4.43 27.01 -51.77
CA ASP G 27 -5.31 26.13 -51.03
C ASP G 27 -4.52 25.25 -50.07
N PHE G 28 -5.09 24.97 -48.90
CA PHE G 28 -4.34 24.25 -47.87
C PHE G 28 -4.26 22.76 -48.19
N GLU G 29 -5.38 22.15 -48.57
CA GLU G 29 -5.44 20.70 -48.76
C GLU G 29 -4.67 20.22 -49.98
N HIS G 30 -4.46 21.07 -50.98
CA HIS G 30 -3.60 20.70 -52.10
C HIS G 30 -2.14 20.64 -51.67
N ASN G 31 -1.68 21.69 -51.00
CA ASN G 31 -0.33 21.73 -50.48
C ASN G 31 -0.03 20.50 -49.64
N LYS G 32 -0.95 20.14 -48.75
CA LYS G 32 -0.71 19.02 -47.84
C LYS G 32 -0.36 17.74 -48.58
N LYS G 33 -1.01 17.49 -49.73
CA LYS G 33 -0.66 16.31 -50.52
C LYS G 33 0.64 16.51 -51.26
N LYS G 34 0.77 17.64 -51.94
CA LYS G 34 1.96 17.86 -52.75
C LYS G 34 3.22 17.95 -51.90
N VAL G 35 3.07 18.13 -50.59
CA VAL G 35 4.22 18.13 -49.69
C VAL G 35 4.62 16.71 -49.31
N GLU G 36 3.64 15.84 -49.09
CA GLU G 36 3.94 14.51 -48.58
C GLU G 36 4.66 13.65 -49.62
N GLU G 37 4.56 14.02 -50.89
CA GLU G 37 5.19 13.26 -51.95
C GLU G 37 6.53 13.82 -52.40
N LEU G 38 6.81 15.09 -52.11
CA LEU G 38 8.07 15.68 -52.54
C LEU G 38 9.14 15.68 -51.47
N THR G 39 8.91 15.01 -50.34
CA THR G 39 9.94 14.90 -49.32
C THR G 39 9.86 13.57 -48.59
N ASN G 40 10.73 13.36 -47.61
CA ASN G 40 10.78 12.10 -46.88
C ASN G 40 10.23 12.23 -45.48
N VAL G 41 9.31 13.18 -45.26
CA VAL G 41 8.73 13.38 -43.95
C VAL G 41 7.92 12.17 -43.56
N THR G 42 8.16 11.65 -42.36
CA THR G 42 7.47 10.49 -41.87
C THR G 42 6.57 10.82 -40.68
N SER G 43 6.62 12.05 -40.19
CA SER G 43 5.69 12.50 -39.16
C SER G 43 4.44 13.06 -39.82
N LYS G 44 3.55 13.60 -39.03
CA LYS G 44 2.29 14.12 -39.54
C LYS G 44 2.04 15.55 -39.10
N LYS G 45 2.40 15.90 -37.87
CA LYS G 45 2.35 17.28 -37.42
C LYS G 45 3.42 18.14 -38.07
N ILE G 46 4.43 17.53 -38.68
CA ILE G 46 5.51 18.31 -39.27
C ILE G 46 5.20 18.66 -40.72
N ARG G 47 4.45 17.82 -41.43
CA ARG G 47 4.03 18.20 -42.78
C ARG G 47 2.89 19.19 -42.75
N ASN G 48 2.07 19.18 -41.70
CA ASN G 48 1.01 20.17 -41.57
C ASN G 48 1.59 21.58 -41.44
N ARG G 49 2.68 21.71 -40.70
CA ARG G 49 3.25 23.03 -40.47
C ARG G 49 4.04 23.51 -41.67
N ILE G 50 4.73 22.61 -42.36
CA ILE G 50 5.41 23.00 -43.60
C ILE G 50 4.38 23.42 -44.65
N ALA G 51 3.26 22.70 -44.72
CA ALA G 51 2.21 23.10 -45.65
C ALA G 51 1.66 24.47 -45.30
N GLY G 52 1.48 24.74 -44.01
CA GLY G 52 1.00 26.05 -43.61
C GLY G 52 1.97 27.17 -43.97
N TYR G 53 3.26 26.95 -43.75
CA TYR G 53 4.23 27.99 -44.11
C TYR G 53 4.29 28.20 -45.61
N ILE G 54 4.20 27.13 -46.40
CA ILE G 54 4.21 27.28 -47.84
C ILE G 54 2.99 28.05 -48.31
N THR G 55 1.83 27.78 -47.70
CA THR G 55 0.65 28.54 -48.06
C THR G 55 0.85 30.02 -47.78
N LYS G 56 1.46 30.35 -46.64
CA LYS G 56 1.70 31.73 -46.29
C LYS G 56 2.77 32.39 -47.16
N LEU G 57 3.53 31.60 -47.89
CA LEU G 57 4.58 32.12 -48.76
C LEU G 57 4.03 32.38 -50.14
N VAL G 58 3.12 31.53 -50.58
CA VAL G 58 2.50 31.65 -51.90
C VAL G 58 1.45 32.76 -51.96
N ARG G 59 0.96 33.18 -50.81
CA ARG G 59 -0.01 34.25 -50.74
C ARG G 59 0.64 35.61 -50.50
N MET G 60 1.96 35.62 -50.27
CA MET G 60 2.69 36.86 -50.03
C MET G 60 3.50 37.24 -51.26
N LYS G 61 4.03 36.23 -51.95
CA LYS G 61 4.82 36.46 -53.16
C LYS G 61 3.96 36.67 -54.39
N GLU G 62 2.67 36.34 -54.28
CA GLU G 62 1.75 36.49 -55.39
C GLU G 62 0.98 37.81 -55.31
N GLU G 63 1.06 38.49 -54.18
CA GLU G 63 0.36 39.75 -54.03
C GLU G 63 1.26 40.97 -54.10
N GLY G 64 2.49 40.86 -53.60
CA GLY G 64 3.37 42.01 -53.64
C GLY G 64 4.76 41.96 -53.02
N LYS G 65 4.93 42.70 -51.94
CA LYS G 65 6.21 42.84 -51.27
C LYS G 65 6.52 41.64 -50.39
N ILE G 66 7.57 40.91 -50.75
CA ILE G 66 8.09 39.79 -49.99
C ILE G 66 9.13 40.34 -49.01
N LEU G 67 9.06 39.94 -47.76
CA LEU G 67 9.99 40.43 -46.75
C LEU G 67 10.68 39.32 -45.96
N ARG H 3 -15.93 -17.61 52.24
CA ARG H 3 -14.96 -16.60 51.85
C ARG H 3 -13.64 -16.85 52.55
N LYS H 4 -13.39 -18.12 52.87
CA LYS H 4 -12.12 -18.53 53.44
C LYS H 4 -11.34 -19.50 52.57
N GLU H 5 -12.00 -20.43 51.88
CA GLU H 5 -11.30 -21.27 50.93
C GLU H 5 -11.25 -20.60 49.55
N PHE H 6 -10.28 -21.01 48.77
CA PHE H 6 -10.12 -20.56 47.39
C PHE H 6 -10.89 -21.50 46.50
N ARG H 7 -11.79 -20.95 45.69
CA ARG H 7 -12.60 -21.71 44.76
C ARG H 7 -12.46 -21.07 43.40
N TYR H 8 -12.32 -21.87 42.35
CA TYR H 8 -12.07 -21.30 41.04
C TYR H 8 -13.34 -21.19 40.23
N ARG H 9 -14.15 -22.23 40.21
CA ARG H 9 -15.48 -22.14 39.60
C ARG H 9 -16.46 -22.93 40.43
N GLY H 10 -16.22 -22.98 41.72
CA GLY H 10 -16.93 -23.88 42.59
C GLY H 10 -16.14 -25.10 42.99
N TYR H 11 -14.97 -25.30 42.41
CA TYR H 11 -14.10 -26.43 42.73
C TYR H 11 -12.93 -25.95 43.57
N THR H 12 -12.68 -26.64 44.67
CA THR H 12 -11.57 -26.31 45.53
C THR H 12 -10.26 -26.77 44.89
N LEU H 13 -9.14 -26.53 45.57
CA LEU H 13 -7.85 -26.89 44.98
C LEU H 13 -7.73 -28.39 44.83
N GLU H 14 -7.67 -29.11 45.94
CA GLU H 14 -7.51 -30.55 45.88
C GLU H 14 -8.59 -31.23 45.05
N GLN H 15 -9.69 -30.54 44.75
CA GLN H 15 -10.68 -31.07 43.84
C GLN H 15 -10.32 -30.79 42.39
N LEU H 16 -9.96 -29.56 42.05
CA LEU H 16 -9.50 -29.28 40.70
C LEU H 16 -8.07 -29.70 40.47
N MET H 17 -7.48 -30.44 41.41
CA MET H 17 -6.11 -30.87 41.24
C MET H 17 -6.03 -32.18 40.47
N ASN H 18 -6.95 -33.10 40.71
CA ASN H 18 -6.95 -34.38 40.02
C ASN H 18 -7.82 -34.39 38.77
N MET H 19 -8.19 -33.23 38.24
CA MET H 19 -8.86 -33.22 36.95
C MET H 19 -7.82 -33.38 35.85
N SER H 20 -8.26 -33.95 34.74
CA SER H 20 -7.36 -34.17 33.63
C SER H 20 -7.08 -32.85 32.94
N LEU H 21 -6.37 -32.92 31.82
CA LEU H 21 -5.96 -31.71 31.12
C LEU H 21 -6.97 -31.28 30.07
N GLU H 22 -8.04 -32.04 29.88
CA GLU H 22 -9.09 -31.66 28.94
C GLU H 22 -10.36 -31.22 29.64
N GLU H 23 -10.65 -31.75 30.82
CA GLU H 23 -11.81 -31.30 31.57
C GLU H 23 -11.51 -30.06 32.39
N LEU H 24 -10.22 -29.77 32.61
CA LEU H 24 -9.86 -28.53 33.28
C LEU H 24 -9.90 -27.36 32.32
N ALA H 25 -9.38 -27.54 31.10
CA ALA H 25 -9.30 -26.46 30.13
C ALA H 25 -10.66 -25.92 29.74
N LYS H 26 -11.75 -26.52 30.20
CA LYS H 26 -13.06 -25.90 30.04
C LYS H 26 -13.29 -24.78 31.04
N LEU H 27 -12.47 -24.67 32.07
CA LEU H 27 -12.65 -23.66 33.11
C LEU H 27 -11.61 -22.56 33.01
N LEU H 28 -10.85 -22.52 31.93
CA LEU H 28 -9.82 -21.52 31.76
C LEU H 28 -10.32 -20.52 30.73
N PRO H 29 -9.72 -19.35 30.66
CA PRO H 29 -10.12 -18.40 29.61
C PRO H 29 -9.79 -18.89 28.21
N ALA H 30 -10.09 -18.09 27.19
CA ALA H 30 -10.02 -18.60 25.82
C ALA H 30 -8.59 -18.81 25.38
N ARG H 31 -7.70 -17.90 25.75
CA ARG H 31 -6.29 -18.05 25.38
C ARG H 31 -5.69 -19.33 25.93
N GLN H 32 -5.82 -19.54 27.24
CA GLN H 32 -5.24 -20.69 27.88
C GLN H 32 -5.82 -21.99 27.36
N ARG H 33 -7.11 -22.02 27.06
CA ARG H 33 -7.70 -23.22 26.48
C ARG H 33 -7.10 -23.53 25.12
N ARG H 34 -6.92 -22.53 24.27
CA ARG H 34 -6.36 -22.79 22.95
C ARG H 34 -4.91 -23.21 23.04
N SER H 35 -4.16 -22.65 23.99
CA SER H 35 -2.76 -23.03 24.13
C SER H 35 -2.62 -24.44 24.68
N LEU H 36 -3.48 -24.83 25.61
CA LEU H 36 -3.45 -26.21 26.08
C LEU H 36 -3.89 -27.20 25.02
N LYS H 37 -4.69 -26.77 24.05
CA LYS H 37 -5.20 -27.65 23.02
C LYS H 37 -4.21 -27.91 21.91
N ARG H 38 -3.28 -26.99 21.64
CA ARG H 38 -2.22 -27.21 20.68
C ARG H 38 -0.99 -27.86 21.30
N GLY H 39 -1.13 -28.41 22.50
CA GLY H 39 -0.05 -29.15 23.14
C GLY H 39 1.04 -28.30 23.74
N LEU H 40 1.75 -28.85 24.71
CA LEU H 40 2.90 -28.22 25.32
C LEU H 40 4.09 -28.33 24.39
N THR H 41 4.89 -27.27 24.34
CA THR H 41 6.11 -27.29 23.55
C THR H 41 7.16 -28.14 24.26
N PRO H 42 8.15 -28.64 23.53
CA PRO H 42 9.09 -29.60 24.14
C PRO H 42 9.82 -29.08 25.36
N GLU H 43 10.07 -27.77 25.43
CA GLU H 43 10.73 -27.22 26.62
C GLU H 43 9.77 -27.18 27.80
N GLN H 44 8.51 -26.83 27.57
CA GLN H 44 7.55 -26.95 28.65
C GLN H 44 7.34 -28.38 29.06
N LYS H 45 7.54 -29.34 28.15
CA LYS H 45 7.49 -30.74 28.54
C LYS H 45 8.66 -31.09 29.46
N LYS H 46 9.85 -30.58 29.15
CA LYS H 46 10.98 -30.83 30.03
C LYS H 46 10.82 -30.14 31.38
N LEU H 47 10.10 -29.01 31.42
CA LEU H 47 9.87 -28.35 32.70
C LEU H 47 8.80 -29.06 33.52
N LEU H 48 7.75 -29.55 32.88
CA LEU H 48 6.73 -30.29 33.62
C LEU H 48 7.26 -31.62 34.11
N ARG H 49 8.11 -32.28 33.32
CA ARG H 49 8.82 -33.49 33.69
C ARG H 49 9.69 -33.30 34.92
N LYS H 50 10.07 -32.07 35.21
CA LYS H 50 10.91 -31.75 36.35
C LYS H 50 10.14 -31.20 37.53
N ILE H 51 8.98 -30.59 37.32
CA ILE H 51 8.10 -30.20 38.42
C ILE H 51 7.39 -31.41 39.02
N ARG H 52 7.10 -32.44 38.22
CA ARG H 52 6.44 -33.60 38.78
C ARG H 52 7.40 -34.46 39.60
N LEU H 53 8.70 -34.36 39.34
CA LEU H 53 9.66 -34.99 40.25
C LEU H 53 9.74 -34.26 41.56
N ALA H 54 9.94 -32.94 41.51
CA ALA H 54 10.00 -32.12 42.70
C ALA H 54 8.73 -32.17 43.51
N LYS H 55 7.62 -32.54 42.91
CA LYS H 55 6.38 -32.71 43.64
C LYS H 55 6.27 -34.05 44.33
N LYS H 56 6.84 -35.11 43.78
CA LYS H 56 6.68 -36.42 44.40
C LYS H 56 7.67 -36.65 45.52
N GLY H 57 8.93 -36.90 45.19
CA GLY H 57 9.92 -37.08 46.23
C GLY H 57 11.31 -36.54 45.98
N LYS H 58 11.60 -36.21 44.73
CA LYS H 58 12.98 -36.05 44.31
C LYS H 58 13.24 -34.61 43.89
N TYR H 59 14.45 -34.36 43.41
CA TYR H 59 14.83 -33.05 42.91
C TYR H 59 14.65 -31.99 44.00
N ASN H 60 15.51 -32.07 45.00
CA ASN H 60 15.66 -30.99 45.98
C ASN H 60 16.77 -30.05 45.51
N LYS H 61 16.41 -29.22 44.52
CA LYS H 61 17.41 -28.42 43.83
C LYS H 61 16.68 -27.33 43.08
N PRO H 62 17.14 -26.07 43.13
CA PRO H 62 16.33 -24.95 42.64
C PRO H 62 15.93 -25.08 41.18
N ILE H 63 14.63 -24.95 40.92
CA ILE H 63 14.11 -25.02 39.56
C ILE H 63 14.24 -23.67 38.89
N ARG H 64 14.86 -23.66 37.72
CA ARG H 64 15.09 -22.45 36.95
C ARG H 64 14.64 -22.70 35.53
N THR H 65 14.28 -21.63 34.82
CA THR H 65 13.73 -21.81 33.49
C THR H 65 13.87 -20.51 32.70
N HIS H 66 13.79 -20.65 31.38
CA HIS H 66 13.63 -19.53 30.47
C HIS H 66 12.22 -19.40 29.96
N CYS H 67 11.40 -20.45 30.05
CA CYS H 67 10.10 -20.48 29.41
C CYS H 67 9.13 -19.60 30.18
N ARG H 68 9.03 -18.35 29.76
CA ARG H 68 8.09 -17.41 30.34
C ARG H 68 6.66 -17.63 29.88
N ASP H 69 6.42 -18.63 29.03
CA ASP H 69 5.11 -18.91 28.46
C ASP H 69 4.33 -19.97 29.21
N MET H 70 4.95 -20.70 30.12
CA MET H 70 4.24 -21.72 30.87
C MET H 70 3.01 -21.14 31.56
N ILE H 71 1.96 -21.94 31.65
CA ILE H 71 0.70 -21.52 32.26
C ILE H 71 0.56 -22.19 33.62
N VAL H 72 0.46 -21.39 34.67
CA VAL H 72 0.45 -21.96 36.01
C VAL H 72 -0.71 -22.92 36.17
N LEU H 73 -0.41 -24.15 36.52
CA LEU H 73 -1.36 -25.24 36.60
C LEU H 73 -1.37 -25.76 38.02
N PRO H 74 -2.47 -26.42 38.44
CA PRO H 74 -2.58 -26.85 39.84
C PRO H 74 -1.55 -27.88 40.27
N GLU H 75 -0.63 -28.31 39.41
CA GLU H 75 0.50 -29.12 39.86
C GLU H 75 1.56 -28.26 40.53
N MET H 76 1.67 -27.00 40.12
CA MET H 76 2.74 -26.13 40.56
C MET H 76 2.41 -25.32 41.79
N VAL H 77 1.33 -25.62 42.51
CA VAL H 77 0.97 -24.77 43.64
C VAL H 77 1.67 -25.28 44.89
N GLY H 78 2.59 -24.48 45.40
CA GLY H 78 3.34 -24.83 46.58
C GLY H 78 4.81 -24.55 46.43
N LEU H 79 5.35 -24.82 45.25
CA LEU H 79 6.78 -24.73 45.06
C LEU H 79 7.17 -23.40 44.41
N THR H 80 8.45 -23.07 44.53
CA THR H 80 8.98 -21.76 44.18
C THR H 80 9.92 -21.92 43.00
N ILE H 81 9.56 -21.37 41.84
CA ILE H 81 10.44 -21.50 40.69
C ILE H 81 10.98 -20.13 40.32
N TYR H 82 12.10 -20.11 39.61
CA TYR H 82 12.82 -18.91 39.22
C TYR H 82 12.67 -18.67 37.73
N VAL H 83 12.44 -17.42 37.34
CA VAL H 83 12.16 -17.07 35.94
C VAL H 83 13.17 -16.02 35.48
N HIS H 84 13.59 -16.16 34.23
CA HIS H 84 14.62 -15.30 33.62
C HIS H 84 13.96 -14.06 33.08
N ASN H 85 14.28 -12.89 33.64
CA ASN H 85 13.73 -11.62 33.21
C ASN H 85 14.66 -10.85 32.29
N GLY H 86 15.56 -11.52 31.61
CA GLY H 86 16.48 -10.82 30.76
C GLY H 86 17.91 -10.86 31.25
N LYS H 87 18.10 -10.84 32.57
CA LYS H 87 19.41 -10.99 33.17
C LYS H 87 19.45 -11.89 34.40
N GLU H 88 18.36 -12.03 35.14
CA GLU H 88 18.46 -12.78 36.40
C GLU H 88 17.25 -13.67 36.55
N PHE H 89 17.42 -14.70 37.36
CA PHE H 89 16.34 -15.63 37.69
C PHE H 89 15.69 -15.16 38.97
N VAL H 90 14.40 -14.84 38.89
CA VAL H 90 13.66 -14.08 39.89
C VAL H 90 12.68 -15.00 40.61
N PRO H 91 12.72 -15.08 41.94
CA PRO H 91 11.86 -16.04 42.64
C PRO H 91 10.38 -15.66 42.63
N VAL H 92 9.56 -16.57 42.13
CA VAL H 92 8.13 -16.34 41.92
C VAL H 92 7.39 -17.46 42.65
N GLU H 93 7.11 -17.27 43.92
CA GLU H 93 6.41 -18.33 44.66
C GLU H 93 5.00 -18.44 44.13
N ILE H 94 4.53 -19.67 43.93
CA ILE H 94 3.24 -19.89 43.28
C ILE H 94 2.17 -20.14 44.33
N LYS H 95 1.10 -19.35 44.27
CA LYS H 95 -0.05 -19.41 45.16
C LYS H 95 -1.30 -19.68 44.36
N PRO H 96 -2.34 -20.25 44.97
CA PRO H 96 -3.63 -20.24 44.31
C PRO H 96 -4.00 -18.81 44.00
N GLU H 97 -4.85 -18.63 43.00
CA GLU H 97 -5.19 -17.35 42.38
C GLU H 97 -4.12 -16.92 41.41
N MET H 98 -3.11 -17.75 41.18
CA MET H 98 -2.22 -17.56 40.06
C MET H 98 -2.54 -18.45 38.89
N ILE H 99 -3.30 -19.54 39.10
CA ILE H 99 -3.50 -20.52 38.03
C ILE H 99 -4.29 -19.87 36.92
N GLY H 100 -3.92 -20.17 35.68
CA GLY H 100 -4.47 -19.47 34.56
C GLY H 100 -3.53 -18.41 34.02
N HIS H 101 -2.71 -17.82 34.87
CA HIS H 101 -1.84 -16.74 34.44
C HIS H 101 -0.53 -17.28 33.88
N TYR H 102 0.09 -16.50 33.01
CA TYR H 102 1.36 -16.85 32.43
C TYR H 102 2.48 -16.69 33.45
N LEU H 103 3.63 -17.31 33.15
CA LEU H 103 4.71 -17.37 34.13
C LEU H 103 5.51 -16.09 34.15
N GLY H 104 5.58 -15.38 33.03
CA GLY H 104 6.32 -14.13 33.01
C GLY H 104 5.52 -12.97 33.55
N GLU H 105 4.24 -13.21 33.79
CA GLU H 105 3.36 -12.16 34.30
C GLU H 105 3.73 -11.75 35.72
N PHE H 106 4.57 -12.50 36.41
CA PHE H 106 4.98 -12.18 37.77
C PHE H 106 6.45 -11.82 37.88
N ALA H 107 7.18 -11.72 36.77
CA ALA H 107 8.59 -11.33 36.80
C ALA H 107 8.78 -10.14 35.88
N PRO H 108 8.84 -8.92 36.41
CA PRO H 108 8.91 -7.73 35.57
C PRO H 108 10.20 -7.68 34.78
N THR H 109 10.16 -6.93 33.68
CA THR H 109 11.26 -6.94 32.73
C THR H 109 11.87 -5.57 32.46
N ARG H 110 11.30 -4.49 32.97
CA ARG H 110 11.85 -3.15 32.83
C ARG H 110 11.82 -2.48 34.19
N LYS H 111 12.85 -1.69 34.49
CA LYS H 111 12.94 -1.04 35.79
C LYS H 111 12.08 0.20 35.82
N ARG H 112 11.50 0.51 36.97
CA ARG H 112 10.65 1.67 37.10
C ARG H 112 11.46 2.95 36.88
N VAL H 113 10.87 3.89 36.17
CA VAL H 113 11.54 5.12 35.77
C VAL H 113 11.12 6.27 36.66
N GLN H 114 12.11 6.87 37.34
CA GLN H 114 11.90 8.01 38.21
C GLN H 114 12.68 9.17 37.63
N HIS H 115 11.98 10.21 37.21
CA HIS H 115 12.49 11.13 36.21
C HIS H 115 13.43 12.17 36.79
N GLY H 116 14.41 12.57 36.00
CA GLY H 116 15.36 13.59 36.40
C GLY H 116 14.90 14.99 36.02
N ALA H 117 15.79 15.77 35.41
CA ALA H 117 15.45 17.12 35.03
C ALA H 117 15.76 17.29 33.55
N PRO H 118 14.93 18.02 32.81
CA PRO H 118 15.18 18.18 31.38
C PRO H 118 16.58 18.73 31.12
N GLY H 119 17.13 18.38 29.97
CA GLY H 119 18.46 18.80 29.61
C GLY H 119 18.44 19.77 28.47
N ILE H 120 19.57 19.97 27.82
CA ILE H 120 19.69 20.96 26.75
C ILE H 120 19.09 20.42 25.47
N GLY H 121 18.05 21.07 24.99
CA GLY H 121 17.34 20.64 23.80
C GLY H 121 15.94 20.21 24.15
N ALA H 122 15.60 20.26 25.43
CA ALA H 122 14.30 19.78 25.86
C ALA H 122 13.19 20.71 25.46
N THR H 123 13.49 21.99 25.21
CA THR H 123 12.50 22.97 24.77
C THR H 123 13.12 23.80 23.66
N ARG H 124 12.29 24.57 22.96
CA ARG H 124 12.81 25.32 21.81
C ARG H 124 13.59 26.52 22.18
N SER H 125 13.90 26.71 23.47
CA SER H 125 14.65 27.85 23.92
C SER H 125 16.04 27.46 24.40
N SER H 126 16.39 26.18 24.31
CA SER H 126 17.63 25.68 24.87
C SER H 126 18.44 24.96 23.82
N MET H 127 17.99 25.05 22.56
CA MET H 127 18.64 24.36 21.46
C MET H 127 19.74 25.20 20.85
N PHE H 128 19.45 26.46 20.51
CA PHE H 128 20.37 27.28 19.75
C PHE H 128 21.22 28.19 20.61
N VAL H 129 20.91 28.31 21.90
CA VAL H 129 21.77 29.08 22.80
C VAL H 129 22.82 28.22 23.49
N ALA H 130 22.97 26.96 23.10
CA ALA H 130 23.90 26.04 23.76
C ALA H 130 24.91 25.38 22.82
N VAL H 131 24.65 25.34 21.52
CA VAL H 131 25.52 24.61 20.58
C VAL H 131 26.59 25.56 20.06
N LYS H 132 26.57 26.80 20.52
CA LYS H 132 27.45 27.87 20.02
C LYS H 132 27.15 28.12 18.55
N ALA I 2 -49.31 -5.80 -14.87
CA ALA I 2 -48.38 -5.09 -13.99
C ALA I 2 -47.44 -6.09 -13.35
N THR I 3 -46.20 -5.69 -13.15
CA THR I 3 -45.20 -6.50 -12.47
C THR I 3 -44.55 -5.66 -11.37
N VAL I 4 -43.56 -6.24 -10.69
CA VAL I 4 -42.88 -5.48 -9.64
C VAL I 4 -41.89 -4.49 -10.22
N TYR I 5 -41.69 -4.48 -11.54
CA TYR I 5 -40.90 -3.46 -12.19
C TYR I 5 -41.65 -2.14 -12.37
N ASP I 6 -42.96 -2.12 -12.08
CA ASP I 6 -43.81 -0.98 -12.42
C ASP I 6 -44.07 -0.05 -11.24
N VAL I 7 -43.60 -0.38 -10.04
CA VAL I 7 -43.93 0.41 -8.85
C VAL I 7 -42.66 0.68 -8.07
N PRO I 8 -42.69 1.67 -7.18
CA PRO I 8 -41.54 1.91 -6.30
C PRO I 8 -41.33 0.76 -5.35
N GLY I 9 -40.06 0.48 -5.05
CA GLY I 9 -39.71 -0.73 -4.34
C GLY I 9 -40.15 -0.73 -2.88
N ASP I 10 -39.96 0.40 -2.20
CA ASP I 10 -40.16 0.40 -0.75
C ASP I 10 -41.64 0.43 -0.37
N LEU I 11 -42.47 1.11 -1.16
CA LEU I 11 -43.91 1.03 -0.93
C LEU I 11 -44.41 -0.39 -1.14
N LEU I 12 -43.84 -1.10 -2.11
CA LEU I 12 -44.19 -2.49 -2.31
C LEU I 12 -43.76 -3.35 -1.14
N VAL I 13 -42.55 -3.14 -0.62
CA VAL I 13 -42.10 -3.95 0.51
C VAL I 13 -42.99 -3.73 1.71
N GLU I 14 -43.39 -2.48 1.95
CA GLU I 14 -44.33 -2.20 3.03
C GLU I 14 -45.64 -2.94 2.83
N ARG I 15 -46.15 -2.97 1.60
CA ARG I 15 -47.44 -3.61 1.40
C ARG I 15 -47.34 -5.13 1.44
N VAL I 16 -46.19 -5.70 1.09
CA VAL I 16 -46.02 -7.15 1.05
C VAL I 16 -45.81 -7.69 2.46
N ALA I 17 -45.10 -6.93 3.30
CA ALA I 17 -44.88 -7.37 4.67
C ALA I 17 -46.19 -7.58 5.41
N GLN I 18 -47.21 -6.79 5.13
CA GLN I 18 -48.47 -6.92 5.85
C GLN I 18 -49.17 -8.21 5.45
N ARG I 19 -49.08 -8.59 4.18
CA ARG I 19 -49.69 -9.84 3.76
C ARG I 19 -48.94 -11.04 4.33
N LEU I 20 -47.62 -10.93 4.45
CA LEU I 20 -46.83 -12.07 4.92
C LEU I 20 -47.22 -12.51 6.32
N LYS I 21 -48.05 -11.74 7.03
CA LYS I 21 -48.41 -12.13 8.38
C LYS I 21 -49.52 -13.17 8.42
N GLU I 22 -49.94 -13.70 7.29
CA GLU I 22 -51.00 -14.70 7.23
C GLU I 22 -50.49 -16.10 6.96
N ILE I 23 -49.29 -16.24 6.43
CA ILE I 23 -48.70 -17.54 6.12
C ILE I 23 -48.15 -18.13 7.41
N PRO I 24 -48.74 -19.20 7.95
CA PRO I 24 -48.29 -19.72 9.25
C PRO I 24 -46.89 -20.28 9.24
N GLU I 25 -46.19 -20.30 8.11
CA GLU I 25 -44.82 -20.82 8.10
C GLU I 25 -43.82 -19.74 8.48
N ILE I 26 -44.14 -18.48 8.22
CA ILE I 26 -43.26 -17.38 8.62
C ILE I 26 -43.60 -17.00 10.05
N LYS I 27 -42.63 -17.15 10.94
CA LYS I 27 -42.75 -16.78 12.34
C LYS I 27 -41.36 -16.60 12.89
N PRO I 28 -41.12 -15.55 13.68
CA PRO I 28 -39.75 -15.20 14.05
C PRO I 28 -39.13 -16.25 14.95
N PRO I 29 -37.84 -16.55 14.77
CA PRO I 29 -37.17 -17.50 15.66
C PRO I 29 -37.18 -16.98 17.08
N GLU I 30 -37.03 -17.83 18.09
CA GLU I 30 -37.25 -17.31 19.43
C GLU I 30 -36.05 -16.58 20.00
N TRP I 31 -34.98 -16.43 19.24
CA TRP I 31 -33.86 -15.60 19.66
C TRP I 31 -33.91 -14.24 18.98
N ALA I 32 -35.05 -13.86 18.44
CA ALA I 32 -35.18 -12.63 17.68
C ALA I 32 -35.30 -11.37 18.54
N PRO I 33 -35.94 -11.39 19.71
CA PRO I 33 -36.00 -10.17 20.52
C PRO I 33 -34.67 -9.70 21.07
N PHE I 34 -33.58 -10.46 20.92
CA PHE I 34 -32.32 -10.13 21.58
C PHE I 34 -31.15 -10.06 20.61
N VAL I 35 -31.33 -9.61 19.38
CA VAL I 35 -30.25 -9.59 18.41
C VAL I 35 -30.30 -8.29 17.64
N LYS I 36 -29.16 -7.89 17.08
CA LYS I 36 -29.09 -6.89 16.03
C LYS I 36 -28.61 -7.53 14.74
N THR I 37 -28.87 -6.86 13.63
CA THR I 37 -28.69 -7.47 12.31
C THR I 37 -27.34 -7.10 11.71
N GLY I 38 -26.27 -7.50 12.38
CA GLY I 38 -24.97 -7.32 11.79
C GLY I 38 -23.98 -6.69 12.75
N ARG I 39 -22.71 -6.82 12.42
CA ARG I 39 -21.63 -6.24 13.20
C ARG I 39 -21.41 -4.77 12.90
N HIS I 40 -22.09 -4.23 11.91
CA HIS I 40 -21.95 -2.84 11.53
C HIS I 40 -23.01 -1.95 12.14
N LYS I 41 -23.94 -2.51 12.91
CA LYS I 41 -24.95 -1.73 13.58
C LYS I 41 -24.53 -1.46 15.02
N GLU I 42 -25.36 -0.70 15.73
CA GLU I 42 -25.06 -0.33 17.10
C GLU I 42 -26.18 -0.68 18.07
N ARG I 43 -27.44 -0.51 17.67
CA ARG I 43 -28.58 -0.80 18.52
C ARG I 43 -29.51 -1.79 17.83
N LEU I 44 -30.45 -2.32 18.59
CA LEU I 44 -31.35 -3.34 18.09
C LEU I 44 -32.50 -2.73 17.30
N PRO I 45 -33.10 -3.50 16.40
CA PRO I 45 -34.27 -2.99 15.65
C PRO I 45 -35.37 -2.49 16.57
N GLU I 46 -36.00 -1.41 16.17
CA GLU I 46 -36.96 -0.69 17.00
C GLU I 46 -38.39 -1.10 16.77
N GLN I 47 -38.79 -1.43 15.54
CA GLN I 47 -40.16 -1.85 15.36
C GLN I 47 -40.32 -3.33 15.72
N GLU I 48 -41.54 -3.68 16.11
CA GLU I 48 -41.82 -5.02 16.63
C GLU I 48 -41.88 -6.07 15.55
N ASP I 49 -42.53 -5.77 14.44
CA ASP I 49 -42.50 -6.66 13.28
C ASP I 49 -41.33 -6.30 12.37
N TRP I 50 -40.11 -6.42 12.89
CA TRP I 50 -38.96 -6.27 12.03
C TRP I 50 -38.66 -7.54 11.27
N TRP I 51 -39.22 -8.67 11.67
CA TRP I 51 -38.96 -9.91 10.96
C TRP I 51 -39.63 -9.90 9.60
N TYR I 52 -40.88 -9.44 9.56
CA TYR I 52 -41.67 -9.50 8.34
C TYR I 52 -41.12 -8.58 7.27
N TYR I 53 -40.55 -7.44 7.66
CA TYR I 53 -39.96 -6.56 6.67
C TYR I 53 -38.74 -7.19 6.04
N ARG I 54 -37.89 -7.85 6.83
CA ARG I 54 -36.70 -8.46 6.26
C ARG I 54 -37.06 -9.65 5.38
N VAL I 55 -38.03 -10.47 5.80
CA VAL I 55 -38.48 -11.56 4.94
C VAL I 55 -39.02 -11.02 3.63
N ALA I 56 -39.98 -10.09 3.70
CA ALA I 56 -40.61 -9.57 2.50
C ALA I 56 -39.62 -8.80 1.62
N SER I 57 -38.53 -8.31 2.18
CA SER I 57 -37.50 -7.72 1.35
C SER I 57 -36.59 -8.76 0.74
N ILE I 58 -36.49 -9.94 1.34
CA ILE I 58 -35.70 -11.01 0.73
C ILE I 58 -36.47 -11.69 -0.38
N LEU I 59 -37.81 -11.76 -0.27
CA LEU I 59 -38.61 -12.36 -1.33
C LEU I 59 -38.49 -11.55 -2.62
N ARG I 60 -38.73 -10.25 -2.55
CA ARG I 60 -38.61 -9.37 -3.70
C ARG I 60 -37.17 -9.30 -4.20
N ARG I 61 -36.26 -9.92 -3.47
CA ARG I 61 -34.84 -9.78 -3.72
C ARG I 61 -34.29 -10.91 -4.58
N VAL I 62 -34.90 -12.10 -4.51
CA VAL I 62 -34.57 -13.19 -5.44
C VAL I 62 -35.48 -13.19 -6.66
N TYR I 63 -36.65 -12.57 -6.58
CA TYR I 63 -37.51 -12.41 -7.75
C TYR I 63 -36.75 -11.77 -8.90
N LEU I 64 -36.07 -10.65 -8.62
CA LEU I 64 -35.46 -9.84 -9.65
C LEU I 64 -33.96 -9.82 -9.57
N ASP I 65 -33.36 -10.88 -9.07
CA ASP I 65 -31.92 -11.06 -9.13
C ASP I 65 -31.50 -12.49 -9.34
N GLY I 66 -32.39 -13.35 -9.81
CA GLY I 66 -32.03 -14.64 -10.36
C GLY I 66 -31.69 -15.64 -9.28
N PRO I 67 -30.90 -16.65 -9.63
CA PRO I 67 -30.38 -17.56 -8.61
C PRO I 67 -29.26 -16.91 -7.82
N VAL I 68 -29.46 -16.78 -6.51
CA VAL I 68 -28.53 -16.07 -5.65
C VAL I 68 -28.43 -16.83 -4.33
N GLY I 69 -27.25 -16.76 -3.70
CA GLY I 69 -26.98 -17.51 -2.50
C GLY I 69 -26.82 -16.62 -1.28
N ILE I 70 -26.45 -17.25 -0.16
CA ILE I 70 -26.36 -16.53 1.10
C ILE I 70 -25.22 -15.52 1.06
N GLU I 71 -24.02 -15.98 0.74
CA GLU I 71 -22.87 -15.08 0.77
C GLU I 71 -22.97 -13.96 -0.18
N ARG I 72 -23.99 -13.85 -1.02
CA ARG I 72 -24.21 -12.67 -1.81
C ARG I 72 -25.36 -11.81 -1.29
N LEU I 73 -26.22 -12.37 -0.45
CA LEU I 73 -27.22 -11.60 0.26
C LEU I 73 -26.68 -10.99 1.54
N ARG I 74 -25.45 -11.33 1.91
CA ARG I 74 -24.78 -10.68 3.01
C ARG I 74 -24.06 -9.41 2.59
N THR I 75 -23.64 -9.32 1.34
CA THR I 75 -23.03 -8.09 0.85
C THR I 75 -24.07 -7.02 0.59
N TYR I 76 -25.30 -7.42 0.30
CA TYR I 76 -26.35 -6.43 0.09
C TYR I 76 -26.81 -5.83 1.41
N TYR I 77 -26.87 -6.64 2.46
CA TYR I 77 -27.39 -6.21 3.74
C TYR I 77 -26.30 -5.73 4.70
N GLY I 78 -25.12 -5.39 4.17
CA GLY I 78 -24.06 -4.80 4.93
C GLY I 78 -24.06 -3.29 4.84
N GLY I 79 -23.11 -2.68 5.53
CA GLY I 79 -23.03 -1.24 5.55
C GLY I 79 -21.74 -0.71 6.14
N ARG I 80 -21.75 0.58 6.45
CA ARG I 80 -20.61 1.29 7.01
C ARG I 80 -20.65 1.24 8.52
N LYS I 81 -19.48 1.24 9.14
CA LYS I 81 -19.34 1.05 10.58
C LYS I 81 -18.74 2.27 11.23
N ASN I 82 -19.16 2.54 12.47
CA ASN I 82 -18.63 3.60 13.31
C ASN I 82 -17.67 2.96 14.30
N ARG I 83 -16.43 2.78 13.89
CA ARG I 83 -15.49 2.06 14.75
C ARG I 83 -14.57 3.01 15.50
N GLY I 84 -15.17 3.87 16.31
CA GLY I 84 -14.42 4.65 17.29
C GLY I 84 -13.62 5.77 16.69
N HIS I 85 -12.35 5.84 17.08
CA HIS I 85 -11.32 6.77 16.65
C HIS I 85 -10.75 6.48 15.29
N ALA I 86 -11.11 5.41 14.60
CA ALA I 86 -10.54 5.01 13.33
C ALA I 86 -11.49 5.33 12.18
N PRO I 87 -10.98 5.46 10.95
CA PRO I 87 -11.85 5.80 9.83
C PRO I 87 -12.85 4.69 9.50
N GLU I 88 -13.96 5.09 8.88
CA GLU I 88 -15.08 4.23 8.59
C GLU I 88 -14.74 3.23 7.48
N ARG I 89 -15.49 2.12 7.45
CA ARG I 89 -15.10 0.94 6.68
C ARG I 89 -16.31 0.03 6.54
N PHE I 90 -16.38 -0.70 5.43
CA PHE I 90 -17.54 -1.52 5.07
C PHE I 90 -17.38 -2.95 5.58
N TYR I 91 -18.48 -3.55 6.03
CA TYR I 91 -18.48 -4.93 6.51
C TYR I 91 -19.76 -5.63 6.05
N LYS I 92 -19.71 -6.95 5.99
CA LYS I 92 -20.86 -7.74 5.60
C LYS I 92 -21.84 -7.85 6.76
N ALA I 93 -22.83 -8.73 6.63
CA ALA I 93 -23.83 -8.95 7.66
C ALA I 93 -23.77 -10.40 8.13
N GLY I 94 -24.62 -10.73 9.10
CA GLY I 94 -24.64 -12.06 9.65
C GLY I 94 -25.32 -13.03 8.71
N GLY I 95 -25.42 -14.27 9.16
CA GLY I 95 -25.96 -15.30 8.29
C GLY I 95 -27.26 -15.93 8.72
N SER I 96 -27.46 -16.09 10.03
CA SER I 96 -28.61 -16.86 10.49
C SER I 96 -29.91 -16.20 10.10
N ILE I 97 -29.97 -14.87 10.18
CA ILE I 97 -31.20 -14.15 9.86
C ILE I 97 -31.62 -14.39 8.43
N ILE I 98 -30.65 -14.52 7.52
CA ILE I 98 -30.95 -14.75 6.11
C ILE I 98 -31.24 -16.22 5.83
N ARG I 99 -30.50 -17.12 6.45
CA ARG I 99 -30.71 -18.54 6.21
C ARG I 99 -32.10 -18.97 6.69
N LYS I 100 -32.51 -18.52 7.87
CA LYS I 100 -33.84 -18.88 8.34
C LYS I 100 -34.92 -18.32 7.44
N ALA I 101 -34.73 -17.09 6.96
CA ALA I 101 -35.72 -16.48 6.09
C ALA I 101 -35.89 -17.27 4.81
N LEU I 102 -34.78 -17.70 4.20
CA LEU I 102 -34.89 -18.46 2.97
C LEU I 102 -35.48 -19.84 3.22
N GLN I 103 -35.17 -20.46 4.35
CA GLN I 103 -35.76 -21.77 4.64
C GLN I 103 -37.25 -21.67 4.86
N GLN I 104 -37.70 -20.63 5.57
CA GLN I 104 -39.13 -20.45 5.82
C GLN I 104 -39.87 -20.12 4.53
N LEU I 105 -39.28 -19.29 3.67
CA LEU I 105 -39.90 -19.04 2.37
C LEU I 105 -39.98 -20.31 1.53
N GLU I 106 -38.94 -21.13 1.55
CA GLU I 106 -38.96 -22.38 0.81
C GLU I 106 -40.07 -23.29 1.32
N ALA I 107 -40.28 -23.30 2.64
CA ALA I 107 -41.36 -24.12 3.19
C ALA I 107 -42.73 -23.54 2.90
N ALA I 108 -42.79 -22.26 2.56
CA ALA I 108 -44.07 -21.67 2.15
C ALA I 108 -44.44 -22.08 0.73
N GLY I 109 -43.43 -22.26 -0.12
CA GLY I 109 -43.66 -22.60 -1.51
C GLY I 109 -43.24 -21.49 -2.45
N PHE I 110 -42.66 -20.43 -1.91
CA PHE I 110 -42.37 -19.23 -2.67
C PHE I 110 -41.01 -19.23 -3.33
N VAL I 111 -40.03 -19.95 -2.79
CA VAL I 111 -38.73 -20.08 -3.41
C VAL I 111 -38.37 -21.56 -3.46
N GLU I 112 -37.28 -21.88 -4.16
CA GLU I 112 -36.81 -23.26 -4.25
C GLU I 112 -35.33 -23.23 -4.57
N LYS I 113 -34.73 -24.42 -4.58
CA LYS I 113 -33.27 -24.54 -4.58
C LYS I 113 -32.79 -25.09 -5.93
N VAL I 114 -31.95 -24.32 -6.61
CA VAL I 114 -31.30 -24.80 -7.84
C VAL I 114 -30.01 -25.51 -7.45
N PRO I 115 -29.75 -26.73 -7.94
CA PRO I 115 -28.61 -27.49 -7.42
C PRO I 115 -27.28 -26.92 -7.88
N GLY I 116 -26.60 -26.25 -6.96
CA GLY I 116 -25.29 -25.70 -7.24
C GLY I 116 -25.25 -24.27 -7.71
N LYS I 117 -26.40 -23.58 -7.78
CA LYS I 117 -26.40 -22.21 -8.27
C LYS I 117 -27.06 -21.23 -7.31
N GLY I 118 -27.89 -21.70 -6.39
CA GLY I 118 -28.57 -20.78 -5.49
C GLY I 118 -30.03 -21.08 -5.30
N ARG I 119 -30.87 -20.04 -5.38
CA ARG I 119 -32.32 -20.19 -5.20
C ARG I 119 -33.06 -19.29 -6.17
N VAL I 120 -34.19 -19.79 -6.67
CA VAL I 120 -35.03 -19.10 -7.63
C VAL I 120 -36.43 -18.92 -7.04
N ILE I 121 -37.29 -18.33 -7.84
CA ILE I 121 -38.67 -18.13 -7.43
C ILE I 121 -39.58 -19.03 -8.26
N THR I 122 -40.62 -19.54 -7.64
CA THR I 122 -41.53 -20.48 -8.26
C THR I 122 -42.72 -19.76 -8.86
N PRO I 123 -43.52 -20.44 -9.69
CA PRO I 123 -44.74 -19.81 -10.20
C PRO I 123 -45.66 -19.26 -9.12
N LYS I 124 -45.72 -19.90 -7.96
CA LYS I 124 -46.57 -19.45 -6.86
C LYS I 124 -46.10 -18.10 -6.31
N GLY I 125 -44.78 -17.94 -6.16
CA GLY I 125 -44.26 -16.68 -5.67
C GLY I 125 -44.39 -15.54 -6.66
N ARG I 126 -44.18 -15.83 -7.95
CA ARG I 126 -44.45 -14.82 -8.96
C ARG I 126 -45.91 -14.38 -8.92
N SER I 127 -46.84 -15.32 -8.77
CA SER I 127 -48.23 -14.93 -8.64
C SER I 127 -48.43 -14.02 -7.44
N PHE I 128 -47.90 -14.42 -6.29
CA PHE I 128 -48.06 -13.65 -5.06
C PHE I 128 -47.57 -12.22 -5.21
N LEU I 129 -46.35 -12.03 -5.72
CA LEU I 129 -45.83 -10.67 -5.83
C LEU I 129 -46.52 -9.86 -6.92
N ASP I 130 -46.76 -10.45 -8.10
CA ASP I 130 -47.36 -9.66 -9.17
C ASP I 130 -48.80 -9.25 -8.85
N LYS I 131 -49.53 -10.07 -8.11
CA LYS I 131 -50.89 -9.70 -7.77
C LYS I 131 -50.93 -8.48 -6.85
N ILE I 132 -50.06 -8.46 -5.84
CA ILE I 132 -49.99 -7.31 -4.95
C ILE I 132 -49.47 -6.09 -5.68
N ALA I 133 -48.51 -6.26 -6.58
CA ALA I 133 -48.02 -5.12 -7.35
C ALA I 133 -49.14 -4.49 -8.17
N THR I 134 -49.97 -5.33 -8.80
CA THR I 134 -51.10 -4.79 -9.55
C THR I 134 -52.08 -4.07 -8.64
N GLU I 135 -52.39 -4.66 -7.48
CA GLU I 135 -53.30 -4.02 -6.55
C GLU I 135 -52.76 -2.67 -6.08
N LEU I 136 -51.44 -2.54 -5.99
CA LEU I 136 -50.83 -1.28 -5.59
C LEU I 136 -50.89 -0.25 -6.71
N LYS I 137 -50.61 -0.68 -7.94
CA LYS I 137 -50.62 0.27 -9.04
C LYS I 137 -52.02 0.74 -9.39
N LYS I 138 -53.04 -0.09 -9.20
CA LYS I 138 -54.39 0.34 -9.52
C LYS I 138 -54.80 1.56 -8.72
N GLU I 139 -54.23 1.75 -7.53
CA GLU I 139 -54.53 2.90 -6.70
C GLU I 139 -53.44 3.95 -6.71
N LEU I 140 -52.45 3.83 -7.59
CA LEU I 140 -51.42 4.85 -7.77
C LEU I 140 -51.61 5.60 -9.08
N GLU I 141 -52.62 5.23 -9.88
CA GLU I 141 -53.05 6.00 -11.03
C GLU I 141 -54.15 6.98 -10.70
N GLU I 142 -54.70 6.93 -9.48
CA GLU I 142 -55.69 7.91 -9.06
C GLU I 142 -55.04 9.26 -8.77
N ILE I 143 -53.73 9.26 -8.50
CA ILE I 143 -53.04 10.50 -8.19
C ILE I 143 -52.01 10.90 -9.22
N ILE I 144 -51.36 9.95 -9.89
CA ILE I 144 -50.47 10.29 -10.99
C ILE I 144 -51.09 9.75 -12.27
N PRO I 145 -51.88 10.52 -12.98
CA PRO I 145 -52.57 9.97 -14.15
C PRO I 145 -51.66 9.64 -15.31
N GLU I 146 -50.34 9.73 -15.11
CA GLU I 146 -49.38 9.33 -16.13
C GLU I 146 -49.06 7.85 -16.10
N LEU I 147 -49.29 7.16 -14.99
CA LEU I 147 -49.09 5.72 -15.00
C LEU I 147 -50.23 4.98 -15.67
N LYS I 148 -51.28 5.68 -16.09
CA LYS I 148 -52.38 5.05 -16.80
C LYS I 148 -51.91 4.41 -18.10
N LYS I 149 -50.91 4.99 -18.77
CA LYS I 149 -50.58 4.60 -20.13
C LYS I 149 -50.23 3.12 -20.21
N TYR I 150 -49.27 2.69 -19.41
CA TYR I 150 -48.88 1.30 -19.39
C TYR I 150 -49.48 0.57 -18.20
N GLU J 5 -31.09 57.51 -5.15
CA GLU J 5 -29.78 58.09 -4.87
C GLU J 5 -28.75 57.68 -5.91
N GLY J 6 -27.81 58.57 -6.18
CA GLY J 6 -26.73 58.31 -7.13
C GLY J 6 -27.07 58.47 -8.60
N TYR J 7 -26.13 59.01 -9.35
CA TYR J 7 -26.30 59.21 -10.79
C TYR J 7 -25.46 58.16 -11.50
N PRO J 8 -25.99 57.58 -12.58
CA PRO J 8 -25.26 56.53 -13.29
C PRO J 8 -24.35 57.09 -14.36
N ALA J 9 -23.43 56.23 -14.81
CA ALA J 9 -22.48 56.61 -15.84
C ALA J 9 -22.17 55.40 -16.70
N GLU J 10 -21.69 55.64 -17.91
CA GLU J 10 -21.49 54.58 -18.89
C GLU J 10 -20.03 54.47 -19.26
N VAL J 11 -19.45 53.28 -19.12
CA VAL J 11 -18.03 53.11 -19.37
C VAL J 11 -17.77 53.04 -20.86
N ILE J 12 -16.87 53.89 -21.35
CA ILE J 12 -16.59 53.94 -22.77
C ILE J 12 -15.12 53.75 -23.12
N GLU J 13 -14.21 53.63 -22.16
CA GLU J 13 -12.81 53.43 -22.50
C GLU J 13 -12.04 53.08 -21.24
N ILE J 14 -11.15 52.09 -21.34
CA ILE J 14 -10.29 51.70 -20.22
C ILE J 14 -8.90 52.26 -20.46
N ILE J 15 -8.14 52.41 -19.38
CA ILE J 15 -6.84 53.06 -19.49
C ILE J 15 -5.71 52.17 -18.95
N GLY J 16 -6.01 51.29 -18.02
CA GLY J 16 -5.03 50.38 -17.50
C GLY J 16 -5.24 50.08 -16.04
N ARG J 17 -4.33 49.29 -15.48
CA ARG J 17 -4.45 48.78 -14.12
C ARG J 17 -3.58 49.62 -13.19
N THR J 18 -4.22 50.29 -12.24
CA THR J 18 -3.55 50.96 -11.14
C THR J 18 -3.58 50.02 -9.93
N GLY J 19 -3.33 50.52 -8.75
CA GLY J 19 -3.51 49.73 -7.55
C GLY J 19 -2.19 49.35 -6.92
N THR J 20 -2.19 49.32 -5.58
CA THR J 20 -0.98 48.90 -4.86
C THR J 20 -0.62 47.46 -5.16
N THR J 21 -1.58 46.65 -5.62
CA THR J 21 -1.38 45.25 -5.95
C THR J 21 -2.19 44.85 -7.16
N GLY J 22 -2.45 45.78 -8.07
CA GLY J 22 -3.14 45.47 -9.30
C GLY J 22 -4.57 45.03 -9.09
N ASP J 23 -5.42 45.93 -8.63
CA ASP J 23 -6.80 45.58 -8.36
C ASP J 23 -7.78 46.60 -8.93
N VAL J 24 -7.43 47.88 -8.93
CA VAL J 24 -8.33 48.89 -9.44
C VAL J 24 -8.00 49.10 -10.90
N THR J 25 -8.94 49.71 -11.62
CA THR J 25 -8.79 49.97 -13.04
C THR J 25 -9.23 51.39 -13.30
N GLN J 26 -8.50 52.11 -14.16
CA GLN J 26 -8.90 53.46 -14.51
C GLN J 26 -9.62 53.47 -15.85
N VAL J 27 -10.76 54.16 -15.88
CA VAL J 27 -11.67 54.15 -17.02
C VAL J 27 -12.18 55.56 -17.23
N LYS J 28 -12.83 55.77 -18.37
CA LYS J 28 -13.41 57.07 -18.71
C LYS J 28 -14.91 56.89 -18.87
N VAL J 29 -15.69 57.56 -18.03
CA VAL J 29 -17.12 57.36 -17.98
C VAL J 29 -17.84 58.61 -18.46
N ARG J 30 -19.11 58.45 -18.83
CA ARG J 30 -19.94 59.53 -19.34
C ARG J 30 -21.24 59.55 -18.57
N ILE J 31 -21.49 60.65 -17.85
CA ILE J 31 -22.68 60.74 -17.04
C ILE J 31 -23.91 60.95 -17.91
N LEU J 32 -25.05 60.43 -17.45
CA LEU J 32 -26.23 60.41 -18.31
C LEU J 32 -27.53 60.84 -17.65
N GLU J 33 -27.49 61.45 -16.47
CA GLU J 33 -28.67 62.13 -15.94
C GLU J 33 -28.29 62.87 -14.67
N GLY J 34 -29.01 63.94 -14.37
CA GLY J 34 -28.78 64.71 -13.17
C GLY J 34 -28.39 66.15 -13.46
N ARG J 35 -27.43 66.68 -12.70
CA ARG J 35 -27.02 68.06 -12.91
C ARG J 35 -26.12 68.20 -14.13
N ASP J 36 -25.19 67.26 -14.32
CA ASP J 36 -24.28 67.34 -15.47
C ASP J 36 -24.91 66.82 -16.74
N LYS J 37 -25.17 65.51 -16.81
CA LYS J 37 -25.78 64.87 -17.98
C LYS J 37 -25.00 65.17 -19.26
N GLY J 38 -23.78 64.63 -19.34
CA GLY J 38 -23.09 64.66 -20.60
C GLY J 38 -21.60 64.91 -20.48
N ARG J 39 -21.19 65.44 -19.34
CA ARG J 39 -19.78 65.65 -19.08
C ARG J 39 -19.06 64.31 -19.03
N VAL J 40 -17.79 64.32 -19.43
CA VAL J 40 -16.97 63.11 -19.41
C VAL J 40 -15.87 63.28 -18.38
N ILE J 41 -15.86 62.40 -17.39
CA ILE J 41 -14.91 62.45 -16.30
C ILE J 41 -14.19 61.12 -16.23
N ARG J 42 -13.28 61.00 -15.27
CA ARG J 42 -12.44 59.82 -15.12
C ARG J 42 -12.47 59.34 -13.68
N ARG J 43 -12.56 58.02 -13.49
CA ARG J 43 -12.70 57.47 -12.15
C ARG J 43 -12.08 56.08 -12.09
N ASN J 44 -11.95 55.57 -10.86
CA ASN J 44 -11.33 54.26 -10.59
C ASN J 44 -12.38 53.29 -10.09
N VAL J 45 -12.30 52.05 -10.55
CA VAL J 45 -13.29 51.02 -10.23
C VAL J 45 -12.60 49.79 -9.65
N ARG J 46 -13.33 49.07 -8.81
CA ARG J 46 -12.87 47.83 -8.21
C ARG J 46 -13.70 46.66 -8.71
N GLY J 47 -13.08 45.79 -9.49
CA GLY J 47 -13.77 44.65 -10.05
C GLY J 47 -13.51 44.52 -11.53
N PRO J 48 -14.10 43.51 -12.16
CA PRO J 48 -13.97 43.35 -13.61
C PRO J 48 -14.94 44.25 -14.37
N VAL J 49 -14.40 44.94 -15.37
CA VAL J 49 -15.16 45.93 -16.13
C VAL J 49 -15.06 45.64 -17.62
N ARG J 50 -16.20 45.73 -18.29
CA ARG J 50 -16.27 45.72 -19.74
C ARG J 50 -16.58 47.13 -20.21
N VAL J 51 -16.58 47.31 -21.52
CA VAL J 51 -17.10 48.51 -22.14
C VAL J 51 -18.61 48.34 -22.20
N GLY J 52 -19.33 49.45 -22.10
CA GLY J 52 -20.77 49.39 -22.10
C GLY J 52 -21.40 49.19 -20.74
N ASP J 53 -20.61 49.02 -19.69
CA ASP J 53 -21.13 48.89 -18.34
C ASP J 53 -21.86 50.16 -17.92
N ILE J 54 -22.53 50.10 -16.77
CA ILE J 54 -23.23 51.25 -16.22
C ILE J 54 -22.95 51.27 -14.73
N LEU J 55 -22.09 52.18 -14.31
CA LEU J 55 -21.74 52.33 -12.91
C LEU J 55 -22.71 53.27 -12.23
N ILE J 56 -22.84 53.12 -10.91
CA ILE J 56 -23.66 54.00 -10.09
C ILE J 56 -22.72 54.72 -9.14
N LEU J 57 -22.61 56.02 -9.31
CA LEU J 57 -21.66 56.81 -8.54
C LEU J 57 -22.40 57.94 -7.83
N ARG J 58 -21.82 58.41 -6.72
CA ARG J 58 -22.54 59.24 -5.77
C ARG J 58 -22.01 60.66 -5.64
N GLU J 59 -21.06 61.09 -6.47
CA GLU J 59 -20.48 62.41 -6.30
C GLU J 59 -20.38 63.20 -7.61
N THR J 60 -20.03 62.55 -8.71
CA THR J 60 -19.98 63.17 -10.03
C THR J 60 -18.90 64.22 -10.16
N GLU J 61 -18.19 64.56 -9.09
CA GLU J 61 -17.09 65.52 -9.20
C GLU J 61 -15.90 65.01 -8.38
N ARG J 62 -15.13 64.13 -8.96
CA ARG J 62 -13.94 63.70 -8.24
C ARG J 62 -12.70 63.67 -9.11
N GLU J 63 -12.80 63.21 -10.36
CA GLU J 63 -11.70 63.29 -11.31
C GLU J 63 -10.45 62.61 -10.76
N ALA J 64 -10.50 61.28 -10.75
CA ALA J 64 -9.40 60.46 -10.25
C ALA J 64 -8.06 60.98 -10.76
N ARG J 65 -7.06 60.92 -9.89
CA ARG J 65 -5.72 61.38 -10.22
C ARG J 65 -5.18 60.62 -11.42
N GLU J 66 -4.54 61.34 -12.33
CA GLU J 66 -4.11 60.77 -13.60
C GLU J 66 -3.10 59.66 -13.39
N ILE J 67 -3.18 58.64 -14.24
CA ILE J 67 -2.37 57.46 -14.13
C ILE J 67 -0.98 57.75 -14.68
N LYS J 68 -0.01 56.91 -14.32
CA LYS J 68 1.39 57.11 -14.74
C LYS J 68 1.49 56.82 -16.23
N SER J 69 1.10 57.82 -17.03
CA SER J 69 1.22 57.81 -18.49
C SER J 69 0.62 56.55 -19.10
N ARG J 70 -0.39 55.99 -18.42
CA ARG J 70 -1.08 54.77 -18.80
C ARG J 70 -0.18 53.55 -18.71
N ARG J 71 1.12 53.78 -18.55
CA ARG J 71 2.13 52.71 -18.54
C ARG J 71 3.16 53.01 -17.48
N MET K 1 49.53 -40.61 22.96
CA MET K 1 48.16 -41.01 22.69
C MET K 1 47.82 -42.30 23.45
N GLY K 2 48.78 -42.76 24.25
CA GLY K 2 48.57 -43.91 25.10
C GLY K 2 48.35 -45.21 24.34
N GLN K 3 47.95 -46.22 25.12
CA GLN K 3 47.62 -47.53 24.56
C GLN K 3 46.42 -48.11 25.31
N LYS K 4 45.37 -48.44 24.55
CA LYS K 4 44.19 -49.11 25.10
C LYS K 4 43.55 -49.98 23.99
N TRP K 5 43.89 -51.27 24.00
CA TRP K 5 43.16 -52.26 23.21
C TRP K 5 43.50 -53.63 23.79
N LYS K 6 42.62 -54.17 24.63
CA LYS K 6 42.99 -55.35 25.40
C LYS K 6 41.76 -55.91 26.09
N LEU K 7 42.00 -56.90 26.96
CA LEU K 7 40.97 -57.50 27.82
C LEU K 7 39.75 -57.96 27.02
N TYR K 8 40.01 -58.56 25.86
CA TYR K 8 38.98 -59.20 25.07
C TYR K 8 38.63 -60.60 25.57
N ILE K 9 39.00 -60.92 26.82
CA ILE K 9 39.01 -62.30 27.31
C ILE K 9 39.75 -63.21 26.31
N VAL K 10 40.99 -62.84 26.03
CA VAL K 10 41.79 -63.49 25.00
C VAL K 10 43.00 -64.11 25.68
N LYS K 11 43.27 -65.38 25.37
CA LYS K 11 44.36 -66.14 25.96
C LYS K 11 45.12 -66.89 24.87
N ASP K 12 46.04 -67.76 25.29
CA ASP K 12 46.78 -68.64 24.39
C ASP K 12 46.25 -70.07 24.52
N GLY K 13 46.28 -70.79 23.41
CA GLY K 13 45.62 -72.07 23.27
C GLY K 13 44.33 -71.94 22.50
N LYS K 14 43.58 -70.87 22.76
CA LYS K 14 42.37 -70.54 22.03
C LYS K 14 42.03 -69.08 22.33
N VAL K 15 41.06 -68.55 21.59
CA VAL K 15 40.57 -67.20 21.80
C VAL K 15 39.06 -67.21 21.79
N ILE K 16 38.46 -66.52 22.76
CA ILE K 16 37.02 -66.31 22.81
C ILE K 16 36.76 -64.84 23.08
N ARG K 17 36.32 -64.11 22.06
CA ARG K 17 36.08 -62.68 22.21
C ARG K 17 35.09 -62.41 23.33
N LYS K 18 35.40 -61.41 24.15
CA LYS K 18 34.58 -61.09 25.31
C LYS K 18 33.28 -60.44 24.91
N ASN K 19 33.37 -59.26 24.30
CA ASN K 19 32.19 -58.55 23.81
C ASN K 19 31.79 -59.07 22.44
N LYS K 20 30.50 -59.26 22.25
CA LYS K 20 29.99 -59.83 21.01
C LYS K 20 29.91 -58.77 19.92
N PHE K 21 29.26 -59.13 18.83
CA PHE K 21 29.13 -58.24 17.68
C PHE K 21 27.88 -57.37 17.81
N CYS K 22 27.76 -56.42 16.91
CA CYS K 22 26.56 -55.62 16.75
C CYS K 22 25.77 -56.18 15.59
N PRO K 23 24.59 -56.77 15.82
CA PRO K 23 23.83 -57.35 14.70
C PRO K 23 23.51 -56.35 13.61
N ARG K 24 23.50 -55.05 13.94
CA ARG K 24 23.12 -54.02 12.98
C ARG K 24 24.06 -54.00 11.78
N CYS K 25 25.36 -53.93 12.03
CA CYS K 25 26.35 -54.16 10.98
C CYS K 25 26.74 -55.63 11.00
N GLY K 26 27.73 -55.99 10.20
CA GLY K 26 28.21 -57.36 10.14
C GLY K 26 29.14 -57.69 11.29
N PRO K 27 29.89 -58.78 11.15
CA PRO K 27 30.86 -59.16 12.17
C PRO K 27 32.08 -58.24 12.19
N GLY K 28 32.69 -58.16 13.37
CA GLY K 28 33.88 -57.36 13.57
C GLY K 28 33.72 -56.23 14.56
N VAL K 29 32.67 -55.43 14.41
CA VAL K 29 32.46 -54.25 15.26
C VAL K 29 31.92 -54.70 16.61
N PHE K 30 32.63 -54.34 17.66
CA PHE K 30 32.40 -54.96 18.96
C PHE K 30 31.32 -54.22 19.74
N MET K 31 31.19 -54.55 21.02
CA MET K 31 30.13 -54.08 21.89
C MET K 31 30.76 -53.34 23.07
N ALA K 32 29.92 -52.63 23.82
CA ALA K 32 30.37 -51.92 25.01
C ALA K 32 30.04 -52.73 26.25
N ASP K 33 30.70 -52.40 27.35
CA ASP K 33 30.64 -53.18 28.58
C ASP K 33 30.43 -52.27 29.79
N HIS K 34 29.37 -51.45 29.75
CA HIS K 34 29.14 -50.46 30.79
C HIS K 34 28.72 -51.12 32.11
N GLY K 35 28.01 -52.24 32.04
CA GLY K 35 27.67 -52.96 33.25
C GLY K 35 26.18 -53.13 33.46
N ASP K 36 25.40 -52.49 32.62
CA ASP K 36 23.95 -52.63 32.61
C ASP K 36 23.38 -52.93 31.24
N ARG K 37 23.94 -52.38 30.19
CA ARG K 37 23.44 -52.58 28.84
C ARG K 37 24.62 -52.77 27.90
N TRP K 38 24.32 -53.28 26.71
CA TRP K 38 25.31 -53.43 25.66
C TRP K 38 25.08 -52.28 24.67
N ALA K 39 26.05 -51.38 24.65
CA ALA K 39 26.03 -50.21 23.80
C ALA K 39 26.85 -50.49 22.54
N CYS K 40 26.18 -50.35 21.40
CA CYS K 40 26.76 -50.58 20.08
C CYS K 40 28.19 -50.06 19.90
N GLY K 41 28.34 -48.75 20.02
CA GLY K 41 29.62 -48.11 19.84
C GLY K 41 29.52 -47.07 18.73
N ARG K 42 28.69 -47.37 17.74
CA ARG K 42 28.47 -46.45 16.62
C ARG K 42 27.17 -46.76 15.87
N CYS K 43 26.45 -47.79 16.31
CA CYS K 43 25.18 -48.18 15.69
C CYS K 43 23.97 -47.66 16.45
N GLY K 44 23.49 -48.46 17.41
CA GLY K 44 22.35 -48.10 18.23
C GLY K 44 21.67 -49.32 18.85
N TYR K 45 21.99 -49.60 20.12
CA TYR K 45 21.41 -50.75 20.82
C TYR K 45 21.51 -50.65 22.34
N THR K 46 20.39 -50.91 23.02
CA THR K 46 20.36 -50.88 24.49
C THR K 46 19.60 -52.11 25.03
N GLU K 47 19.96 -53.28 24.52
CA GLU K 47 19.17 -54.47 24.81
C GLU K 47 19.32 -54.99 26.24
N TRP K 48 19.92 -54.22 27.17
CA TRP K 48 20.09 -54.67 28.56
C TRP K 48 20.95 -55.94 28.61
N LYS K 49 22.25 -55.72 28.46
CA LYS K 49 23.27 -56.74 28.24
C LYS K 49 22.98 -58.11 28.85
N LYS K 50 23.18 -59.16 28.06
CA LYS K 50 23.01 -60.53 28.55
C LYS K 50 24.13 -60.95 29.48
N ALA L 2 -0.15 -17.72 -13.86
CA ALA L 2 -0.74 -17.56 -15.17
C ALA L 2 0.31 -17.54 -16.26
N ILE L 3 0.39 -16.44 -17.01
CA ILE L 3 1.21 -16.39 -18.22
C ILE L 3 2.34 -15.38 -18.06
N GLU L 4 2.06 -14.29 -17.35
CA GLU L 4 3.11 -13.31 -17.11
C GLU L 4 4.21 -13.90 -16.25
N ARG L 5 3.85 -14.78 -15.32
CA ARG L 5 4.86 -15.45 -14.51
C ARG L 5 5.76 -16.31 -15.36
N TYR L 6 5.29 -16.79 -16.50
CA TYR L 6 6.16 -17.49 -17.41
C TYR L 6 7.01 -16.51 -18.21
N PHE L 7 6.46 -15.36 -18.54
CA PHE L 7 7.23 -14.42 -19.38
C PHE L 7 8.34 -13.75 -18.61
N ILE L 8 8.22 -13.64 -17.29
CA ILE L 8 9.24 -12.98 -16.49
C ILE L 8 10.01 -13.95 -15.61
N ARG L 9 9.78 -15.25 -15.76
CA ARG L 9 10.69 -16.22 -15.19
C ARG L 9 11.82 -16.58 -16.14
N GLU L 10 11.62 -16.40 -17.44
CA GLU L 10 12.65 -16.67 -18.42
C GLU L 10 13.42 -15.42 -18.82
N ALA L 11 13.12 -14.27 -18.22
CA ALA L 11 13.92 -13.09 -18.41
C ALA L 11 14.93 -12.88 -17.29
N VAL L 12 14.76 -13.60 -16.17
CA VAL L 12 15.69 -13.48 -15.06
C VAL L 12 16.83 -14.48 -15.21
N LYS L 13 16.58 -15.64 -15.80
CA LYS L 13 17.65 -16.60 -16.03
C LYS L 13 18.70 -16.03 -16.94
N GLU L 14 18.28 -15.42 -18.05
CA GLU L 14 19.24 -14.78 -18.94
C GLU L 14 20.04 -13.74 -18.20
N MET L 15 19.39 -12.96 -17.34
CA MET L 15 20.10 -11.88 -16.64
C MET L 15 21.18 -12.44 -15.73
N LEU L 16 20.86 -13.50 -14.99
CA LEU L 16 21.86 -14.09 -14.10
C LEU L 16 22.99 -14.74 -14.86
N ILE L 17 22.68 -15.51 -15.92
CA ILE L 17 23.73 -16.13 -16.71
C ILE L 17 24.65 -15.06 -17.28
N ASP L 18 24.07 -13.98 -17.77
CA ASP L 18 24.88 -12.93 -18.39
C ASP L 18 25.77 -12.25 -17.36
N GLU L 19 25.21 -11.94 -16.18
CA GLU L 19 25.99 -11.29 -15.15
C GLU L 19 27.08 -12.18 -14.59
N PHE L 20 26.91 -13.50 -14.62
CA PHE L 20 28.00 -14.39 -14.22
C PHE L 20 29.08 -14.46 -15.29
N LEU L 21 28.67 -14.52 -16.55
CA LEU L 21 29.64 -14.59 -17.64
C LEU L 21 30.47 -13.33 -17.76
N GLU L 22 29.94 -12.18 -17.36
CA GLU L 22 30.78 -10.98 -17.35
C GLU L 22 32.00 -11.17 -16.48
N LYS L 23 31.79 -11.43 -15.19
CA LYS L 23 32.87 -11.67 -14.25
C LYS L 23 33.81 -12.76 -14.75
N GLU L 24 33.26 -13.87 -15.25
CA GLU L 24 34.09 -15.01 -15.60
C GLU L 24 34.94 -14.72 -16.83
N LEU L 25 34.36 -14.14 -17.87
CA LEU L 25 35.04 -13.96 -19.14
C LEU L 25 35.49 -12.52 -19.36
N ARG L 26 35.79 -11.80 -18.27
CA ARG L 26 36.25 -10.42 -18.37
C ARG L 26 37.32 -10.26 -19.44
N ARG L 27 38.43 -10.96 -19.31
CA ARG L 27 39.48 -10.89 -20.32
C ARG L 27 39.02 -11.62 -21.57
N ALA L 28 39.75 -11.41 -22.66
CA ALA L 28 39.39 -11.85 -24.01
C ALA L 28 38.09 -11.21 -24.51
N GLY L 29 37.52 -10.30 -23.74
CA GLY L 29 36.48 -9.40 -24.23
C GLY L 29 35.12 -9.99 -24.46
N TYR L 30 34.42 -10.38 -23.41
CA TYR L 30 33.07 -10.87 -23.55
C TYR L 30 32.16 -9.79 -24.12
N GLY L 31 31.31 -10.16 -25.07
CA GLY L 31 30.45 -9.21 -25.75
C GLY L 31 28.96 -9.33 -25.47
N GLY L 32 28.46 -10.55 -25.36
CA GLY L 32 27.05 -10.77 -25.09
C GLY L 32 26.63 -12.15 -25.52
N LEU L 33 25.41 -12.53 -25.11
CA LEU L 33 24.90 -13.85 -25.46
C LEU L 33 23.47 -13.83 -25.97
N ASP L 34 22.98 -15.00 -26.39
CA ASP L 34 21.55 -15.22 -26.68
C ASP L 34 21.19 -16.71 -26.65
N ILE L 35 20.07 -17.04 -26.01
CA ILE L 35 19.62 -18.41 -25.84
C ILE L 35 18.60 -18.73 -26.92
N LYS L 36 18.64 -19.95 -27.44
CA LYS L 36 17.67 -20.42 -28.42
C LYS L 36 17.14 -21.77 -27.96
N LYS L 37 15.84 -21.84 -27.73
CA LYS L 37 15.20 -23.01 -27.15
C LYS L 37 14.57 -23.85 -28.25
N THR L 38 15.26 -24.90 -28.66
CA THR L 38 14.72 -25.84 -29.64
C THR L 38 14.24 -27.06 -28.86
N PRO L 39 13.48 -27.97 -29.47
CA PRO L 39 13.20 -29.24 -28.80
C PRO L 39 14.46 -29.92 -28.29
N LEU L 40 14.32 -30.62 -27.16
CA LEU L 40 15.31 -31.47 -26.51
C LEU L 40 16.53 -30.72 -25.98
N GLY L 41 16.63 -29.42 -26.18
CA GLY L 41 17.77 -28.68 -25.66
C GLY L 41 17.82 -27.28 -26.20
N THR L 42 18.69 -26.48 -25.59
CA THR L 42 18.89 -25.10 -25.99
C THR L 42 20.21 -24.94 -26.73
N LYS L 43 20.48 -23.71 -27.16
CA LYS L 43 21.73 -23.41 -27.85
C LYS L 43 22.21 -22.06 -27.37
N VAL L 44 23.36 -22.03 -26.71
CA VAL L 44 23.93 -20.80 -26.17
C VAL L 44 25.00 -20.30 -27.13
N ILE L 45 25.03 -19.00 -27.35
CA ILE L 45 26.01 -18.37 -28.23
C ILE L 45 26.67 -17.24 -27.46
N ILE L 46 27.99 -17.13 -27.58
CA ILE L 46 28.77 -16.18 -26.79
C ILE L 46 29.70 -15.43 -27.74
N PHE L 47 29.39 -14.17 -28.02
CA PHE L 47 30.21 -13.35 -28.93
C PHE L 47 31.39 -12.78 -28.15
N ALA L 48 32.40 -13.59 -27.95
CA ALA L 48 33.61 -13.11 -27.30
C ALA L 48 34.38 -12.23 -28.28
N ALA L 49 35.63 -11.90 -27.94
CA ALA L 49 36.52 -11.17 -28.82
C ALA L 49 37.83 -11.92 -29.04
N ASN L 50 38.01 -13.04 -28.37
CA ASN L 50 39.13 -13.95 -28.49
C ASN L 50 38.64 -15.31 -28.02
N PRO L 51 38.11 -16.13 -28.91
CA PRO L 51 37.62 -17.44 -28.49
C PRO L 51 38.70 -18.34 -27.90
N GLY L 52 39.96 -17.94 -28.05
CA GLY L 52 41.06 -18.71 -27.51
C GLY L 52 41.04 -18.88 -26.00
N TYR L 53 40.63 -17.84 -25.27
CA TYR L 53 40.60 -17.94 -23.83
C TYR L 53 39.33 -18.63 -23.33
N VAL L 54 38.24 -18.52 -24.08
CA VAL L 54 36.98 -19.07 -23.61
C VAL L 54 36.91 -20.55 -23.92
N ILE L 55 37.44 -20.98 -25.07
CA ILE L 55 37.38 -22.39 -25.43
C ILE L 55 38.30 -23.21 -24.53
N GLY L 56 39.54 -22.78 -24.41
CA GLY L 56 40.46 -23.47 -23.52
C GLY L 56 41.51 -24.21 -24.32
N ARG L 57 42.13 -25.22 -23.70
CA ARG L 57 43.16 -25.99 -24.38
C ARG L 57 42.54 -27.26 -24.96
N GLY L 58 42.12 -27.14 -26.22
CA GLY L 58 41.40 -28.20 -26.88
C GLY L 58 39.93 -28.25 -26.54
N GLY L 59 39.44 -27.31 -25.75
CA GLY L 59 38.06 -27.28 -25.33
C GLY L 59 37.80 -27.86 -23.96
N ARG L 60 38.66 -27.58 -22.98
CA ARG L 60 38.45 -28.06 -21.62
C ARG L 60 37.85 -27.00 -20.72
N ARG L 61 37.82 -25.75 -21.15
CA ARG L 61 37.06 -24.73 -20.46
C ARG L 61 35.58 -24.84 -20.77
N ILE L 62 35.24 -25.21 -22.00
CA ILE L 62 33.86 -25.31 -22.42
C ILE L 62 33.14 -26.43 -21.69
N ARG L 63 33.84 -27.52 -21.38
CA ARG L 63 33.23 -28.58 -20.58
C ARG L 63 32.79 -28.05 -19.23
N GLU L 64 33.67 -27.31 -18.54
CA GLU L 64 33.32 -26.73 -17.26
C GLU L 64 32.19 -25.72 -17.40
N LEU L 65 32.23 -24.91 -18.47
CA LEU L 65 31.21 -23.89 -18.65
C LEU L 65 29.84 -24.52 -18.80
N THR L 66 29.72 -25.56 -19.63
CA THR L 66 28.41 -26.20 -19.77
C THR L 66 28.00 -26.92 -18.50
N ARG L 67 28.94 -27.53 -17.79
CA ARG L 67 28.58 -28.18 -16.54
C ARG L 67 27.96 -27.18 -15.57
N ILE L 68 28.55 -25.99 -15.46
CA ILE L 68 27.98 -24.98 -14.58
C ILE L 68 26.64 -24.50 -15.12
N LEU L 69 26.56 -24.24 -16.42
CA LEU L 69 25.37 -23.67 -17.02
C LEU L 69 24.19 -24.62 -16.97
N GLU L 70 24.45 -25.90 -16.73
CA GLU L 70 23.39 -26.90 -16.58
C GLU L 70 23.12 -27.25 -15.12
N ARG L 71 24.11 -27.11 -14.24
CA ARG L 71 23.87 -27.43 -12.84
C ARG L 71 23.46 -26.20 -12.04
N GLN L 72 24.23 -25.12 -12.11
CA GLN L 72 23.96 -23.94 -11.29
C GLN L 72 22.83 -23.07 -11.83
N PHE L 73 22.52 -23.17 -13.12
CA PHE L 73 21.36 -22.54 -13.72
C PHE L 73 20.45 -23.62 -14.31
N GLY L 74 19.49 -23.20 -15.13
CA GLY L 74 18.57 -24.14 -15.73
C GLY L 74 19.19 -24.79 -16.94
N LEU L 75 18.59 -24.62 -18.12
CA LEU L 75 19.22 -25.01 -19.39
C LEU L 75 19.47 -26.52 -19.42
N GLU L 76 18.37 -27.27 -19.49
CA GLU L 76 18.43 -28.71 -19.31
C GLU L 76 19.42 -29.39 -20.27
N ASN L 77 19.60 -28.88 -21.48
CA ASN L 77 20.58 -29.44 -22.41
C ASN L 77 21.27 -28.32 -23.17
N PRO L 78 22.40 -27.83 -22.67
CA PRO L 78 23.05 -26.68 -23.29
C PRO L 78 24.11 -27.08 -24.31
N GLN L 79 24.33 -26.17 -25.26
CA GLN L 79 25.31 -26.32 -26.32
C GLN L 79 25.89 -24.93 -26.59
N ILE L 80 27.14 -24.74 -26.24
CA ILE L 80 27.79 -23.45 -26.46
C ILE L 80 28.54 -23.50 -27.76
N ASP L 81 28.72 -22.34 -28.38
CA ASP L 81 29.69 -22.18 -29.44
C ASP L 81 30.05 -20.70 -29.52
N VAL L 82 31.32 -20.42 -29.77
CA VAL L 82 31.84 -19.08 -29.67
C VAL L 82 31.72 -18.41 -31.03
N GLN L 83 31.76 -17.08 -31.03
CA GLN L 83 31.59 -16.30 -32.25
C GLN L 83 32.56 -15.12 -32.15
N GLU L 84 32.39 -14.13 -33.00
CA GLU L 84 33.22 -12.94 -33.01
C GLU L 84 32.32 -11.72 -33.09
N ILE L 85 32.67 -10.66 -32.36
CA ILE L 85 31.79 -9.49 -32.27
C ILE L 85 31.48 -8.96 -33.66
N LYS L 86 30.26 -8.44 -33.81
CA LYS L 86 29.82 -7.93 -35.11
C LYS L 86 30.57 -6.68 -35.50
N ASN L 87 30.63 -5.70 -34.60
CA ASN L 87 31.29 -4.42 -34.83
C ASN L 87 31.87 -3.92 -33.51
N PRO L 88 33.09 -4.35 -33.15
CA PRO L 88 33.61 -4.08 -31.82
C PRO L 88 33.69 -2.61 -31.45
N TYR L 89 33.71 -1.71 -32.44
CA TYR L 89 33.93 -0.30 -32.18
C TYR L 89 32.64 0.52 -32.13
N LEU L 90 31.49 -0.14 -32.15
CA LEU L 90 30.21 0.55 -31.99
C LEU L 90 29.50 0.08 -30.73
N ASN L 91 30.19 -0.73 -29.93
CA ASN L 91 29.62 -1.44 -28.79
C ASN L 91 30.25 -0.86 -27.54
N ALA L 92 29.67 0.23 -27.03
CA ALA L 92 30.32 0.97 -25.96
C ALA L 92 30.62 0.09 -24.76
N LYS L 93 29.78 -0.90 -24.51
CA LYS L 93 29.93 -1.81 -23.40
C LYS L 93 31.20 -2.62 -23.46
N VAL L 94 31.91 -2.57 -24.59
CA VAL L 94 33.20 -3.21 -24.74
C VAL L 94 34.34 -2.22 -24.62
N GLN L 95 34.17 -1.03 -25.22
CA GLN L 95 35.21 -0.03 -25.12
C GLN L 95 35.41 0.40 -23.68
N ALA L 96 34.35 0.39 -22.87
CA ALA L 96 34.53 0.70 -21.47
C ALA L 96 35.52 -0.24 -20.81
N VAL L 97 35.38 -1.54 -21.08
CA VAL L 97 36.27 -2.52 -20.47
C VAL L 97 37.68 -2.43 -21.04
N ARG L 98 37.80 -2.12 -22.33
CA ARG L 98 39.14 -2.04 -22.91
C ARG L 98 39.90 -0.84 -22.36
N ILE L 99 39.22 0.29 -22.20
CA ILE L 99 39.87 1.44 -21.56
C ILE L 99 40.19 1.14 -20.11
N ALA L 100 39.27 0.49 -19.39
CA ALA L 100 39.52 0.18 -17.99
C ALA L 100 40.74 -0.71 -17.83
N GLN L 101 40.91 -1.69 -18.71
CA GLN L 101 42.06 -2.57 -18.62
C GLN L 101 43.35 -1.82 -18.96
N ALA L 102 43.32 -1.03 -20.03
CA ALA L 102 44.51 -0.25 -20.37
C ALA L 102 44.90 0.67 -19.23
N LEU L 103 43.92 1.18 -18.49
CA LEU L 103 44.22 1.96 -17.30
C LEU L 103 44.91 1.10 -16.25
N GLU L 104 44.23 0.06 -15.78
CA GLU L 104 44.81 -0.72 -14.68
C GLU L 104 46.04 -1.51 -15.10
N ARG L 105 46.52 -1.33 -16.33
CA ARG L 105 47.85 -1.85 -16.65
C ARG L 105 48.94 -0.80 -16.43
N GLY L 106 48.59 0.49 -16.37
CA GLY L 106 49.56 1.48 -15.98
C GLY L 106 49.73 2.67 -16.91
N ILE L 107 48.84 2.81 -17.90
CA ILE L 107 48.95 3.92 -18.84
C ILE L 107 48.31 5.16 -18.24
N HIS L 108 48.78 6.33 -18.68
CA HIS L 108 48.19 7.59 -18.25
C HIS L 108 46.75 7.67 -18.73
N PHE L 109 45.92 8.40 -17.98
CA PHE L 109 44.50 8.44 -18.27
C PHE L 109 44.15 9.38 -19.41
N ARG L 110 45.10 10.05 -20.02
CA ARG L 110 44.82 10.89 -21.18
C ARG L 110 45.31 10.30 -22.49
N ARG L 111 46.21 9.32 -22.44
CA ARG L 111 46.52 8.59 -23.67
C ARG L 111 45.45 7.55 -23.96
N ALA L 112 44.96 6.87 -22.93
CA ALA L 112 43.93 5.87 -23.15
C ALA L 112 42.72 6.47 -23.84
N ALA L 113 42.19 7.56 -23.29
CA ALA L 113 40.97 8.15 -23.82
C ALA L 113 41.17 8.68 -25.23
N TYR L 114 42.27 9.38 -25.49
CA TYR L 114 42.49 9.90 -26.83
C TYR L 114 42.63 8.80 -27.86
N ALA L 115 43.39 7.74 -27.56
CA ALA L 115 43.50 6.64 -28.49
C ALA L 115 42.15 6.00 -28.76
N ALA L 116 41.35 5.78 -27.71
CA ALA L 116 40.05 5.14 -27.90
C ALA L 116 39.12 5.99 -28.74
N MET L 117 39.05 7.28 -28.45
CA MET L 117 38.20 8.15 -29.24
C MET L 117 38.65 8.18 -30.69
N ARG L 118 39.97 8.17 -30.93
CA ARG L 118 40.45 8.17 -32.30
C ARG L 118 40.01 6.92 -33.03
N ALA L 119 40.12 5.76 -32.39
CA ALA L 119 39.72 4.52 -33.05
C ALA L 119 38.23 4.50 -33.35
N ILE L 120 37.40 4.90 -32.39
CA ILE L 120 35.96 4.84 -32.59
C ILE L 120 35.55 5.81 -33.70
N MET L 121 36.11 7.01 -33.70
CA MET L 121 35.70 7.98 -34.72
C MET L 121 36.40 7.75 -36.05
N SER L 122 37.40 6.88 -36.09
CA SER L 122 37.93 6.42 -37.37
C SER L 122 37.00 5.38 -37.99
N ASN L 123 36.60 4.38 -37.23
CA ASN L 123 35.78 3.30 -37.78
C ASN L 123 34.38 3.75 -38.16
N GLY L 124 34.12 5.05 -38.14
CA GLY L 124 32.90 5.56 -38.71
C GLY L 124 31.72 5.69 -37.77
N ALA L 125 31.88 6.44 -36.68
CA ALA L 125 30.76 6.80 -35.83
C ALA L 125 30.43 8.27 -36.03
N ARG L 126 29.29 8.69 -35.49
CA ARG L 126 28.92 10.09 -35.58
C ARG L 126 29.54 10.93 -34.47
N GLY L 127 29.63 10.36 -33.26
CA GLY L 127 30.17 11.08 -32.13
C GLY L 127 30.23 10.22 -30.87
N VAL L 128 31.12 10.57 -29.94
CA VAL L 128 31.45 9.73 -28.80
C VAL L 128 31.61 10.62 -27.57
N GLU L 129 31.42 10.03 -26.38
CA GLU L 129 31.64 10.78 -25.15
C GLU L 129 32.16 9.90 -24.03
N ILE L 130 33.41 10.15 -23.61
CA ILE L 130 34.04 9.42 -22.53
C ILE L 130 34.15 10.30 -21.29
N ARG L 131 33.91 9.70 -20.13
CA ARG L 131 33.93 10.46 -18.86
C ARG L 131 34.64 9.61 -17.81
N ILE L 132 35.85 10.01 -17.44
CA ILE L 132 36.68 9.27 -16.48
C ILE L 132 36.75 10.04 -15.19
N SER L 133 36.27 9.44 -14.11
CA SER L 133 36.14 10.16 -12.85
C SER L 133 36.55 9.28 -11.70
N GLY L 134 37.65 9.61 -11.06
CA GLY L 134 38.11 8.89 -9.89
C GLY L 134 39.14 9.71 -9.16
N LYS L 135 40.07 9.02 -8.50
CA LYS L 135 41.10 9.65 -7.70
C LYS L 135 42.38 9.89 -8.47
N LEU L 136 42.29 10.12 -9.76
CA LEU L 136 43.49 10.31 -10.56
C LEU L 136 44.21 11.59 -10.19
N THR L 137 45.53 11.53 -10.19
CA THR L 137 46.45 12.62 -9.86
C THR L 137 46.00 13.45 -8.63
N GLY L 138 45.99 12.79 -7.48
CA GLY L 138 45.83 13.50 -6.24
C GLY L 138 45.26 12.61 -5.15
N GLU L 139 44.80 13.27 -4.09
CA GLU L 139 44.02 12.64 -3.03
C GLU L 139 42.57 13.05 -3.04
N ARG L 140 42.22 14.10 -3.76
CA ARG L 140 40.83 14.54 -3.88
C ARG L 140 40.33 14.15 -5.25
N ALA L 141 39.08 13.68 -5.31
CA ALA L 141 38.57 13.20 -6.57
C ALA L 141 38.42 14.33 -7.55
N LYS L 142 38.32 13.97 -8.83
CA LYS L 142 38.17 14.90 -9.92
C LYS L 142 37.22 14.27 -10.92
N SER L 143 37.17 14.81 -12.13
CA SER L 143 36.42 14.23 -13.24
C SER L 143 36.73 15.02 -14.50
N VAL L 144 37.03 14.30 -15.58
CA VAL L 144 37.30 14.92 -16.86
C VAL L 144 36.30 14.36 -17.87
N ARG L 145 36.31 14.93 -19.07
CA ARG L 145 35.32 14.61 -20.09
C ARG L 145 35.88 14.88 -21.48
N PHE L 146 35.67 13.94 -22.40
CA PHE L 146 36.12 14.06 -23.79
C PHE L 146 34.95 13.77 -24.73
N TYR L 147 34.89 14.48 -25.86
CA TYR L 147 33.86 14.22 -26.85
C TYR L 147 34.29 14.76 -28.21
N GLN L 148 33.64 14.25 -29.29
CA GLN L 148 34.11 14.49 -30.66
C GLN L 148 33.06 15.03 -31.63
N GLY L 149 31.84 14.53 -31.61
CA GLY L 149 30.90 14.96 -32.63
C GLY L 149 29.48 15.17 -32.14
N TYR L 150 28.50 14.73 -32.94
CA TYR L 150 27.11 14.82 -32.51
C TYR L 150 26.79 13.69 -31.55
N LEU L 151 25.99 14.01 -30.52
CA LEU L 151 25.56 13.02 -29.55
C LEU L 151 24.33 13.55 -28.86
N ALA L 152 23.20 12.87 -28.99
CA ALA L 152 22.00 13.26 -28.27
C ALA L 152 22.07 12.82 -26.82
N LYS L 153 21.45 13.59 -25.96
CA LYS L 153 21.47 13.31 -24.53
C LYS L 153 20.09 13.18 -23.93
N VAL L 154 19.14 14.01 -24.32
CA VAL L 154 17.83 14.07 -23.71
C VAL L 154 16.77 13.80 -24.76
N GLY L 155 15.72 13.10 -24.35
CA GLY L 155 14.61 12.78 -25.20
C GLY L 155 14.66 11.34 -25.66
N ASN L 156 13.60 10.93 -26.34
CA ASN L 156 13.45 9.56 -26.80
C ASN L 156 14.56 9.12 -27.73
N PRO L 157 15.02 9.93 -28.69
CA PRO L 157 16.15 9.49 -29.52
C PRO L 157 17.42 9.21 -28.74
N ALA L 158 17.65 9.88 -27.62
CA ALA L 158 18.76 9.50 -26.75
C ALA L 158 18.30 8.56 -25.63
N GLU L 159 17.51 7.56 -26.03
CA GLU L 159 17.23 6.39 -25.22
C GLU L 159 17.22 5.12 -26.04
N THR L 160 17.15 5.21 -27.37
CA THR L 160 17.11 4.07 -28.26
C THR L 160 18.23 4.04 -29.27
N LEU L 161 18.89 5.17 -29.53
CA LEU L 161 19.88 5.20 -30.60
C LEU L 161 21.31 5.23 -30.07
N VAL L 162 21.54 5.82 -28.89
CA VAL L 162 22.89 5.82 -28.35
C VAL L 162 23.13 4.55 -27.53
N SER L 163 24.33 3.99 -27.69
CA SER L 163 24.75 2.78 -27.01
C SER L 163 25.79 3.14 -25.96
N LYS L 164 25.60 2.67 -24.72
CA LYS L 164 26.36 3.15 -23.58
C LYS L 164 26.71 2.03 -22.62
N GLY L 165 27.90 2.13 -22.02
CA GLY L 165 28.37 1.10 -21.10
C GLY L 165 29.26 1.68 -20.02
N TYR L 166 29.40 0.93 -18.93
CA TYR L 166 30.12 1.35 -17.74
C TYR L 166 31.02 0.23 -17.23
N ALA L 167 32.18 0.58 -16.68
CA ALA L 167 33.10 -0.43 -16.16
C ALA L 167 34.04 0.21 -15.14
N GLN L 168 34.48 -0.61 -14.19
CA GLN L 168 35.38 -0.20 -13.12
C GLN L 168 36.81 -0.58 -13.46
N ALA L 169 37.76 0.16 -12.90
CA ALA L 169 39.17 -0.11 -13.15
C ALA L 169 39.90 0.02 -11.82
N LEU L 170 39.94 -1.07 -11.07
CA LEU L 170 40.55 -1.05 -9.75
C LEU L 170 42.05 -0.81 -9.87
N LEU L 171 42.60 -0.09 -8.90
CA LEU L 171 43.99 0.33 -8.97
C LEU L 171 44.62 0.19 -7.59
N LYS L 172 45.83 0.71 -7.44
CA LYS L 172 46.54 0.63 -6.17
C LYS L 172 45.98 1.61 -5.16
N LEU L 173 45.40 2.72 -5.60
CA LEU L 173 44.84 3.67 -4.66
C LEU L 173 43.34 3.44 -4.47
N GLY L 174 42.60 3.27 -5.54
CA GLY L 174 41.17 3.03 -5.44
C GLY L 174 40.58 2.63 -6.77
N VAL L 175 39.28 2.83 -6.91
CA VAL L 175 38.58 2.51 -8.14
C VAL L 175 38.51 3.76 -9.00
N ILE L 176 38.19 3.56 -10.28
CA ILE L 176 37.98 4.65 -11.23
C ILE L 176 36.88 4.23 -12.17
N GLY L 177 35.83 5.05 -12.26
CA GLY L 177 34.69 4.73 -13.10
C GLY L 177 34.85 5.28 -14.50
N VAL L 178 34.52 4.45 -15.49
CA VAL L 178 34.57 4.83 -16.90
C VAL L 178 33.17 4.74 -17.47
N LYS L 179 32.82 5.65 -18.37
CA LYS L 179 31.52 5.66 -19.02
C LYS L 179 31.71 6.11 -20.46
N VAL L 180 31.27 5.29 -21.41
CA VAL L 180 31.40 5.62 -22.83
C VAL L 180 29.99 5.69 -23.42
N ALA L 181 29.86 6.39 -24.54
CA ALA L 181 28.58 6.51 -25.24
C ALA L 181 28.85 6.83 -26.70
N ILE L 182 28.17 6.12 -27.61
CA ILE L 182 28.46 6.15 -29.04
C ILE L 182 27.14 6.29 -29.79
N MET L 183 27.20 6.92 -30.97
CA MET L 183 26.04 7.05 -31.85
C MET L 183 26.35 6.43 -33.20
N PRO L 184 25.68 5.37 -33.62
CA PRO L 184 26.11 4.65 -34.81
C PRO L 184 25.94 5.51 -36.06
N PRO L 185 26.59 5.15 -37.17
CA PRO L 185 26.66 6.07 -38.31
C PRO L 185 25.37 6.24 -39.10
N ASP L 186 24.35 5.44 -38.80
CA ASP L 186 23.05 5.57 -39.45
C ASP L 186 21.99 5.89 -38.40
N ALA L 187 21.88 7.17 -38.07
CA ALA L 187 21.05 7.60 -36.95
C ALA L 187 19.72 8.18 -37.42
N ARG L 188 19.76 9.37 -38.05
CA ARG L 188 18.56 10.05 -38.55
C ARG L 188 17.63 10.47 -37.40
N LEU L 189 18.03 11.55 -36.74
CA LEU L 189 17.15 12.28 -35.83
C LEU L 189 15.90 12.76 -36.57
N PRO L 190 14.87 13.20 -35.85
CA PRO L 190 13.70 13.77 -36.52
C PRO L 190 13.98 15.10 -37.19
N ASP L 191 14.95 15.86 -36.69
CA ASP L 191 15.34 17.15 -37.22
C ASP L 191 15.80 17.09 -38.67
N GLU L 192 16.14 15.90 -39.18
CA GLU L 192 16.85 15.79 -40.45
C GLU L 192 15.91 15.26 -41.54
N ILE L 193 15.54 16.19 -42.42
CA ILE L 193 14.67 15.89 -43.56
C ILE L 193 15.38 16.34 -44.83
N GLU L 194 15.22 15.57 -45.91
CA GLU L 194 15.76 15.90 -47.21
C GLU L 194 14.62 16.05 -48.22
N ILE L 195 14.92 16.69 -49.35
CA ILE L 195 13.93 16.95 -50.39
C ILE L 195 14.08 15.89 -51.46
N ILE L 196 13.15 14.94 -51.49
CA ILE L 196 13.11 13.92 -52.52
C ILE L 196 12.73 14.58 -53.83
N GLU L 197 13.71 14.78 -54.71
CA GLU L 197 13.53 15.59 -55.90
C GLU L 197 13.29 14.72 -57.12
N LYS L 198 13.01 15.38 -58.24
CA LYS L 198 12.77 14.70 -59.52
C LYS L 198 14.09 14.35 -60.22
N MET M 1 53.20 -63.01 16.70
CA MET M 1 53.93 -61.88 16.15
C MET M 1 54.61 -61.08 17.25
N ALA M 2 54.81 -61.71 18.41
CA ALA M 2 55.34 -61.04 19.58
C ALA M 2 56.77 -60.56 19.35
N LYS M 3 57.37 -59.91 20.36
CA LYS M 3 58.75 -59.45 20.27
C LYS M 3 59.67 -60.61 19.91
N PRO M 4 60.82 -60.34 19.24
CA PRO M 4 61.78 -61.42 18.99
C PRO M 4 62.22 -62.12 20.26
N SER M 5 61.88 -61.53 21.41
CA SER M 5 61.96 -62.20 22.70
C SER M 5 60.78 -63.16 22.87
N TYR M 6 60.62 -64.03 21.87
CA TYR M 6 59.62 -65.08 21.89
C TYR M 6 60.06 -66.11 20.85
N VAL M 7 60.45 -67.29 21.32
CA VAL M 7 61.07 -68.30 20.44
C VAL M 7 59.92 -69.11 19.84
N LYS M 8 59.38 -68.59 18.73
CA LYS M 8 58.39 -69.34 17.96
C LYS M 8 59.08 -70.31 17.01
N PHE M 9 59.88 -69.80 16.08
CA PHE M 9 60.71 -70.62 15.21
C PHE M 9 61.75 -69.70 14.55
N GLU M 10 62.45 -70.23 13.55
CA GLU M 10 63.44 -69.45 12.80
C GLU M 10 62.74 -68.75 11.63
N VAL M 11 63.44 -67.80 11.02
CA VAL M 11 62.88 -66.97 9.96
C VAL M 11 63.85 -66.93 8.78
N PRO M 12 63.46 -67.43 7.60
CA PRO M 12 64.32 -67.30 6.41
C PRO M 12 64.26 -65.92 5.77
N LYS M 13 65.03 -65.71 4.70
CA LYS M 13 65.14 -64.42 4.04
C LYS M 13 64.48 -64.34 2.67
N GLU M 14 64.35 -65.48 1.97
CA GLU M 14 63.75 -65.45 0.65
C GLU M 14 62.27 -65.07 0.72
N LEU M 15 61.52 -65.69 1.64
CA LEU M 15 60.11 -65.35 1.80
C LEU M 15 59.98 -63.91 2.29
N ALA M 16 60.89 -63.47 3.16
CA ALA M 16 60.92 -62.07 3.56
C ALA M 16 60.97 -61.15 2.36
N GLU M 17 61.93 -61.40 1.46
CA GLU M 17 62.04 -60.58 0.26
C GLU M 17 60.78 -60.65 -0.58
N LYS M 18 60.41 -61.85 -1.02
CA LYS M 18 59.28 -61.98 -1.93
C LYS M 18 57.92 -61.83 -1.24
N ALA M 19 57.85 -61.39 0.01
CA ALA M 19 56.58 -60.98 0.59
C ALA M 19 56.55 -59.52 1.02
N LEU M 20 57.68 -58.92 1.40
CA LEU M 20 57.74 -57.50 1.65
C LEU M 20 57.83 -56.70 0.36
N GLN M 21 58.43 -57.29 -0.67
CA GLN M 21 58.31 -56.78 -2.02
C GLN M 21 57.01 -57.21 -2.69
N ALA M 22 56.09 -57.83 -1.94
CA ALA M 22 54.79 -58.23 -2.46
C ALA M 22 53.73 -57.16 -2.22
N VAL M 23 54.09 -56.08 -1.53
CA VAL M 23 53.13 -55.11 -1.04
C VAL M 23 52.97 -53.93 -1.99
N GLU M 24 54.09 -53.34 -2.42
CA GLU M 24 54.04 -52.21 -3.36
C GLU M 24 53.26 -52.58 -4.61
N ILE M 25 53.56 -53.75 -5.18
CA ILE M 25 52.86 -54.20 -6.37
C ILE M 25 51.40 -54.49 -6.07
N ALA M 26 51.08 -54.94 -4.85
CA ALA M 26 49.71 -55.06 -4.42
C ALA M 26 49.14 -53.76 -3.88
N ARG M 27 49.99 -52.79 -3.57
CA ARG M 27 49.51 -51.49 -3.09
C ARG M 27 49.04 -50.64 -4.26
N ASP M 28 49.71 -50.74 -5.40
CA ASP M 28 49.34 -49.96 -6.59
C ASP M 28 48.18 -50.60 -7.36
N THR M 29 47.54 -51.63 -6.79
CA THR M 29 46.47 -52.32 -7.49
C THR M 29 45.26 -52.68 -6.63
N GLY M 30 45.38 -52.67 -5.30
CA GLY M 30 44.26 -53.08 -4.46
C GLY M 30 43.84 -52.09 -3.38
N LYS M 31 43.28 -52.61 -2.29
CA LYS M 31 42.79 -51.79 -1.18
C LYS M 31 43.47 -52.25 0.11
N ILE M 32 44.22 -51.35 0.74
CA ILE M 32 45.16 -51.68 1.79
C ILE M 32 44.55 -51.38 3.15
N ARG M 33 44.72 -52.30 4.10
CA ARG M 33 44.17 -52.17 5.45
C ARG M 33 45.35 -52.25 6.42
N LYS M 34 45.99 -51.11 6.66
CA LYS M 34 47.24 -51.04 7.42
C LYS M 34 46.96 -51.21 8.91
N GLY M 35 48.01 -51.10 9.73
CA GLY M 35 47.86 -51.13 11.17
C GLY M 35 47.37 -52.46 11.72
N THR M 36 47.42 -52.63 13.05
CA THR M 36 46.98 -53.91 13.63
C THR M 36 45.52 -53.88 14.07
N ASN M 37 45.15 -52.91 14.90
CA ASN M 37 43.81 -52.85 15.49
C ASN M 37 42.74 -52.51 14.47
N GLU M 38 43.11 -52.40 13.20
CA GLU M 38 42.13 -52.21 12.13
C GLU M 38 41.75 -53.52 11.47
N THR M 39 42.73 -54.33 11.08
CA THR M 39 42.46 -55.52 10.30
C THR M 39 42.31 -56.77 11.18
N THR M 40 42.53 -56.66 12.49
CA THR M 40 42.11 -57.75 13.36
C THR M 40 40.65 -58.10 13.15
N LYS M 41 39.79 -57.09 12.98
CA LYS M 41 38.39 -57.34 12.69
C LYS M 41 38.15 -57.86 11.28
N ALA M 42 38.87 -57.35 10.28
CA ALA M 42 38.66 -57.82 8.91
C ALA M 42 39.06 -59.28 8.78
N VAL M 43 40.10 -59.71 9.49
CA VAL M 43 40.48 -61.12 9.48
C VAL M 43 39.61 -61.91 10.45
N GLU M 44 39.03 -61.24 11.45
CA GLU M 44 37.97 -61.88 12.23
C GLU M 44 36.83 -62.31 11.32
N ARG M 45 36.45 -61.45 10.39
CA ARG M 45 35.62 -61.90 9.28
C ARG M 45 36.40 -62.84 8.38
N GLY M 46 37.66 -62.52 8.11
CA GLY M 46 38.54 -63.40 7.35
C GLY M 46 38.73 -62.97 5.91
N GLN M 47 38.56 -61.68 5.65
CA GLN M 47 38.58 -61.17 4.28
C GLN M 47 39.97 -60.76 3.80
N ALA M 48 40.88 -60.39 4.70
CA ALA M 48 42.21 -59.97 4.29
C ALA M 48 43.00 -61.16 3.77
N LYS M 49 43.62 -60.99 2.60
CA LYS M 49 44.23 -62.12 1.89
C LYS M 49 45.61 -62.46 2.42
N LEU M 50 46.57 -61.53 2.27
CA LEU M 50 47.98 -61.77 2.59
C LEU M 50 48.40 -60.83 3.71
N VAL M 51 48.24 -61.27 4.94
CA VAL M 51 48.67 -60.52 6.11
C VAL M 51 50.16 -60.74 6.30
N ILE M 52 50.86 -59.76 6.86
CA ILE M 52 52.31 -59.82 7.00
C ILE M 52 52.67 -59.30 8.38
N ILE M 53 52.75 -60.21 9.34
CA ILE M 53 52.90 -59.84 10.74
C ILE M 53 54.38 -59.86 11.12
N ALA M 54 54.80 -58.85 11.87
CA ALA M 54 56.21 -58.67 12.22
C ALA M 54 56.44 -59.09 13.68
N GLU M 55 57.69 -58.94 14.14
CA GLU M 55 58.06 -59.23 15.52
C GLU M 55 58.76 -57.99 16.07
N ASP M 56 57.98 -57.02 16.51
CA ASP M 56 58.56 -55.84 17.15
C ASP M 56 57.74 -55.28 18.29
N VAL M 57 56.52 -55.75 18.53
CA VAL M 57 55.57 -55.12 19.44
C VAL M 57 55.97 -55.38 20.89
N ASP M 58 55.94 -54.33 21.69
CA ASP M 58 56.45 -54.31 23.06
C ASP M 58 55.62 -53.32 23.85
N PRO M 59 55.20 -53.70 25.07
CA PRO M 59 55.45 -54.97 25.78
C PRO M 59 54.52 -56.10 25.36
N GLU M 60 54.82 -57.30 25.85
CA GLU M 60 54.14 -58.51 25.39
C GLU M 60 52.78 -58.71 26.06
N GLU M 61 51.81 -57.89 25.69
CA GLU M 61 50.40 -58.11 26.05
C GLU M 61 49.47 -57.96 24.86
N ILE M 62 49.73 -57.00 23.97
CA ILE M 62 48.87 -56.70 22.84
C ILE M 62 49.52 -57.37 21.63
N VAL M 63 50.50 -58.22 21.91
CA VAL M 63 51.38 -58.72 20.88
C VAL M 63 50.88 -60.02 20.24
N ALA M 64 50.35 -60.95 21.02
CA ALA M 64 49.98 -62.26 20.52
C ALA M 64 48.45 -62.31 20.43
N HIS M 65 47.93 -61.98 19.28
CA HIS M 65 46.49 -62.08 19.06
C HIS M 65 46.15 -63.06 17.96
N LEU M 66 46.92 -63.07 16.89
CA LEU M 66 46.71 -63.95 15.75
C LEU M 66 47.28 -65.35 15.99
N PRO M 67 48.49 -65.51 16.54
CA PRO M 67 49.01 -66.86 16.80
C PRO M 67 48.07 -67.70 17.64
N PRO M 68 47.36 -67.11 18.62
CA PRO M 68 46.25 -67.86 19.22
C PRO M 68 45.06 -68.01 18.31
N LEU M 69 44.90 -67.15 17.30
CA LEU M 69 43.77 -67.18 16.39
C LEU M 69 44.11 -67.81 15.05
N CYS M 70 45.39 -67.88 14.68
CA CYS M 70 45.77 -68.63 13.48
C CYS M 70 45.26 -70.06 13.55
N GLU M 71 45.19 -70.62 14.76
CA GLU M 71 44.70 -72.00 14.88
C GLU M 71 43.18 -72.10 14.70
N GLU M 72 42.44 -71.05 14.31
CA GLU M 72 41.03 -71.17 13.96
C GLU M 72 40.69 -70.72 12.54
N LYS M 73 41.66 -70.25 11.76
CA LYS M 73 41.36 -69.79 10.42
C LYS M 73 42.27 -70.40 9.38
N GLU M 74 42.26 -69.83 8.18
CA GLU M 74 43.20 -70.19 7.12
C GLU M 74 44.49 -69.38 7.18
N ILE M 75 44.40 -68.11 7.58
CA ILE M 75 45.53 -67.20 7.86
C ILE M 75 46.69 -67.41 6.89
N PRO M 76 46.59 -66.93 5.65
CA PRO M 76 47.79 -66.88 4.80
C PRO M 76 48.69 -65.74 5.24
N TYR M 77 49.84 -66.04 5.83
CA TYR M 77 50.65 -65.01 6.49
C TYR M 77 52.12 -65.23 6.19
N ILE M 78 52.94 -64.29 6.66
CA ILE M 78 54.38 -64.45 6.74
C ILE M 78 54.83 -63.89 8.09
N TYR M 79 56.14 -63.87 8.32
CA TYR M 79 56.75 -63.08 9.37
C TYR M 79 57.68 -62.05 8.72
N VAL M 80 57.83 -60.91 9.37
CA VAL M 80 58.48 -59.73 8.79
C VAL M 80 59.75 -59.44 9.59
N PRO M 81 60.85 -59.03 8.95
CA PRO M 81 62.08 -58.75 9.69
C PRO M 81 61.98 -57.54 10.61
N SER M 82 61.53 -56.40 10.11
CA SER M 82 61.47 -55.19 10.92
C SER M 82 60.28 -54.35 10.47
N LYS M 83 60.24 -53.10 10.91
CA LYS M 83 59.05 -52.27 10.80
C LYS M 83 59.16 -51.15 9.79
N LYS M 84 60.27 -50.43 9.75
CA LYS M 84 60.43 -49.34 8.81
C LYS M 84 60.18 -49.80 7.38
N GLU M 85 60.75 -50.95 7.02
CA GLU M 85 60.51 -51.54 5.71
C GLU M 85 59.06 -51.89 5.49
N LEU M 86 58.32 -52.25 6.54
CA LEU M 86 56.89 -52.50 6.39
C LEU M 86 56.12 -51.22 6.16
N GLY M 87 56.55 -50.13 6.78
CA GLY M 87 55.92 -48.84 6.56
C GLY M 87 56.20 -48.34 5.16
N ALA M 88 57.39 -48.67 4.65
CA ALA M 88 57.76 -48.35 3.29
C ALA M 88 57.09 -49.23 2.25
N ALA M 89 56.78 -50.47 2.59
CA ALA M 89 56.09 -51.36 1.68
C ALA M 89 54.70 -50.86 1.35
N ALA M 90 54.08 -50.15 2.30
CA ALA M 90 52.78 -49.53 2.06
C ALA M 90 52.52 -48.49 3.13
N GLY M 91 52.01 -47.33 2.73
CA GLY M 91 51.37 -46.42 3.65
C GLY M 91 52.15 -45.20 4.08
N ILE M 92 52.71 -45.25 5.28
CA ILE M 92 53.15 -44.08 6.02
C ILE M 92 54.50 -44.40 6.66
N GLU M 93 54.98 -43.47 7.48
CA GLU M 93 56.24 -43.63 8.21
C GLU M 93 55.97 -43.75 9.71
N VAL M 94 55.68 -44.97 10.15
CA VAL M 94 55.60 -45.31 11.57
C VAL M 94 56.03 -46.76 11.76
N ALA M 95 56.19 -47.14 13.03
CA ALA M 95 56.45 -48.52 13.38
C ALA M 95 55.19 -49.36 13.21
N ALA M 96 55.20 -50.27 12.22
CA ALA M 96 54.01 -51.01 11.83
C ALA M 96 53.95 -52.36 12.54
N ALA M 97 52.76 -52.97 12.54
CA ALA M 97 52.55 -54.23 13.25
C ALA M 97 52.03 -55.34 12.34
N SER M 98 51.05 -55.07 11.49
CA SER M 98 50.52 -56.08 10.57
C SER M 98 49.78 -55.37 9.44
N VAL M 99 50.44 -55.25 8.28
CA VAL M 99 49.82 -54.54 7.14
C VAL M 99 49.20 -55.62 6.26
N ALA M 100 47.91 -55.85 6.48
CA ALA M 100 47.15 -56.88 5.78
C ALA M 100 46.37 -56.23 4.64
N ILE M 101 46.15 -56.99 3.57
CA ILE M 101 45.50 -56.47 2.36
C ILE M 101 44.51 -57.50 1.85
N ILE M 102 43.67 -57.08 0.90
CA ILE M 102 42.80 -57.97 0.13
C ILE M 102 43.09 -57.78 -1.35
N GLU M 103 42.94 -58.85 -2.13
CA GLU M 103 43.08 -58.84 -3.58
C GLU M 103 44.48 -58.37 -4.00
N PRO M 104 45.52 -59.20 -3.85
CA PRO M 104 46.83 -58.79 -4.35
C PRO M 104 46.88 -58.89 -5.86
N GLY M 105 46.79 -57.76 -6.55
CA GLY M 105 46.80 -57.79 -7.99
C GLY M 105 48.19 -57.93 -8.56
N LYS M 106 48.30 -58.78 -9.58
CA LYS M 106 49.54 -59.08 -10.29
C LYS M 106 50.60 -59.74 -9.40
N ALA M 107 50.24 -60.08 -8.16
CA ALA M 107 51.19 -60.59 -7.18
C ALA M 107 50.71 -61.91 -6.61
N ARG M 108 50.35 -62.84 -7.49
CA ARG M 108 49.80 -64.13 -7.07
C ARG M 108 50.78 -65.28 -7.26
N ASP M 109 51.79 -65.12 -8.10
CA ASP M 109 52.81 -66.17 -8.21
C ASP M 109 53.62 -66.28 -6.91
N LEU M 110 54.04 -65.14 -6.36
CA LEU M 110 54.65 -65.15 -5.04
C LEU M 110 53.72 -65.78 -4.01
N VAL M 111 52.41 -65.51 -4.13
CA VAL M 111 51.44 -66.17 -3.26
C VAL M 111 51.60 -67.69 -3.39
N GLU M 112 51.37 -68.21 -4.59
CA GLU M 112 51.41 -69.65 -4.83
C GLU M 112 52.71 -70.28 -4.34
N GLU M 113 53.82 -69.56 -4.40
CA GLU M 113 55.07 -70.16 -3.91
C GLU M 113 55.19 -70.08 -2.38
N ILE M 114 55.37 -68.87 -1.86
CA ILE M 114 55.78 -68.80 -0.45
C ILE M 114 54.59 -68.87 0.51
N ALA M 115 53.40 -68.43 0.10
CA ALA M 115 52.24 -68.61 0.97
C ALA M 115 52.00 -70.09 1.25
N MET M 116 52.04 -70.93 0.22
CA MET M 116 51.84 -72.36 0.46
C MET M 116 53.08 -73.01 1.05
N LYS M 117 54.27 -72.43 0.82
CA LYS M 117 55.45 -72.86 1.57
C LYS M 117 55.20 -72.74 3.07
N VAL M 118 54.86 -71.54 3.54
CA VAL M 118 54.64 -71.34 4.97
C VAL M 118 53.39 -72.07 5.44
N ARG M 119 52.46 -72.36 4.54
CA ARG M 119 51.31 -73.17 4.92
C ARG M 119 51.74 -74.60 5.25
N GLU M 120 52.45 -75.24 4.32
CA GLU M 120 52.86 -76.62 4.56
C GLU M 120 53.93 -76.75 5.63
N LEU M 121 54.69 -75.68 5.90
CA LEU M 121 55.80 -75.79 6.83
C LEU M 121 55.30 -75.85 8.27
N MET M 122 54.66 -74.79 8.74
CA MET M 122 54.28 -74.68 10.14
C MET M 122 53.03 -73.81 10.23
N LYS M 123 52.43 -73.77 11.42
CA LYS M 123 51.18 -73.05 11.63
C LYS M 123 50.98 -72.70 13.11
N1 OMC N 7 9.22 35.04 15.34
C2 OMC N 7 10.53 35.47 15.67
N3 OMC N 7 11.23 34.86 16.63
C4 OMC N 7 10.71 33.83 17.30
C5 OMC N 7 9.45 33.39 17.00
C6 OMC N 7 8.70 34.03 16.02
O2 OMC N 7 11.06 36.42 15.08
N4 OMC N 7 11.42 33.21 18.26
C1' OMC N 7 8.38 35.67 14.31
C2' OMC N 7 9.09 35.80 12.97
O2' OMC N 7 8.65 37.01 12.35
CM2 OMC N 7 9.75 37.70 11.77
C3' OMC N 7 8.55 34.61 12.21
C4' OMC N 7 7.13 34.49 12.74
O4' OMC N 7 7.25 34.86 14.13
O3' OMC N 7 8.59 34.78 10.82
C5' OMC N 7 6.50 33.13 12.63
O5' OMC N 7 7.29 32.12 13.22
P OMC N 7 6.61 30.81 13.81
OP1 OMC N 7 5.93 30.10 12.69
OP2 OMC N 7 7.65 30.06 14.59
N VAL O 13 33.65 -0.15 31.88
CA VAL O 13 32.82 0.52 32.87
C VAL O 13 32.38 1.91 32.39
N ILE O 14 33.34 2.75 32.03
CA ILE O 14 33.09 4.06 31.44
C ILE O 14 34.41 4.67 31.00
N ARG O 15 34.34 5.56 30.03
CA ARG O 15 35.49 6.30 29.49
C ARG O 15 35.39 7.75 29.96
N VAL O 16 35.93 8.02 31.15
CA VAL O 16 35.85 9.36 31.74
C VAL O 16 37.24 9.93 31.96
N PRO O 17 37.46 11.21 31.66
CA PRO O 17 38.69 11.88 32.10
C PRO O 17 38.74 12.07 33.61
N LEU O 18 39.06 11.00 34.34
CA LEU O 18 39.34 11.04 35.77
C LEU O 18 40.78 11.51 35.96
N PRO O 19 41.31 11.59 37.20
CA PRO O 19 42.74 11.90 37.33
C PRO O 19 43.60 10.80 36.74
N GLU O 20 44.26 11.09 35.62
CA GLU O 20 45.16 10.16 34.95
C GLU O 20 46.53 10.80 34.83
N GLY O 21 47.43 10.46 35.75
CA GLY O 21 48.75 11.07 35.78
C GLY O 21 48.84 12.25 36.73
N ASN O 22 48.75 13.46 36.17
CA ASN O 22 48.85 14.69 36.96
C ASN O 22 47.68 15.61 36.64
N GLN O 23 46.46 15.09 36.70
CA GLN O 23 45.30 15.85 36.25
C GLN O 23 44.83 16.82 37.34
N LEU O 24 43.88 17.68 36.94
CA LEU O 24 43.21 18.60 37.84
C LEU O 24 41.75 18.69 37.40
N PHE O 25 40.96 19.46 38.15
CA PHE O 25 39.55 19.66 37.83
C PHE O 25 39.26 21.15 37.77
N GLY O 26 38.59 21.57 36.70
CA GLY O 26 38.42 22.99 36.43
C GLY O 26 37.03 23.50 36.71
N VAL O 27 36.92 24.36 37.72
CA VAL O 27 35.71 25.10 38.04
C VAL O 27 36.07 26.56 38.12
N VAL O 28 35.73 27.32 37.10
CA VAL O 28 36.25 28.67 36.92
C VAL O 28 35.53 29.66 37.83
N GLU O 29 36.33 30.53 38.46
CA GLU O 29 35.81 31.66 39.22
C GLU O 29 35.54 32.89 38.37
N GLN O 30 36.39 33.17 37.39
CA GLN O 30 36.25 34.35 36.54
C GLN O 30 37.04 34.14 35.26
N ALA O 31 36.59 34.81 34.20
CA ALA O 31 37.29 34.87 32.92
C ALA O 31 37.74 36.32 32.74
N LEU O 32 39.06 36.55 32.70
CA LEU O 32 39.54 37.90 32.44
C LEU O 32 39.53 38.21 30.95
N GLY O 33 39.55 37.18 30.11
CA GLY O 33 39.59 37.38 28.68
C GLY O 33 40.94 36.97 28.11
N ALA O 34 41.01 36.83 26.79
CA ALA O 34 42.26 36.54 26.08
C ALA O 34 42.86 35.20 26.47
N GLY O 35 42.03 34.20 26.82
CA GLY O 35 42.47 32.85 27.02
C GLY O 35 42.76 32.48 28.46
N TRP O 36 42.75 33.46 29.37
CA TRP O 36 43.03 33.20 30.77
C TRP O 36 41.73 32.99 31.54
N MET O 37 41.58 31.83 32.15
CA MET O 37 40.43 31.51 33.01
C MET O 37 40.97 31.16 34.38
N ASP O 38 40.36 31.74 35.42
CA ASP O 38 40.83 31.52 36.78
C ASP O 38 39.88 30.60 37.54
N VAL O 39 40.42 29.50 38.07
CA VAL O 39 39.63 28.42 38.64
C VAL O 39 39.79 28.40 40.15
N ARG O 40 38.70 28.08 40.84
CA ARG O 40 38.64 28.02 42.30
C ARG O 40 38.99 26.60 42.74
N CYS O 41 40.28 26.28 42.70
CA CYS O 41 40.71 24.92 42.98
C CYS O 41 40.77 24.67 44.48
N GLU O 42 40.58 23.40 44.85
CA GLU O 42 40.63 22.98 46.25
C GLU O 42 42.02 23.08 46.83
N ASP O 43 43.00 23.28 45.95
CA ASP O 43 44.37 23.57 46.38
C ASP O 43 44.45 24.78 47.29
N GLY O 44 43.81 25.88 46.88
CA GLY O 44 43.97 27.15 47.57
C GLY O 44 44.72 28.14 46.69
N LYS O 45 45.64 27.62 45.88
CA LYS O 45 46.42 28.43 44.96
C LYS O 45 45.66 28.66 43.68
N ILE O 46 45.54 29.94 43.29
CA ILE O 46 44.71 30.32 42.16
C ILE O 46 45.43 29.96 40.85
N ARG O 47 44.90 28.98 40.14
CA ARG O 47 45.51 28.53 38.90
C ARG O 47 44.90 29.26 37.71
N ARG O 48 45.78 29.83 36.88
CA ARG O 48 45.38 30.62 35.71
C ARG O 48 45.64 29.77 34.48
N CYS O 49 44.61 29.09 34.01
CA CYS O 49 44.72 28.11 32.95
C CYS O 49 44.72 28.80 31.59
N ARG O 50 45.04 28.04 30.55
CA ARG O 50 45.06 28.53 29.19
C ARG O 50 44.39 27.52 28.27
N ILE O 51 44.40 27.80 26.98
CA ILE O 51 43.68 26.99 26.01
C ILE O 51 44.62 26.49 24.91
N PRO O 52 44.61 25.19 24.60
CA PRO O 52 45.32 24.70 23.41
C PRO O 52 44.55 25.01 22.14
N GLY O 53 44.98 24.47 21.00
CA GLY O 53 44.37 24.86 19.75
C GLY O 53 43.22 23.98 19.28
N LYS O 54 43.09 22.79 19.84
CA LYS O 54 42.15 21.82 19.27
C LYS O 54 40.74 22.00 19.85
N LEU O 55 40.62 22.69 20.98
CA LEU O 55 39.34 22.89 21.65
C LEU O 55 38.76 24.27 21.43
N ARG O 56 39.48 25.17 20.77
CA ARG O 56 38.96 26.50 20.49
C ARG O 56 38.10 26.51 19.24
N ARG O 57 37.88 25.33 18.63
CA ARG O 57 37.04 25.26 17.44
C ARG O 57 35.78 24.41 17.65
N ARG O 58 35.94 23.16 18.07
CA ARG O 58 34.83 22.22 18.09
C ARG O 58 34.00 22.26 19.35
N VAL O 59 34.57 22.67 20.49
CA VAL O 59 33.82 22.69 21.73
C VAL O 59 33.70 24.14 22.19
N TRP O 60 33.04 24.36 23.32
CA TRP O 60 32.66 25.72 23.72
C TRP O 60 32.46 25.74 25.22
N ILE O 61 33.31 26.47 25.94
CA ILE O 61 33.30 26.49 27.39
C ILE O 61 32.64 27.76 27.89
N ARG O 62 32.09 27.71 29.10
CA ARG O 62 31.56 28.86 29.82
C ARG O 62 31.91 28.71 31.30
N VAL O 63 31.29 29.53 32.15
CA VAL O 63 31.64 29.63 33.57
C VAL O 63 30.69 28.77 34.40
N GLY O 64 31.24 28.15 35.44
CA GLY O 64 30.46 27.35 36.37
C GLY O 64 30.42 25.86 36.09
N ASP O 65 31.03 25.41 34.98
CA ASP O 65 31.00 24.01 34.59
C ASP O 65 32.32 23.35 34.98
N LEU O 66 32.23 22.22 35.68
CA LEU O 66 33.42 21.44 36.00
C LEU O 66 34.07 20.93 34.73
N VAL O 67 35.37 21.19 34.58
CA VAL O 67 36.15 20.73 33.44
C VAL O 67 37.46 20.15 33.97
N ILE O 68 38.27 19.59 33.06
CA ILE O 68 39.56 19.02 33.39
C ILE O 68 40.66 19.94 32.90
N VAL O 69 41.80 19.94 33.58
CA VAL O 69 42.95 20.75 33.21
C VAL O 69 44.22 20.03 33.63
N GLN O 70 45.36 20.49 33.11
CA GLN O 70 46.68 19.93 33.40
C GLN O 70 47.56 21.07 33.89
N PRO O 71 48.13 20.99 35.08
CA PRO O 71 49.01 22.07 35.53
C PRO O 71 50.44 21.87 35.06
N TRP O 72 51.30 22.83 35.39
CA TRP O 72 52.73 22.71 35.21
C TRP O 72 53.36 22.92 36.58
N PRO O 73 54.39 22.18 36.94
CA PRO O 73 54.91 22.25 38.31
C PRO O 73 55.60 23.57 38.64
N VAL O 74 55.55 24.55 37.75
CA VAL O 74 56.23 25.82 37.94
C VAL O 74 55.43 26.64 38.95
N GLN O 75 55.92 26.67 40.19
CA GLN O 75 55.35 27.41 41.31
C GLN O 75 54.07 26.77 41.80
N SER O 76 53.57 25.77 41.04
CA SER O 76 52.32 25.07 41.35
C SER O 76 51.21 26.03 41.75
N ASP O 77 51.26 27.27 41.23
CA ASP O 77 50.31 28.30 41.61
C ASP O 77 49.50 28.79 40.42
N LYS O 78 50.14 29.31 39.38
CA LYS O 78 49.44 29.92 38.25
C LYS O 78 49.74 29.10 36.99
N ARG O 79 49.01 27.99 36.85
CA ARG O 79 49.28 27.00 35.80
C ARG O 79 47.94 26.37 35.43
N GLY O 80 47.98 25.42 34.50
CA GLY O 80 46.75 24.77 34.07
C GLY O 80 46.56 24.74 32.57
N ASP O 81 45.91 23.70 32.06
CA ASP O 81 45.72 23.56 30.62
C ASP O 81 44.62 22.56 30.34
N ILE O 82 43.52 23.02 29.71
CA ILE O 82 42.44 22.11 29.35
C ILE O 82 42.87 21.24 28.18
N VAL O 83 42.50 19.95 28.25
CA VAL O 83 42.80 19.02 27.17
C VAL O 83 41.53 18.30 26.76
N TYR O 84 40.51 18.35 27.61
CA TYR O 84 39.20 17.79 27.28
C TYR O 84 38.15 18.46 28.17
N ARG O 85 36.88 18.26 27.82
CA ARG O 85 35.79 18.98 28.46
C ARG O 85 34.77 18.00 29.04
N TYR O 86 33.95 18.49 29.98
CA TYR O 86 32.86 17.72 30.56
C TYR O 86 31.52 18.19 30.00
N THR O 87 30.61 17.24 29.85
CA THR O 87 29.26 17.47 29.34
C THR O 87 28.32 17.83 30.48
N GLN O 88 27.03 17.93 30.16
CA GLN O 88 26.02 17.95 31.21
C GLN O 88 25.61 16.56 31.66
N THR O 89 25.81 15.54 30.82
CA THR O 89 25.53 14.16 31.21
C THR O 89 26.42 13.71 32.36
N GLN O 90 27.61 14.30 32.51
CA GLN O 90 28.59 13.85 33.48
C GLN O 90 28.71 14.72 34.72
N VAL O 91 28.25 15.97 34.67
CA VAL O 91 28.46 16.90 35.77
C VAL O 91 27.95 16.31 37.08
N ASP O 92 26.79 15.63 37.04
CA ASP O 92 26.27 14.92 38.21
C ASP O 92 26.61 13.45 38.20
N TRP O 93 27.19 12.92 37.10
CA TRP O 93 27.72 11.57 37.12
C TRP O 93 28.93 11.47 38.04
N LEU O 94 29.77 12.50 38.04
CA LEU O 94 31.02 12.44 38.81
C LEU O 94 30.83 12.73 40.30
N LEU O 95 29.61 12.58 40.81
CA LEU O 95 29.28 12.84 42.21
C LEU O 95 28.88 11.59 42.98
N ARG O 96 28.13 10.68 42.36
CA ARG O 96 27.67 9.49 43.06
C ARG O 96 28.83 8.61 43.51
N LYS O 97 29.82 8.42 42.64
CA LYS O 97 31.02 7.68 43.01
C LYS O 97 31.91 8.43 43.99
N GLY O 98 31.55 9.67 44.34
CA GLY O 98 32.32 10.42 45.31
C GLY O 98 33.69 10.87 44.83
N LYS O 99 33.89 10.93 43.51
CA LYS O 99 35.19 11.30 42.98
C LYS O 99 35.52 12.77 43.26
N ILE O 100 34.51 13.62 43.31
CA ILE O 100 34.70 15.05 43.55
C ILE O 100 33.58 15.54 44.46
N THR O 101 33.89 16.53 45.30
CA THR O 101 32.95 17.08 46.27
C THR O 101 32.42 18.42 45.78
N GLN O 102 31.09 18.59 45.88
CA GLN O 102 30.42 19.75 45.31
C GLN O 102 30.46 20.98 46.22
N GLU O 103 30.71 20.83 47.52
CA GLU O 103 30.58 21.94 48.43
C GLU O 103 31.60 23.04 48.18
N PHE O 104 32.66 22.77 47.43
CA PHE O 104 33.62 23.79 47.04
C PHE O 104 33.10 24.66 45.91
N LEU O 105 31.99 24.24 45.29
CA LEU O 105 31.25 25.09 44.38
C LEU O 105 30.34 26.07 45.08
N THR O 106 29.91 25.78 46.31
CA THR O 106 29.04 26.68 47.07
C THR O 106 29.71 27.14 48.36
N GLY O 107 30.93 26.68 48.61
CA GLY O 107 31.68 27.08 49.79
C GLY O 107 33.08 26.51 49.85
MG MG P . 22.99 28.08 -13.85
MG MG Q . 29.18 16.17 4.62
MG MG R . 14.89 -9.09 17.96
MG MG S . 29.52 14.39 -0.11
MG MG T . 11.36 2.95 16.14
MG MG U . -23.76 7.80 20.35
MG MG V . 0.53 -10.48 23.88
ZN ZN W . 19.69 -7.00 -4.38
MG MG X . 13.97 35.92 20.87
#